data_7Q33
#
_entry.id   7Q33
#
loop_
_entity.id
_entity.type
_entity.pdbx_description
1 polymer 'RNA-binding protein 39'
2 polymer "RNA (5'-R(*AP*GP*CP*UP*UP*UP*G)-3')"
#
loop_
_entity_poly.entity_id
_entity_poly.type
_entity_poly.pdbx_seq_one_letter_code
_entity_poly.pdbx_strand_id
1 'polypeptide(L)'
;MAGPMRLYVGSLHFNITEDMLRGIFEPFGRIESIQLMMDSETGRSKGYGFITFSDSECAKKALEQLNGFELAGRPMKVGH
VTERTDALELVPR
;
A
2 'polyribonucleotide' AGCUUUG B
#
# COMPACT_ATOMS: atom_id res chain seq x y z
N MET A 1 -10.40 -3.13 -20.46
CA MET A 1 -9.33 -2.57 -19.62
C MET A 1 -8.45 -3.68 -19.04
N ALA A 2 -7.30 -3.31 -18.47
CA ALA A 2 -6.38 -4.26 -17.88
C ALA A 2 -6.96 -4.89 -16.60
N GLY A 3 -6.31 -5.96 -16.13
CA GLY A 3 -6.70 -6.63 -14.90
C GLY A 3 -6.35 -5.81 -13.66
N PRO A 4 -6.54 -6.37 -12.47
CA PRO A 4 -6.23 -5.71 -11.21
C PRO A 4 -4.73 -5.47 -11.07
N MET A 5 -4.38 -4.61 -10.11
CA MET A 5 -3.01 -4.20 -9.84
C MET A 5 -2.85 -3.95 -8.35
N ARG A 6 -1.67 -4.21 -7.80
CA ARG A 6 -1.44 -4.09 -6.37
C ARG A 6 -0.21 -3.24 -6.10
N LEU A 7 -0.29 -2.38 -5.08
CA LEU A 7 0.76 -1.43 -4.76
C LEU A 7 1.18 -1.54 -3.30
N TYR A 8 2.35 -0.98 -3.01
CA TYR A 8 2.83 -0.78 -1.66
C TYR A 8 2.39 0.60 -1.18
N VAL A 9 2.13 0.73 0.12
CA VAL A 9 1.79 1.99 0.76
C VAL A 9 2.59 2.07 2.05
N GLY A 10 3.18 3.24 2.34
CA GLY A 10 3.99 3.38 3.53
C GLY A 10 4.26 4.84 3.90
N SER A 11 5.13 5.05 4.88
CA SER A 11 5.35 6.37 5.47
C SER A 11 4.11 6.87 6.22
N LEU A 12 3.18 5.95 6.51
CA LEU A 12 1.97 6.21 7.28
C LEU A 12 2.29 6.22 8.78
N HIS A 13 1.66 7.13 9.53
CA HIS A 13 1.77 7.06 10.99
C HIS A 13 1.05 5.80 11.49
N PHE A 14 1.33 5.36 12.71
CA PHE A 14 0.57 4.25 13.29
C PHE A 14 -0.88 4.68 13.47
N ASN A 15 -1.11 6.00 13.53
CA ASN A 15 -2.45 6.56 13.61
C ASN A 15 -3.26 6.27 12.36
N ILE A 16 -2.62 5.86 11.26
CA ILE A 16 -3.31 5.51 10.02
C ILE A 16 -3.88 4.10 10.14
N THR A 17 -4.95 3.82 9.39
CA THR A 17 -5.62 2.54 9.44
C THR A 17 -6.02 2.06 8.06
N GLU A 18 -6.40 0.79 7.97
CA GLU A 18 -6.82 0.16 6.72
C GLU A 18 -8.11 0.80 6.21
N ASP A 19 -8.89 1.38 7.13
CA ASP A 19 -10.15 2.05 6.82
C ASP A 19 -9.90 3.38 6.12
N MET A 20 -8.88 4.13 6.56
CA MET A 20 -8.58 5.38 5.90
C MET A 20 -8.12 5.12 4.49
N LEU A 21 -7.20 4.17 4.29
CA LEU A 21 -6.73 3.84 2.95
C LEU A 21 -7.92 3.46 2.07
N ARG A 22 -8.97 2.87 2.65
CA ARG A 22 -10.15 2.52 1.86
C ARG A 22 -10.75 3.77 1.24
N GLY A 23 -10.80 4.87 1.99
CA GLY A 23 -11.34 6.13 1.50
C GLY A 23 -10.32 6.95 0.72
N ILE A 24 -9.02 6.64 0.85
CA ILE A 24 -7.97 7.37 0.18
C ILE A 24 -7.87 6.97 -1.29
N PHE A 25 -7.83 5.66 -1.57
CA PHE A 25 -7.56 5.17 -2.91
C PHE A 25 -8.83 4.83 -3.70
N GLU A 26 -9.97 4.68 -3.02
CA GLU A 26 -11.22 4.33 -3.67
C GLU A 26 -11.69 5.34 -4.73
N PRO A 27 -11.63 6.66 -4.49
CA PRO A 27 -12.06 7.65 -5.47
C PRO A 27 -11.17 7.65 -6.72
N PHE A 28 -10.01 6.99 -6.67
CA PHE A 28 -9.11 6.91 -7.81
C PHE A 28 -9.28 5.60 -8.59
N GLY A 29 -9.83 4.57 -7.95
CA GLY A 29 -9.98 3.26 -8.53
C GLY A 29 -10.73 2.34 -7.58
N ARG A 30 -11.54 1.41 -8.10
CA ARG A 30 -12.30 0.52 -7.24
C ARG A 30 -11.32 -0.36 -6.48
N ILE A 31 -11.38 -0.33 -5.15
CA ILE A 31 -10.47 -1.12 -4.34
C ILE A 31 -10.91 -2.59 -4.34
N GLU A 32 -9.99 -3.48 -4.69
CA GLU A 32 -10.26 -4.92 -4.73
C GLU A 32 -9.85 -5.57 -3.41
N SER A 33 -8.84 -5.03 -2.72
CA SER A 33 -8.41 -5.55 -1.43
C SER A 33 -7.44 -4.60 -0.75
N ILE A 34 -7.24 -4.79 0.56
CA ILE A 34 -6.23 -4.07 1.34
C ILE A 34 -5.67 -5.02 2.40
N GLN A 35 -4.40 -4.81 2.76
CA GLN A 35 -3.72 -5.58 3.79
C GLN A 35 -2.73 -4.67 4.50
N LEU A 36 -3.21 -3.93 5.50
CA LEU A 36 -2.36 -3.07 6.32
C LEU A 36 -1.48 -3.98 7.15
N MET A 37 -0.17 -3.73 7.15
CA MET A 37 0.76 -4.58 7.87
C MET A 37 0.64 -4.35 9.36
N MET A 38 0.72 -5.45 10.12
CA MET A 38 0.60 -5.43 11.58
C MET A 38 1.59 -6.42 12.18
N ASP A 39 2.09 -6.09 13.37
CA ASP A 39 3.10 -6.90 14.05
C ASP A 39 2.51 -8.26 14.44
N SER A 40 3.27 -9.34 14.26
CA SER A 40 2.83 -10.66 14.66
C SER A 40 2.91 -10.81 16.18
N GLU A 41 3.84 -10.08 16.81
CA GLU A 41 4.13 -10.25 18.21
C GLU A 41 3.26 -9.36 19.11
N THR A 42 2.73 -8.26 18.58
CA THR A 42 1.97 -7.30 19.38
C THR A 42 0.65 -6.88 18.72
N GLY A 43 0.45 -7.21 17.44
CA GLY A 43 -0.78 -6.86 16.73
C GLY A 43 -0.87 -5.38 16.39
N ARG A 44 0.14 -4.58 16.73
CA ARG A 44 0.17 -3.15 16.46
C ARG A 44 0.37 -2.89 14.97
N SER A 45 0.18 -1.64 14.55
CA SER A 45 0.36 -1.24 13.16
C SER A 45 1.83 -1.39 12.74
N LYS A 46 2.16 -1.11 11.48
CA LYS A 46 3.55 -1.07 11.03
C LYS A 46 3.85 0.19 10.22
N GLY A 47 2.84 1.02 9.95
CA GLY A 47 3.02 2.27 9.21
C GLY A 47 3.16 2.05 7.70
N TYR A 48 2.85 0.85 7.21
CA TYR A 48 2.78 0.55 5.79
C TYR A 48 1.82 -0.62 5.56
N GLY A 49 1.42 -0.84 4.31
CA GLY A 49 0.45 -1.86 3.98
C GLY A 49 0.24 -2.00 2.48
N PHE A 50 -0.50 -3.03 2.09
CA PHE A 50 -0.73 -3.37 0.70
C PHE A 50 -2.16 -3.05 0.29
N ILE A 51 -2.39 -2.85 -1.00
CA ILE A 51 -3.70 -2.49 -1.52
C ILE A 51 -3.82 -2.87 -3.00
N THR A 52 -5.00 -3.34 -3.41
CA THR A 52 -5.24 -3.82 -4.76
C THR A 52 -6.38 -3.05 -5.41
N PHE A 53 -6.28 -2.85 -6.73
CA PHE A 53 -7.21 -2.06 -7.52
C PHE A 53 -7.85 -2.90 -8.62
N SER A 54 -8.97 -2.41 -9.15
CA SER A 54 -9.72 -3.09 -10.20
C SER A 54 -9.08 -2.92 -11.57
N ASP A 55 -8.15 -1.97 -11.71
CA ASP A 55 -7.50 -1.66 -12.96
C ASP A 55 -6.11 -1.11 -12.68
N SER A 56 -5.14 -1.43 -13.55
CA SER A 56 -3.77 -0.97 -13.34
C SER A 56 -3.67 0.53 -13.58
N GLU A 57 -4.50 1.08 -14.46
CA GLU A 57 -4.43 2.50 -14.78
C GLU A 57 -5.05 3.32 -13.65
N CYS A 58 -5.96 2.72 -12.87
CA CYS A 58 -6.55 3.37 -11.73
C CYS A 58 -5.62 3.25 -10.52
N ALA A 59 -4.76 2.23 -10.50
CA ALA A 59 -3.78 2.08 -9.43
C ALA A 59 -2.63 3.04 -9.68
N LYS A 60 -2.23 3.13 -10.95
CA LYS A 60 -1.19 4.04 -11.42
C LYS A 60 -1.58 5.49 -11.18
N LYS A 61 -2.88 5.79 -11.19
CA LYS A 61 -3.35 7.15 -10.90
C LYS A 61 -3.25 7.40 -9.40
N ALA A 62 -3.90 6.56 -8.59
CA ALA A 62 -3.85 6.70 -7.14
C ALA A 62 -2.42 6.63 -6.62
N LEU A 63 -1.52 6.02 -7.40
CA LEU A 63 -0.10 5.97 -7.08
C LEU A 63 0.46 7.38 -7.07
N GLU A 64 0.56 8.00 -8.24
CA GLU A 64 1.22 9.29 -8.36
C GLU A 64 0.43 10.40 -7.65
N GLN A 65 -0.85 10.17 -7.37
CA GLN A 65 -1.69 11.14 -6.67
C GLN A 65 -1.46 11.12 -5.17
N LEU A 66 -1.35 9.92 -4.57
CA LEU A 66 -1.11 9.83 -3.14
C LEU A 66 0.38 9.73 -2.82
N ASN A 67 1.21 9.58 -3.84
CA ASN A 67 2.66 9.54 -3.68
C ASN A 67 3.13 10.90 -3.14
N GLY A 68 3.40 10.94 -1.84
CA GLY A 68 3.83 12.12 -1.10
C GLY A 68 2.67 12.92 -0.52
N PHE A 69 1.46 12.36 -0.50
CA PHE A 69 0.31 13.03 0.11
C PHE A 69 0.47 13.03 1.63
N GLU A 70 0.35 14.21 2.24
CA GLU A 70 0.46 14.37 3.69
C GLU A 70 -0.74 13.80 4.43
N LEU A 71 -0.89 12.47 4.41
CA LEU A 71 -1.91 11.80 5.20
C LEU A 71 -1.45 11.91 6.65
N ALA A 72 -2.32 12.43 7.52
CA ALA A 72 -1.97 12.74 8.90
C ALA A 72 -0.72 13.65 9.00
N GLY A 73 -0.42 14.37 7.91
CA GLY A 73 0.65 15.35 7.88
C GLY A 73 2.01 14.80 7.42
N ARG A 74 2.14 13.48 7.21
CA ARG A 74 3.37 12.92 6.68
C ARG A 74 3.11 12.37 5.29
N PRO A 75 3.97 12.71 4.31
CA PRO A 75 3.82 12.25 2.94
C PRO A 75 3.89 10.72 2.87
N MET A 76 2.78 10.09 2.48
CA MET A 76 2.70 8.65 2.31
C MET A 76 3.37 8.28 1.00
N LYS A 77 4.15 7.20 1.00
CA LYS A 77 4.78 6.74 -0.22
C LYS A 77 3.90 5.66 -0.85
N VAL A 78 3.90 5.63 -2.19
CA VAL A 78 3.18 4.61 -2.94
C VAL A 78 4.06 4.18 -4.10
N GLY A 79 3.91 2.94 -4.56
CA GLY A 79 4.66 2.43 -5.69
C GLY A 79 4.33 0.98 -5.96
N HIS A 80 4.88 0.44 -7.04
CA HIS A 80 4.59 -0.94 -7.44
C HIS A 80 5.19 -1.91 -6.43
N VAL A 81 4.55 -3.07 -6.31
CA VAL A 81 4.92 -4.09 -5.36
C VAL A 81 5.85 -5.11 -6.02
N THR A 82 6.58 -5.90 -5.23
CA THR A 82 7.62 -6.76 -5.79
C THR A 82 8.13 -7.76 -4.76
N GLU A 83 8.67 -8.89 -5.24
CA GLU A 83 9.31 -9.89 -4.41
C GLU A 83 10.55 -9.32 -3.74
N ARG A 84 10.96 -9.92 -2.62
CA ARG A 84 12.12 -9.45 -1.86
C ARG A 84 12.78 -10.59 -1.08
N THR A 85 12.37 -11.83 -1.31
CA THR A 85 12.91 -12.98 -0.61
C THR A 85 14.39 -13.18 -0.94
N ASP A 86 14.80 -12.78 -2.14
CA ASP A 86 16.18 -12.93 -2.57
C ASP A 86 17.11 -11.93 -1.88
N ALA A 87 16.55 -11.02 -1.06
CA ALA A 87 17.33 -10.01 -0.37
C ALA A 87 18.06 -10.60 0.84
N LEU A 88 17.63 -11.77 1.33
CA LEU A 88 18.22 -12.33 2.54
C LEU A 88 18.19 -13.85 2.61
N GLU A 89 17.41 -14.52 1.74
CA GLU A 89 17.35 -15.97 1.75
C GLU A 89 18.62 -16.57 1.14
N LEU A 90 18.95 -17.82 1.52
CA LEU A 90 20.11 -18.52 1.04
C LEU A 90 19.89 -20.03 1.13
N VAL A 91 20.80 -20.81 0.53
CA VAL A 91 20.75 -22.26 0.54
C VAL A 91 22.16 -22.82 0.39
N PRO A 92 22.49 -23.94 1.06
CA PRO A 92 23.79 -24.58 0.95
C PRO A 92 24.12 -24.98 -0.49
N ARG A 93 25.42 -25.14 -0.78
CA ARG A 93 25.90 -25.52 -2.10
C ARG A 93 25.56 -26.99 -2.38
N MET A 1 -2.78 -2.69 -17.72
CA MET A 1 -3.77 -3.68 -18.21
C MET A 1 -5.07 -3.55 -17.43
N ALA A 2 -6.17 -4.08 -17.99
CA ALA A 2 -7.49 -4.01 -17.38
C ALA A 2 -7.62 -4.92 -16.16
N GLY A 3 -6.62 -5.79 -15.92
CA GLY A 3 -6.61 -6.66 -14.75
C GLY A 3 -6.26 -5.87 -13.50
N PRO A 4 -6.40 -6.48 -12.31
CA PRO A 4 -6.10 -5.86 -11.05
C PRO A 4 -4.60 -5.60 -10.90
N MET A 5 -4.25 -4.74 -9.93
CA MET A 5 -2.89 -4.32 -9.69
C MET A 5 -2.73 -3.99 -8.21
N ARG A 6 -1.60 -4.36 -7.61
CA ARG A 6 -1.39 -4.16 -6.18
C ARG A 6 -0.14 -3.33 -5.92
N LEU A 7 -0.24 -2.42 -4.95
CA LEU A 7 0.83 -1.47 -4.64
C LEU A 7 1.22 -1.55 -3.18
N TYR A 8 2.42 -1.04 -2.89
CA TYR A 8 2.87 -0.83 -1.53
C TYR A 8 2.44 0.56 -1.09
N VAL A 9 2.17 0.71 0.20
CA VAL A 9 1.84 2.00 0.81
C VAL A 9 2.65 2.11 2.10
N GLY A 10 3.27 3.27 2.34
CA GLY A 10 4.11 3.45 3.51
C GLY A 10 4.37 4.90 3.84
N SER A 11 5.33 5.14 4.75
CA SER A 11 5.54 6.46 5.34
C SER A 11 4.30 6.91 6.14
N LEU A 12 3.38 5.97 6.38
CA LEU A 12 2.17 6.15 7.17
C LEU A 12 2.47 6.08 8.66
N HIS A 13 1.82 6.95 9.46
CA HIS A 13 1.92 6.84 10.90
C HIS A 13 1.20 5.58 11.38
N PHE A 14 1.45 5.11 12.60
CA PHE A 14 0.68 4.03 13.19
C PHE A 14 -0.75 4.51 13.44
N ASN A 15 -0.93 5.84 13.49
CA ASN A 15 -2.24 6.45 13.60
C ASN A 15 -3.09 6.19 12.35
N ILE A 16 -2.46 5.79 11.24
CA ILE A 16 -3.18 5.47 10.01
C ILE A 16 -3.81 4.09 10.14
N THR A 17 -4.88 3.85 9.38
CA THR A 17 -5.61 2.59 9.44
C THR A 17 -6.02 2.14 8.04
N GLU A 18 -6.43 0.88 7.95
CA GLU A 18 -6.87 0.28 6.70
C GLU A 18 -8.14 0.95 6.19
N ASP A 19 -8.90 1.54 7.11
CA ASP A 19 -10.14 2.24 6.82
C ASP A 19 -9.88 3.57 6.12
N MET A 20 -8.83 4.30 6.54
CA MET A 20 -8.50 5.54 5.88
C MET A 20 -8.07 5.27 4.45
N LEU A 21 -7.17 4.29 4.25
CA LEU A 21 -6.72 3.95 2.91
C LEU A 21 -7.91 3.58 2.03
N ARG A 22 -8.96 2.99 2.62
CA ARG A 22 -10.15 2.64 1.85
C ARG A 22 -10.74 3.90 1.23
N GLY A 23 -10.78 5.00 1.99
CA GLY A 23 -11.32 6.26 1.50
C GLY A 23 -10.31 7.06 0.70
N ILE A 24 -9.02 6.74 0.81
CA ILE A 24 -7.97 7.46 0.11
C ILE A 24 -7.88 7.05 -1.36
N PHE A 25 -7.82 5.74 -1.62
CA PHE A 25 -7.55 5.24 -2.97
C PHE A 25 -8.82 4.89 -3.74
N GLU A 26 -9.97 4.75 -3.05
CA GLU A 26 -11.23 4.40 -3.69
C GLU A 26 -11.68 5.40 -4.75
N PRO A 27 -11.64 6.72 -4.51
CA PRO A 27 -12.05 7.71 -5.51
C PRO A 27 -11.14 7.71 -6.74
N PHE A 28 -9.98 7.06 -6.68
CA PHE A 28 -9.07 6.97 -7.82
C PHE A 28 -9.24 5.64 -8.56
N GLY A 29 -9.81 4.63 -7.89
CA GLY A 29 -9.98 3.31 -8.46
C GLY A 29 -10.74 2.42 -7.48
N ARG A 30 -11.66 1.60 -7.99
CA ARG A 30 -12.39 0.68 -7.15
C ARG A 30 -11.41 -0.31 -6.52
N ILE A 31 -11.37 -0.31 -5.19
CA ILE A 31 -10.43 -1.11 -4.43
C ILE A 31 -10.87 -2.57 -4.40
N GLU A 32 -10.00 -3.47 -4.88
CA GLU A 32 -10.27 -4.90 -4.82
C GLU A 32 -10.02 -5.45 -3.41
N SER A 33 -8.97 -4.97 -2.73
CA SER A 33 -8.65 -5.43 -1.38
C SER A 33 -7.58 -4.54 -0.73
N ILE A 34 -7.38 -4.70 0.57
CA ILE A 34 -6.34 -4.01 1.32
C ILE A 34 -5.79 -4.95 2.39
N GLN A 35 -4.53 -4.76 2.77
CA GLN A 35 -3.86 -5.52 3.81
C GLN A 35 -2.86 -4.64 4.55
N LEU A 36 -3.35 -3.91 5.55
CA LEU A 36 -2.50 -3.06 6.38
C LEU A 36 -1.61 -3.96 7.22
N MET A 37 -0.31 -3.66 7.26
CA MET A 37 0.65 -4.48 7.97
C MET A 37 0.51 -4.30 9.48
N MET A 38 0.51 -5.42 10.21
CA MET A 38 0.39 -5.46 11.65
C MET A 38 1.30 -6.54 12.23
N ASP A 39 1.75 -6.34 13.46
CA ASP A 39 2.68 -7.26 14.12
C ASP A 39 1.94 -8.52 14.59
N SER A 40 2.52 -9.69 14.36
CA SER A 40 1.97 -10.95 14.84
C SER A 40 2.22 -11.10 16.33
N GLU A 41 3.31 -10.50 16.83
CA GLU A 41 3.77 -10.71 18.19
C GLU A 41 3.14 -9.74 19.19
N THR A 42 2.66 -8.59 18.71
CA THR A 42 2.09 -7.56 19.59
C THR A 42 0.76 -7.01 19.10
N GLY A 43 0.36 -7.37 17.87
CA GLY A 43 -0.90 -6.89 17.30
C GLY A 43 -0.85 -5.40 16.91
N ARG A 44 0.28 -4.73 17.11
CA ARG A 44 0.43 -3.32 16.79
C ARG A 44 0.42 -3.12 15.28
N SER A 45 0.25 -1.87 14.86
CA SER A 45 0.33 -1.49 13.46
C SER A 45 1.78 -1.58 12.97
N LYS A 46 2.00 -1.23 11.70
CA LYS A 46 3.34 -1.04 11.15
C LYS A 46 3.35 0.16 10.21
N GLY A 47 2.26 0.93 10.21
CA GLY A 47 2.10 2.09 9.37
C GLY A 47 1.82 1.69 7.92
N TYR A 48 2.79 1.00 7.28
CA TYR A 48 2.68 0.66 5.88
C TYR A 48 1.69 -0.49 5.68
N GLY A 49 1.32 -0.74 4.42
CA GLY A 49 0.34 -1.76 4.09
C GLY A 49 0.18 -1.94 2.59
N PHE A 50 -0.57 -2.97 2.20
CA PHE A 50 -0.78 -3.35 0.81
C PHE A 50 -2.20 -3.01 0.39
N ILE A 51 -2.40 -2.80 -0.92
CA ILE A 51 -3.68 -2.41 -1.45
C ILE A 51 -3.78 -2.81 -2.92
N THR A 52 -4.92 -3.40 -3.30
CA THR A 52 -5.15 -3.88 -4.66
C THR A 52 -6.29 -3.11 -5.31
N PHE A 53 -6.14 -2.86 -6.61
CA PHE A 53 -7.10 -2.15 -7.43
C PHE A 53 -7.66 -3.08 -8.49
N SER A 54 -8.86 -2.81 -8.97
CA SER A 54 -9.51 -3.63 -9.98
C SER A 54 -8.98 -3.34 -11.38
N ASP A 55 -8.11 -2.32 -11.48
CA ASP A 55 -7.56 -1.86 -12.74
C ASP A 55 -6.17 -1.30 -12.49
N SER A 56 -5.20 -1.63 -13.36
CA SER A 56 -3.84 -1.17 -13.18
C SER A 56 -3.73 0.32 -13.45
N GLU A 57 -4.59 0.86 -14.32
CA GLU A 57 -4.50 2.26 -14.70
C GLU A 57 -5.07 3.15 -13.61
N CYS A 58 -5.99 2.59 -12.80
CA CYS A 58 -6.55 3.29 -11.66
C CYS A 58 -5.57 3.20 -10.48
N ALA A 59 -4.73 2.17 -10.45
CA ALA A 59 -3.74 2.01 -9.40
C ALA A 59 -2.58 2.96 -9.68
N LYS A 60 -2.20 3.04 -10.96
CA LYS A 60 -1.15 3.91 -11.46
C LYS A 60 -1.50 5.38 -11.23
N LYS A 61 -2.79 5.72 -11.25
CA LYS A 61 -3.21 7.09 -10.95
C LYS A 61 -3.12 7.34 -9.46
N ALA A 62 -3.83 6.55 -8.64
CA ALA A 62 -3.79 6.72 -7.19
C ALA A 62 -2.36 6.61 -6.67
N LEU A 63 -1.47 6.01 -7.46
CA LEU A 63 -0.06 5.92 -7.14
C LEU A 63 0.53 7.32 -7.14
N GLU A 64 0.64 7.94 -8.32
CA GLU A 64 1.32 9.22 -8.42
C GLU A 64 0.55 10.33 -7.72
N GLN A 65 -0.76 10.15 -7.52
CA GLN A 65 -1.57 11.14 -6.84
C GLN A 65 -1.37 11.12 -5.33
N LEU A 66 -1.27 9.94 -4.71
CA LEU A 66 -1.05 9.87 -3.27
C LEU A 66 0.43 9.76 -2.92
N ASN A 67 1.29 9.54 -3.92
CA ASN A 67 2.73 9.50 -3.74
C ASN A 67 3.21 10.87 -3.23
N GLY A 68 3.47 10.93 -1.92
CA GLY A 68 3.92 12.13 -1.23
C GLY A 68 2.77 12.95 -0.64
N PHE A 69 1.55 12.41 -0.61
CA PHE A 69 0.42 13.09 0.00
C PHE A 69 0.56 13.09 1.52
N GLU A 70 0.45 14.26 2.14
CA GLU A 70 0.57 14.41 3.58
C GLU A 70 -0.63 13.85 4.33
N LEU A 71 -0.82 12.53 4.28
CA LEU A 71 -1.85 11.88 5.08
C LEU A 71 -1.38 11.96 6.53
N ALA A 72 -2.23 12.46 7.43
CA ALA A 72 -1.86 12.72 8.80
C ALA A 72 -0.61 13.63 8.90
N GLY A 73 -0.32 14.38 7.83
CA GLY A 73 0.77 15.34 7.79
C GLY A 73 2.12 14.76 7.34
N ARG A 74 2.20 13.45 7.08
CA ARG A 74 3.43 12.86 6.57
C ARG A 74 3.19 12.33 5.16
N PRO A 75 4.06 12.67 4.20
CA PRO A 75 3.91 12.26 2.81
C PRO A 75 3.96 10.74 2.69
N MET A 76 2.83 10.13 2.33
CA MET A 76 2.70 8.68 2.18
C MET A 76 3.38 8.24 0.89
N LYS A 77 4.13 7.14 0.97
CA LYS A 77 4.77 6.56 -0.18
C LYS A 77 3.82 5.60 -0.86
N VAL A 78 3.88 5.57 -2.20
CA VAL A 78 3.14 4.59 -2.98
C VAL A 78 4.03 4.14 -4.12
N GLY A 79 3.90 2.89 -4.55
CA GLY A 79 4.68 2.36 -5.65
C GLY A 79 4.37 0.89 -5.89
N HIS A 80 4.87 0.33 -6.99
CA HIS A 80 4.55 -1.03 -7.35
C HIS A 80 5.16 -2.01 -6.35
N VAL A 81 4.44 -3.11 -6.11
CA VAL A 81 4.86 -4.14 -5.20
C VAL A 81 5.79 -5.12 -5.94
N THR A 82 6.56 -5.96 -5.24
CA THR A 82 7.58 -6.76 -5.91
C THR A 82 8.08 -7.91 -5.05
N GLU A 83 8.58 -8.94 -5.73
CA GLU A 83 9.13 -10.14 -5.14
C GLU A 83 10.51 -9.86 -4.56
N ARG A 84 10.55 -9.03 -3.52
CA ARG A 84 11.76 -8.59 -2.84
C ARG A 84 12.57 -9.77 -2.32
N THR A 85 13.90 -9.63 -2.32
CA THR A 85 14.80 -10.67 -1.85
C THR A 85 14.65 -10.91 -0.35
N ASP A 86 14.30 -9.85 0.39
CA ASP A 86 14.16 -9.93 1.83
C ASP A 86 12.97 -10.79 2.25
N ALA A 87 12.17 -11.25 1.28
CA ALA A 87 11.02 -12.08 1.55
C ALA A 87 11.42 -13.49 1.99
N LEU A 88 12.66 -13.90 1.69
CA LEU A 88 13.08 -15.26 1.99
C LEU A 88 14.60 -15.46 1.98
N GLU A 89 15.35 -14.57 1.31
CA GLU A 89 16.79 -14.73 1.21
C GLU A 89 17.51 -14.19 2.45
N LEU A 90 18.79 -14.57 2.58
CA LEU A 90 19.64 -14.19 3.70
C LEU A 90 20.14 -12.75 3.56
N VAL A 91 19.67 -12.01 2.54
CA VAL A 91 20.11 -10.66 2.28
C VAL A 91 19.89 -9.78 3.53
N PRO A 92 20.92 -9.03 3.96
CA PRO A 92 20.86 -8.19 5.14
C PRO A 92 19.99 -6.96 4.95
N ARG A 93 19.67 -6.29 6.06
CA ARG A 93 18.84 -5.09 6.08
C ARG A 93 19.37 -4.11 7.11
N MET A 1 -8.52 -1.06 -19.86
CA MET A 1 -8.14 -1.74 -18.61
C MET A 1 -7.09 -2.83 -18.90
N ALA A 2 -6.47 -3.34 -17.83
CA ALA A 2 -5.44 -4.37 -17.94
C ALA A 2 -5.53 -5.35 -16.77
N GLY A 3 -6.71 -5.43 -16.12
CA GLY A 3 -6.91 -6.28 -14.96
C GLY A 3 -6.44 -5.58 -13.70
N PRO A 4 -6.64 -6.20 -12.52
CA PRO A 4 -6.30 -5.63 -11.24
C PRO A 4 -4.80 -5.43 -11.10
N MET A 5 -4.42 -4.58 -10.14
CA MET A 5 -3.04 -4.20 -9.88
C MET A 5 -2.88 -3.95 -8.39
N ARG A 6 -1.71 -4.24 -7.83
CA ARG A 6 -1.48 -4.13 -6.40
C ARG A 6 -0.25 -3.27 -6.12
N LEU A 7 -0.33 -2.41 -5.11
CA LEU A 7 0.71 -1.47 -4.79
C LEU A 7 1.14 -1.58 -3.33
N TYR A 8 2.33 -1.04 -3.04
CA TYR A 8 2.80 -0.86 -1.69
C TYR A 8 2.38 0.53 -1.21
N VAL A 9 2.13 0.66 0.10
CA VAL A 9 1.81 1.91 0.75
C VAL A 9 2.64 1.99 2.03
N GLY A 10 3.21 3.16 2.33
CA GLY A 10 4.04 3.31 3.52
C GLY A 10 4.27 4.77 3.87
N SER A 11 5.14 5.01 4.85
CA SER A 11 5.33 6.34 5.43
C SER A 11 4.08 6.81 6.17
N LEU A 12 3.18 5.88 6.47
CA LEU A 12 1.97 6.11 7.25
C LEU A 12 2.30 6.13 8.74
N HIS A 13 1.66 7.03 9.51
CA HIS A 13 1.79 6.96 10.96
C HIS A 13 1.05 5.73 11.48
N PHE A 14 1.32 5.29 12.71
CA PHE A 14 0.54 4.21 13.31
C PHE A 14 -0.91 4.66 13.48
N ASN A 15 -1.11 5.99 13.52
CA ASN A 15 -2.44 6.57 13.59
C ASN A 15 -3.26 6.25 12.34
N ILE A 16 -2.62 5.85 11.24
CA ILE A 16 -3.31 5.48 10.02
C ILE A 16 -3.90 4.07 10.15
N THR A 17 -4.96 3.78 9.40
CA THR A 17 -5.64 2.51 9.47
C THR A 17 -6.04 2.04 8.08
N GLU A 18 -6.44 0.76 7.98
CA GLU A 18 -6.86 0.15 6.74
C GLU A 18 -8.14 0.80 6.23
N ASP A 19 -8.92 1.38 7.15
CA ASP A 19 -10.17 2.06 6.85
C ASP A 19 -9.91 3.40 6.15
N MET A 20 -8.89 4.14 6.58
CA MET A 20 -8.58 5.39 5.92
C MET A 20 -8.12 5.12 4.50
N LEU A 21 -7.21 4.16 4.30
CA LEU A 21 -6.74 3.84 2.96
C LEU A 21 -7.94 3.47 2.08
N ARG A 22 -8.98 2.88 2.65
CA ARG A 22 -10.16 2.54 1.86
C ARG A 22 -10.76 3.80 1.26
N GLY A 23 -10.79 4.90 2.02
CA GLY A 23 -11.33 6.16 1.54
C GLY A 23 -10.30 6.98 0.75
N ILE A 24 -9.01 6.66 0.88
CA ILE A 24 -7.95 7.38 0.19
C ILE A 24 -7.86 6.99 -1.27
N PHE A 25 -7.83 5.68 -1.55
CA PHE A 25 -7.55 5.17 -2.89
C PHE A 25 -8.83 4.84 -3.68
N GLU A 26 -9.97 4.70 -3.01
CA GLU A 26 -11.23 4.36 -3.66
C GLU A 26 -11.68 5.38 -4.72
N PRO A 27 -11.62 6.70 -4.48
CA PRO A 27 -12.04 7.69 -5.45
C PRO A 27 -11.15 7.69 -6.71
N PHE A 28 -10.00 7.02 -6.66
CA PHE A 28 -9.09 6.92 -7.80
C PHE A 28 -9.27 5.61 -8.57
N GLY A 29 -9.83 4.60 -7.93
CA GLY A 29 -9.98 3.27 -8.51
C GLY A 29 -10.75 2.37 -7.56
N ARG A 30 -11.55 1.45 -8.09
CA ARG A 30 -12.33 0.55 -7.24
C ARG A 30 -11.35 -0.33 -6.49
N ILE A 31 -11.41 -0.31 -5.16
CA ILE A 31 -10.49 -1.11 -4.36
C ILE A 31 -10.93 -2.57 -4.36
N GLU A 32 -10.01 -3.47 -4.70
CA GLU A 32 -10.29 -4.90 -4.74
C GLU A 32 -9.91 -5.56 -3.41
N SER A 33 -8.87 -5.05 -2.74
CA SER A 33 -8.48 -5.55 -1.43
C SER A 33 -7.48 -4.62 -0.76
N ILE A 34 -7.31 -4.78 0.56
CA ILE A 34 -6.29 -4.08 1.33
C ILE A 34 -5.73 -5.03 2.39
N GLN A 35 -4.47 -4.84 2.76
CA GLN A 35 -3.79 -5.61 3.79
C GLN A 35 -2.78 -4.71 4.49
N LEU A 36 -3.26 -3.96 5.49
CA LEU A 36 -2.40 -3.11 6.30
C LEU A 36 -1.54 -4.01 7.16
N MET A 37 -0.23 -3.77 7.15
CA MET A 37 0.71 -4.62 7.87
C MET A 37 0.59 -4.40 9.37
N MET A 38 0.68 -5.49 10.12
CA MET A 38 0.56 -5.47 11.57
C MET A 38 1.57 -6.43 12.19
N ASP A 39 2.07 -6.09 13.38
CA ASP A 39 3.10 -6.85 14.05
C ASP A 39 2.56 -8.23 14.47
N SER A 40 3.38 -9.27 14.29
CA SER A 40 3.01 -10.62 14.69
C SER A 40 3.08 -10.79 16.21
N GLU A 41 3.86 -9.95 16.89
CA GLU A 41 4.13 -10.12 18.30
C GLU A 41 3.30 -9.18 19.19
N THR A 42 2.75 -8.10 18.61
CA THR A 42 1.99 -7.13 19.39
C THR A 42 0.66 -6.76 18.73
N GLY A 43 0.47 -7.16 17.46
CA GLY A 43 -0.76 -6.89 16.73
C GLY A 43 -0.94 -5.42 16.35
N ARG A 44 0.03 -4.56 16.69
CA ARG A 44 -0.03 -3.14 16.40
C ARG A 44 0.24 -2.89 14.91
N SER A 45 0.06 -1.64 14.48
CA SER A 45 0.25 -1.24 13.09
C SER A 45 1.73 -1.38 12.70
N LYS A 46 2.08 -1.09 11.45
CA LYS A 46 3.47 -1.07 11.02
C LYS A 46 3.80 0.19 10.21
N GLY A 47 2.80 1.02 9.91
CA GLY A 47 3.02 2.25 9.15
C GLY A 47 3.18 2.00 7.65
N TYR A 48 2.83 0.80 7.18
CA TYR A 48 2.78 0.48 5.77
C TYR A 48 1.80 -0.67 5.54
N GLY A 49 1.42 -0.91 4.29
CA GLY A 49 0.42 -1.91 3.95
C GLY A 49 0.23 -2.07 2.46
N PHE A 50 -0.56 -3.07 2.07
CA PHE A 50 -0.79 -3.44 0.68
C PHE A 50 -2.23 -3.11 0.28
N ILE A 51 -2.44 -2.92 -1.03
CA ILE A 51 -3.75 -2.53 -1.55
C ILE A 51 -3.85 -2.91 -3.03
N THR A 52 -5.01 -3.42 -3.44
CA THR A 52 -5.25 -3.87 -4.81
C THR A 52 -6.39 -3.07 -5.44
N PHE A 53 -6.28 -2.85 -6.74
CA PHE A 53 -7.22 -2.04 -7.52
C PHE A 53 -7.87 -2.87 -8.62
N SER A 54 -8.98 -2.37 -9.16
CA SER A 54 -9.75 -3.03 -10.20
C SER A 54 -9.08 -2.92 -11.56
N ASP A 55 -8.17 -1.96 -11.73
CA ASP A 55 -7.50 -1.72 -12.98
C ASP A 55 -6.10 -1.15 -12.72
N SER A 56 -5.14 -1.44 -13.59
CA SER A 56 -3.78 -0.98 -13.41
C SER A 56 -3.68 0.52 -13.63
N GLU A 57 -4.52 1.09 -14.51
CA GLU A 57 -4.45 2.51 -14.80
C GLU A 57 -5.07 3.32 -13.65
N CYS A 58 -5.99 2.70 -12.90
CA CYS A 58 -6.59 3.32 -11.73
C CYS A 58 -5.65 3.22 -10.53
N ALA A 59 -4.77 2.21 -10.53
CA ALA A 59 -3.78 2.04 -9.47
C ALA A 59 -2.65 3.01 -9.72
N LYS A 60 -2.26 3.13 -11.00
CA LYS A 60 -1.22 4.05 -11.44
C LYS A 60 -1.62 5.50 -11.19
N LYS A 61 -2.92 5.79 -11.17
CA LYS A 61 -3.39 7.13 -10.87
C LYS A 61 -3.30 7.38 -9.37
N ALA A 62 -3.93 6.53 -8.56
CA ALA A 62 -3.87 6.66 -7.12
C ALA A 62 -2.43 6.58 -6.61
N LEU A 63 -1.54 6.00 -7.41
CA LEU A 63 -0.13 5.93 -7.08
C LEU A 63 0.45 7.33 -7.07
N GLU A 64 0.53 7.97 -8.24
CA GLU A 64 1.20 9.25 -8.35
C GLU A 64 0.42 10.36 -7.64
N GLN A 65 -0.87 10.14 -7.35
CA GLN A 65 -1.69 11.11 -6.65
C GLN A 65 -1.45 11.08 -5.15
N LEU A 66 -1.33 9.89 -4.55
CA LEU A 66 -1.08 9.78 -3.13
C LEU A 66 0.41 9.66 -2.82
N ASN A 67 1.25 9.50 -3.85
CA ASN A 67 2.69 9.48 -3.71
C ASN A 67 3.15 10.82 -3.17
N GLY A 68 3.42 10.86 -1.86
CA GLY A 68 3.86 12.05 -1.14
C GLY A 68 2.71 12.86 -0.54
N PHE A 69 1.49 12.30 -0.51
CA PHE A 69 0.35 12.98 0.11
C PHE A 69 0.53 12.96 1.62
N GLU A 70 0.43 14.15 2.24
CA GLU A 70 0.57 14.31 3.68
C GLU A 70 -0.63 13.74 4.44
N LEU A 71 -0.80 12.42 4.40
CA LEU A 71 -1.81 11.76 5.21
C LEU A 71 -1.33 11.87 6.66
N ALA A 72 -2.18 12.38 7.55
CA ALA A 72 -1.80 12.66 8.93
C ALA A 72 -0.56 13.56 9.01
N GLY A 73 -0.25 14.28 7.93
CA GLY A 73 0.84 15.26 7.88
C GLY A 73 2.17 14.69 7.42
N ARG A 74 2.29 13.37 7.22
CA ARG A 74 3.52 12.79 6.66
C ARG A 74 3.22 12.27 5.27
N PRO A 75 4.06 12.61 4.27
CA PRO A 75 3.88 12.18 2.91
C PRO A 75 3.96 10.66 2.80
N MET A 76 2.82 10.04 2.46
CA MET A 76 2.73 8.60 2.30
C MET A 76 3.39 8.20 0.99
N LYS A 77 4.16 7.11 0.99
CA LYS A 77 4.76 6.62 -0.23
C LYS A 77 3.83 5.60 -0.88
N VAL A 78 3.85 5.56 -2.21
CA VAL A 78 3.13 4.56 -2.97
C VAL A 78 4.01 4.12 -4.12
N GLY A 79 3.88 2.88 -4.58
CA GLY A 79 4.65 2.39 -5.71
C GLY A 79 4.32 0.93 -5.99
N HIS A 80 4.87 0.40 -7.10
CA HIS A 80 4.58 -0.96 -7.51
C HIS A 80 5.19 -1.95 -6.51
N VAL A 81 4.53 -3.10 -6.38
CA VAL A 81 4.91 -4.12 -5.42
C VAL A 81 5.85 -5.12 -6.07
N THR A 82 6.63 -5.86 -5.28
CA THR A 82 7.70 -6.70 -5.82
C THR A 82 8.25 -7.65 -4.75
N GLU A 83 8.91 -8.73 -5.19
CA GLU A 83 9.55 -9.66 -4.28
C GLU A 83 10.75 -9.01 -3.58
N ARG A 84 11.12 -9.55 -2.41
CA ARG A 84 12.21 -9.00 -1.61
C ARG A 84 12.90 -10.10 -0.79
N THR A 85 12.51 -11.36 -0.99
CA THR A 85 13.07 -12.49 -0.23
C THR A 85 14.56 -12.67 -0.55
N ASP A 86 15.01 -12.20 -1.71
CA ASP A 86 16.39 -12.36 -2.12
C ASP A 86 17.28 -11.25 -1.55
N ALA A 87 16.68 -10.27 -0.87
CA ALA A 87 17.40 -9.13 -0.33
C ALA A 87 17.88 -9.37 1.10
N LEU A 88 17.42 -10.44 1.74
CA LEU A 88 17.64 -10.62 3.17
C LEU A 88 17.75 -12.09 3.58
N GLU A 89 17.51 -12.36 4.87
CA GLU A 89 17.75 -13.64 5.52
C GLU A 89 17.07 -14.85 4.89
N LEU A 90 16.11 -14.65 3.98
CA LEU A 90 15.42 -15.75 3.31
C LEU A 90 16.34 -16.43 2.28
N VAL A 91 17.54 -15.89 2.06
CA VAL A 91 18.53 -16.48 1.16
C VAL A 91 19.93 -16.37 1.78
N PRO A 92 20.88 -17.22 1.35
CA PRO A 92 22.24 -17.27 1.89
C PRO A 92 23.05 -16.01 1.62
N ARG A 93 22.71 -15.24 0.58
CA ARG A 93 23.46 -14.04 0.20
C ARG A 93 23.20 -12.88 1.16
N MET A 1 -4.59 -8.90 -21.72
CA MET A 1 -5.92 -8.43 -21.27
C MET A 1 -5.79 -7.63 -19.98
N ALA A 2 -6.83 -6.83 -19.66
CA ALA A 2 -6.86 -6.03 -18.46
C ALA A 2 -6.97 -6.90 -17.20
N GLY A 3 -6.65 -6.33 -16.04
CA GLY A 3 -6.72 -7.03 -14.77
C GLY A 3 -6.37 -6.10 -13.61
N PRO A 4 -6.47 -6.60 -12.36
CA PRO A 4 -6.16 -5.83 -11.17
C PRO A 4 -4.68 -5.52 -11.07
N MET A 5 -4.33 -4.66 -10.10
CA MET A 5 -2.96 -4.24 -9.84
C MET A 5 -2.82 -4.00 -8.34
N ARG A 6 -1.61 -4.18 -7.79
CA ARG A 6 -1.40 -4.08 -6.36
C ARG A 6 -0.17 -3.22 -6.07
N LEU A 7 -0.26 -2.38 -5.04
CA LEU A 7 0.78 -1.42 -4.70
C LEU A 7 1.18 -1.55 -3.23
N TYR A 8 2.37 -1.03 -2.91
CA TYR A 8 2.82 -0.85 -1.55
C TYR A 8 2.39 0.54 -1.10
N VAL A 9 2.09 0.69 0.19
CA VAL A 9 1.78 1.96 0.82
C VAL A 9 2.56 2.07 2.12
N GLY A 10 3.15 3.22 2.39
CA GLY A 10 3.97 3.39 3.58
C GLY A 10 4.24 4.85 3.90
N SER A 11 5.19 5.09 4.82
CA SER A 11 5.41 6.42 5.37
C SER A 11 4.18 6.90 6.15
N LEU A 12 3.27 5.96 6.44
CA LEU A 12 2.08 6.15 7.24
C LEU A 12 2.39 6.06 8.73
N HIS A 13 1.76 6.91 9.54
CA HIS A 13 1.86 6.76 10.98
C HIS A 13 1.09 5.51 11.41
N PHE A 14 1.33 4.99 12.61
CA PHE A 14 0.48 3.92 13.13
C PHE A 14 -0.93 4.48 13.38
N ASN A 15 -1.04 5.81 13.49
CA ASN A 15 -2.33 6.47 13.60
C ASN A 15 -3.16 6.27 12.32
N ILE A 16 -2.52 5.88 11.21
CA ILE A 16 -3.22 5.56 9.98
C ILE A 16 -3.73 4.13 10.05
N THR A 17 -4.82 3.82 9.35
CA THR A 17 -5.41 2.49 9.37
C THR A 17 -5.92 2.09 7.99
N GLU A 18 -6.32 0.83 7.88
CA GLU A 18 -6.82 0.25 6.66
C GLU A 18 -8.09 0.96 6.19
N ASP A 19 -8.80 1.58 7.13
CA ASP A 19 -10.03 2.31 6.88
C ASP A 19 -9.74 3.60 6.12
N MET A 20 -8.62 4.27 6.44
CA MET A 20 -8.27 5.49 5.76
C MET A 20 -7.99 5.17 4.30
N LEU A 21 -7.09 4.20 4.07
CA LEU A 21 -6.70 3.85 2.73
C LEU A 21 -7.92 3.45 1.90
N ARG A 22 -8.98 2.93 2.53
CA ARG A 22 -10.18 2.60 1.79
C ARG A 22 -10.76 3.87 1.17
N GLY A 23 -10.79 4.97 1.93
CA GLY A 23 -11.33 6.23 1.45
C GLY A 23 -10.30 7.05 0.66
N ILE A 24 -9.01 6.72 0.78
CA ILE A 24 -7.95 7.45 0.10
C ILE A 24 -7.84 7.04 -1.37
N PHE A 25 -7.83 5.73 -1.64
CA PHE A 25 -7.56 5.22 -2.98
C PHE A 25 -8.83 4.87 -3.76
N GLU A 26 -9.98 4.74 -3.09
CA GLU A 26 -11.23 4.38 -3.73
C GLU A 26 -11.70 5.38 -4.80
N PRO A 27 -11.64 6.71 -4.57
CA PRO A 27 -12.06 7.69 -5.56
C PRO A 27 -11.18 7.68 -6.81
N PHE A 28 -10.01 7.02 -6.75
CA PHE A 28 -9.11 6.93 -7.90
C PHE A 28 -9.25 5.60 -8.65
N GLY A 29 -9.81 4.58 -7.98
CA GLY A 29 -9.93 3.25 -8.56
C GLY A 29 -10.71 2.34 -7.62
N ARG A 30 -11.47 1.40 -8.17
CA ARG A 30 -12.26 0.49 -7.36
C ARG A 30 -11.30 -0.38 -6.57
N ILE A 31 -11.36 -0.33 -5.24
CA ILE A 31 -10.46 -1.11 -4.40
C ILE A 31 -10.91 -2.56 -4.40
N GLU A 32 -9.99 -3.46 -4.76
CA GLU A 32 -10.26 -4.89 -4.79
C GLU A 32 -9.89 -5.54 -3.45
N SER A 33 -8.88 -4.99 -2.76
CA SER A 33 -8.48 -5.50 -1.46
C SER A 33 -7.50 -4.55 -0.78
N ILE A 34 -7.32 -4.72 0.53
CA ILE A 34 -6.30 -4.02 1.31
C ILE A 34 -5.76 -4.97 2.37
N GLN A 35 -4.49 -4.79 2.75
CA GLN A 35 -3.84 -5.57 3.79
C GLN A 35 -2.86 -4.67 4.53
N LEU A 36 -3.37 -3.95 5.54
CA LEU A 36 -2.55 -3.09 6.37
C LEU A 36 -1.62 -3.97 7.19
N MET A 37 -0.34 -3.63 7.22
CA MET A 37 0.65 -4.42 7.92
C MET A 37 0.53 -4.23 9.43
N MET A 38 0.71 -5.33 10.16
CA MET A 38 0.61 -5.38 11.61
C MET A 38 1.70 -6.29 12.16
N ASP A 39 2.22 -5.98 13.34
CA ASP A 39 3.33 -6.72 13.94
C ASP A 39 2.88 -8.15 14.30
N SER A 40 3.72 -9.15 14.03
CA SER A 40 3.44 -10.52 14.43
C SER A 40 3.70 -10.69 15.93
N GLU A 41 4.63 -9.90 16.48
CA GLU A 41 5.09 -10.07 17.84
C GLU A 41 4.25 -9.30 18.86
N THR A 42 3.55 -8.25 18.42
CA THR A 42 2.77 -7.41 19.34
C THR A 42 1.37 -7.13 18.82
N GLY A 43 1.07 -7.49 17.58
CA GLY A 43 -0.26 -7.33 17.01
C GLY A 43 -0.64 -5.89 16.69
N ARG A 44 0.24 -4.92 16.98
CA ARG A 44 -0.06 -3.51 16.72
C ARG A 44 0.09 -3.19 15.24
N SER A 45 -0.26 -1.95 14.88
CA SER A 45 -0.15 -1.42 13.54
C SER A 45 1.32 -1.35 13.09
N LYS A 46 1.56 -1.11 11.80
CA LYS A 46 2.90 -0.88 11.27
C LYS A 46 2.91 0.36 10.38
N GLY A 47 1.74 0.98 10.20
CA GLY A 47 1.59 2.15 9.34
C GLY A 47 1.49 1.72 7.88
N TYR A 48 2.51 1.05 7.35
CA TYR A 48 2.52 0.67 5.94
C TYR A 48 1.54 -0.48 5.71
N GLY A 49 1.25 -0.77 4.44
CA GLY A 49 0.29 -1.81 4.09
C GLY A 49 0.15 -1.97 2.58
N PHE A 50 -0.64 -2.97 2.18
CA PHE A 50 -0.83 -3.32 0.79
C PHE A 50 -2.25 -3.00 0.34
N ILE A 51 -2.45 -2.83 -0.96
CA ILE A 51 -3.74 -2.46 -1.52
C ILE A 51 -3.83 -2.87 -2.98
N THR A 52 -5.01 -3.33 -3.41
CA THR A 52 -5.24 -3.84 -4.75
C THR A 52 -6.36 -3.06 -5.43
N PHE A 53 -6.23 -2.86 -6.74
CA PHE A 53 -7.14 -2.07 -7.55
C PHE A 53 -7.75 -2.91 -8.67
N SER A 54 -8.86 -2.42 -9.23
CA SER A 54 -9.58 -3.10 -10.28
C SER A 54 -8.87 -2.99 -11.63
N ASP A 55 -7.98 -2.01 -11.78
CA ASP A 55 -7.25 -1.76 -13.02
C ASP A 55 -5.89 -1.17 -12.71
N SER A 56 -4.89 -1.47 -13.55
CA SER A 56 -3.55 -0.95 -13.35
C SER A 56 -3.51 0.56 -13.55
N GLU A 57 -4.33 1.09 -14.46
CA GLU A 57 -4.31 2.52 -14.75
C GLU A 57 -4.95 3.31 -13.61
N CYS A 58 -5.84 2.66 -12.85
CA CYS A 58 -6.45 3.30 -11.70
C CYS A 58 -5.52 3.22 -10.50
N ALA A 59 -4.64 2.21 -10.47
CA ALA A 59 -3.66 2.08 -9.41
C ALA A 59 -2.52 3.05 -9.67
N LYS A 60 -2.13 3.16 -10.94
CA LYS A 60 -1.11 4.07 -11.42
C LYS A 60 -1.51 5.52 -11.20
N LYS A 61 -2.82 5.81 -11.19
CA LYS A 61 -3.28 7.16 -10.92
C LYS A 61 -3.19 7.43 -9.42
N ALA A 62 -3.85 6.60 -8.60
CA ALA A 62 -3.82 6.76 -7.15
C ALA A 62 -2.38 6.68 -6.63
N LEU A 63 -1.48 6.08 -7.41
CA LEU A 63 -0.07 6.01 -7.07
C LEU A 63 0.51 7.41 -7.07
N GLU A 64 0.61 8.04 -8.24
CA GLU A 64 1.27 9.32 -8.35
C GLU A 64 0.47 10.44 -7.69
N GLN A 65 -0.82 10.21 -7.42
CA GLN A 65 -1.67 11.20 -6.78
C GLN A 65 -1.48 11.24 -5.27
N LEU A 66 -1.38 10.07 -4.61
CA LEU A 66 -1.17 10.04 -3.18
C LEU A 66 0.31 9.89 -2.83
N ASN A 67 1.16 9.66 -3.83
CA ASN A 67 2.60 9.60 -3.60
C ASN A 67 3.08 10.95 -3.07
N GLY A 68 3.44 10.96 -1.78
CA GLY A 68 3.89 12.14 -1.06
C GLY A 68 2.73 12.96 -0.49
N PHE A 69 1.51 12.44 -0.51
CA PHE A 69 0.37 13.12 0.09
C PHE A 69 0.48 13.07 1.61
N GLU A 70 0.38 14.24 2.26
CA GLU A 70 0.47 14.39 3.70
C GLU A 70 -0.73 13.80 4.42
N LEU A 71 -0.86 12.47 4.40
CA LEU A 71 -1.89 11.80 5.19
C LEU A 71 -1.46 11.94 6.65
N ALA A 72 -2.35 12.46 7.50
CA ALA A 72 -2.03 12.79 8.89
C ALA A 72 -0.81 13.71 9.00
N GLY A 73 -0.48 14.42 7.91
CA GLY A 73 0.60 15.39 7.90
C GLY A 73 1.95 14.83 7.45
N ARG A 74 2.08 13.51 7.28
CA ARG A 74 3.31 12.93 6.77
C ARG A 74 3.07 12.39 5.36
N PRO A 75 3.92 12.75 4.40
CA PRO A 75 3.79 12.33 3.02
C PRO A 75 3.90 10.81 2.92
N MET A 76 2.82 10.15 2.52
CA MET A 76 2.83 8.71 2.34
C MET A 76 3.66 8.36 1.11
N LYS A 77 4.08 7.11 0.98
CA LYS A 77 4.73 6.62 -0.21
C LYS A 77 3.85 5.59 -0.87
N VAL A 78 3.89 5.55 -2.20
CA VAL A 78 3.17 4.55 -2.97
C VAL A 78 4.07 4.11 -4.11
N GLY A 79 3.93 2.86 -4.56
CA GLY A 79 4.68 2.37 -5.69
C GLY A 79 4.37 0.91 -5.97
N HIS A 80 4.90 0.38 -7.08
CA HIS A 80 4.63 -0.99 -7.48
C HIS A 80 5.25 -1.96 -6.47
N VAL A 81 4.68 -3.16 -6.41
CA VAL A 81 5.02 -4.14 -5.41
C VAL A 81 5.92 -5.23 -6.01
N THR A 82 6.61 -6.00 -5.17
CA THR A 82 7.62 -6.94 -5.64
C THR A 82 8.02 -7.91 -4.54
N GLU A 83 8.52 -9.09 -4.94
CA GLU A 83 8.87 -10.14 -4.03
C GLU A 83 10.33 -10.02 -3.57
N ARG A 84 10.56 -9.21 -2.53
CA ARG A 84 11.90 -9.04 -1.97
C ARG A 84 12.40 -10.30 -1.28
N THR A 85 11.58 -11.35 -1.21
CA THR A 85 11.99 -12.62 -0.64
C THR A 85 13.08 -13.29 -1.47
N ASP A 86 13.23 -12.85 -2.72
CA ASP A 86 14.22 -13.40 -3.64
C ASP A 86 15.37 -12.42 -3.88
N ALA A 87 15.39 -11.30 -3.16
CA ALA A 87 16.41 -10.28 -3.31
C ALA A 87 17.76 -10.72 -2.76
N LEU A 88 17.79 -11.84 -2.03
CA LEU A 88 18.98 -12.27 -1.34
C LEU A 88 18.95 -13.76 -1.03
N GLU A 89 20.12 -14.28 -0.66
CA GLU A 89 20.35 -15.67 -0.31
C GLU A 89 19.92 -16.66 -1.41
N LEU A 90 19.64 -16.15 -2.61
CA LEU A 90 19.20 -16.96 -3.75
C LEU A 90 19.78 -16.37 -5.05
N VAL A 91 19.87 -17.21 -6.08
CA VAL A 91 20.37 -16.78 -7.38
C VAL A 91 19.31 -15.90 -8.07
N PRO A 92 19.69 -14.73 -8.60
CA PRO A 92 18.76 -13.82 -9.26
C PRO A 92 18.28 -14.38 -10.60
N ARG A 93 17.08 -13.97 -11.02
CA ARG A 93 16.49 -14.41 -12.29
C ARG A 93 17.15 -13.69 -13.46
N MET A 1 -10.59 -1.20 -19.51
CA MET A 1 -9.96 -1.41 -18.18
C MET A 1 -9.13 -2.68 -18.20
N ALA A 2 -7.90 -2.60 -17.67
CA ALA A 2 -7.02 -3.76 -17.56
C ALA A 2 -7.36 -4.56 -16.31
N GLY A 3 -6.62 -5.66 -16.08
CA GLY A 3 -6.80 -6.47 -14.90
C GLY A 3 -6.36 -5.71 -13.65
N PRO A 4 -6.54 -6.31 -12.46
CA PRO A 4 -6.20 -5.69 -11.19
C PRO A 4 -4.69 -5.45 -11.06
N MET A 5 -4.33 -4.60 -10.11
CA MET A 5 -2.96 -4.19 -9.86
C MET A 5 -2.80 -3.93 -8.36
N ARG A 6 -1.62 -4.18 -7.81
CA ARG A 6 -1.39 -4.08 -6.38
C ARG A 6 -0.17 -3.22 -6.10
N LEU A 7 -0.27 -2.35 -5.09
CA LEU A 7 0.78 -1.38 -4.76
C LEU A 7 1.20 -1.51 -3.31
N TYR A 8 2.40 -1.00 -3.02
CA TYR A 8 2.89 -0.83 -1.66
C TYR A 8 2.49 0.55 -1.17
N VAL A 9 2.24 0.68 0.13
CA VAL A 9 1.92 1.93 0.80
C VAL A 9 2.75 2.03 2.06
N GLY A 10 3.27 3.21 2.39
CA GLY A 10 4.11 3.39 3.57
C GLY A 10 4.30 4.86 3.91
N SER A 11 5.18 5.14 4.87
CA SER A 11 5.32 6.48 5.43
C SER A 11 4.05 6.91 6.18
N LEU A 12 3.20 5.93 6.53
CA LEU A 12 1.99 6.15 7.30
C LEU A 12 2.31 6.18 8.80
N HIS A 13 1.66 7.06 9.55
CA HIS A 13 1.77 7.02 11.00
C HIS A 13 1.04 5.78 11.51
N PHE A 14 1.28 5.36 12.76
CA PHE A 14 0.51 4.27 13.33
C PHE A 14 -0.94 4.71 13.50
N ASN A 15 -1.16 6.03 13.55
CA ASN A 15 -2.49 6.59 13.62
C ASN A 15 -3.30 6.28 12.35
N ILE A 16 -2.63 5.89 11.27
CA ILE A 16 -3.31 5.51 10.03
C ILE A 16 -3.88 4.10 10.16
N THR A 17 -4.92 3.79 9.41
CA THR A 17 -5.59 2.49 9.47
C THR A 17 -5.98 2.02 8.07
N GLU A 18 -6.34 0.74 7.99
CA GLU A 18 -6.75 0.12 6.74
C GLU A 18 -8.05 0.75 6.23
N ASP A 19 -8.82 1.33 7.16
CA ASP A 19 -10.08 1.98 6.85
C ASP A 19 -9.86 3.31 6.16
N MET A 20 -8.84 4.07 6.57
CA MET A 20 -8.56 5.33 5.92
C MET A 20 -8.09 5.08 4.50
N LEU A 21 -7.18 4.13 4.29
CA LEU A 21 -6.71 3.81 2.95
C LEU A 21 -7.90 3.42 2.08
N ARG A 22 -8.94 2.82 2.66
CA ARG A 22 -10.11 2.46 1.87
C ARG A 22 -10.73 3.71 1.27
N GLY A 23 -10.78 4.81 2.04
CA GLY A 23 -11.35 6.07 1.57
C GLY A 23 -10.34 6.90 0.78
N ILE A 24 -9.04 6.60 0.90
CA ILE A 24 -8.01 7.35 0.21
C ILE A 24 -7.91 6.94 -1.26
N PHE A 25 -7.84 5.64 -1.54
CA PHE A 25 -7.56 5.15 -2.88
C PHE A 25 -8.84 4.81 -3.66
N GLU A 26 -9.98 4.66 -2.99
CA GLU A 26 -11.23 4.29 -3.64
C GLU A 26 -11.70 5.29 -4.68
N PRO A 27 -11.67 6.61 -4.44
CA PRO A 27 -12.10 7.60 -5.41
C PRO A 27 -11.22 7.62 -6.66
N PHE A 28 -10.05 6.97 -6.62
CA PHE A 28 -9.15 6.90 -7.77
C PHE A 28 -9.31 5.60 -8.54
N GLY A 29 -9.83 4.56 -7.89
CA GLY A 29 -9.97 3.24 -8.49
C GLY A 29 -10.71 2.32 -7.53
N ARG A 30 -11.50 1.38 -8.06
CA ARG A 30 -12.25 0.48 -7.21
C ARG A 30 -11.27 -0.40 -6.44
N ILE A 31 -11.35 -0.40 -5.12
CA ILE A 31 -10.42 -1.18 -4.31
C ILE A 31 -10.85 -2.64 -4.32
N GLU A 32 -9.92 -3.52 -4.66
CA GLU A 32 -10.17 -4.96 -4.71
C GLU A 32 -9.77 -5.62 -3.40
N SER A 33 -8.75 -5.08 -2.71
CA SER A 33 -8.32 -5.59 -1.42
C SER A 33 -7.35 -4.63 -0.75
N ILE A 34 -7.15 -4.82 0.56
CA ILE A 34 -6.15 -4.09 1.34
C ILE A 34 -5.58 -5.04 2.40
N GLN A 35 -4.32 -4.83 2.77
CA GLN A 35 -3.66 -5.59 3.81
C GLN A 35 -2.64 -4.69 4.51
N LEU A 36 -3.10 -3.93 5.50
CA LEU A 36 -2.23 -3.08 6.30
C LEU A 36 -1.36 -3.98 7.16
N MET A 37 -0.05 -3.78 7.12
CA MET A 37 0.87 -4.62 7.84
C MET A 37 0.73 -4.40 9.35
N MET A 38 0.79 -5.48 10.12
CA MET A 38 0.63 -5.45 11.57
C MET A 38 1.61 -6.42 12.21
N ASP A 39 2.04 -6.11 13.44
CA ASP A 39 3.01 -6.90 14.17
C ASP A 39 2.43 -8.26 14.52
N SER A 40 3.21 -9.33 14.37
CA SER A 40 2.76 -10.66 14.74
C SER A 40 2.76 -10.82 16.26
N GLU A 41 3.64 -10.07 16.94
CA GLU A 41 3.87 -10.24 18.36
C GLU A 41 2.95 -9.35 19.21
N THR A 42 2.45 -8.26 18.66
CA THR A 42 1.64 -7.30 19.43
C THR A 42 0.36 -6.88 18.71
N GLY A 43 0.22 -7.20 17.42
CA GLY A 43 -0.95 -6.84 16.64
C GLY A 43 -1.00 -5.34 16.31
N ARG A 44 0.02 -4.58 16.70
CA ARG A 44 0.09 -3.14 16.44
C ARG A 44 0.34 -2.89 14.96
N SER A 45 0.18 -1.64 14.52
CA SER A 45 0.39 -1.24 13.13
C SER A 45 1.86 -1.39 12.73
N LYS A 46 2.20 -1.11 11.47
CA LYS A 46 3.59 -1.09 11.03
C LYS A 46 3.92 0.19 10.28
N GLY A 47 2.92 1.02 9.97
CA GLY A 47 3.13 2.26 9.23
C GLY A 47 3.28 2.04 7.71
N TYR A 48 2.95 0.85 7.23
CA TYR A 48 2.91 0.55 5.80
C TYR A 48 1.96 -0.62 5.58
N GLY A 49 1.59 -0.88 4.32
CA GLY A 49 0.61 -1.89 4.00
C GLY A 49 0.39 -2.06 2.49
N PHE A 50 -0.43 -3.03 2.12
CA PHE A 50 -0.67 -3.39 0.73
C PHE A 50 -2.11 -3.06 0.32
N ILE A 51 -2.33 -2.88 -0.98
CA ILE A 51 -3.64 -2.50 -1.50
C ILE A 51 -3.75 -2.89 -2.97
N THR A 52 -4.92 -3.37 -3.39
CA THR A 52 -5.16 -3.84 -4.74
C THR A 52 -6.30 -3.05 -5.39
N PHE A 53 -6.21 -2.86 -6.70
CA PHE A 53 -7.15 -2.07 -7.48
C PHE A 53 -7.79 -2.92 -8.58
N SER A 54 -8.91 -2.43 -9.13
CA SER A 54 -9.66 -3.11 -10.16
C SER A 54 -9.03 -2.94 -11.55
N ASP A 55 -8.12 -1.97 -11.68
CA ASP A 55 -7.48 -1.65 -12.96
C ASP A 55 -6.10 -1.09 -12.69
N SER A 56 -5.12 -1.44 -13.54
CA SER A 56 -3.76 -0.98 -13.36
C SER A 56 -3.67 0.53 -13.60
N GLU A 57 -4.52 1.07 -14.46
CA GLU A 57 -4.47 2.49 -14.77
C GLU A 57 -5.09 3.31 -13.65
N CYS A 58 -5.98 2.70 -12.87
CA CYS A 58 -6.57 3.36 -11.71
C CYS A 58 -5.62 3.26 -10.53
N ALA A 59 -4.76 2.23 -10.51
CA ALA A 59 -3.77 2.08 -9.46
C ALA A 59 -2.62 3.05 -9.72
N LYS A 60 -2.24 3.16 -10.99
CA LYS A 60 -1.21 4.06 -11.46
C LYS A 60 -1.60 5.52 -11.21
N LYS A 61 -2.91 5.80 -11.19
CA LYS A 61 -3.41 7.13 -10.87
C LYS A 61 -3.31 7.39 -9.38
N ALA A 62 -3.97 6.55 -8.57
CA ALA A 62 -3.91 6.68 -7.12
C ALA A 62 -2.47 6.61 -6.62
N LEU A 63 -1.58 6.07 -7.45
CA LEU A 63 -0.16 6.01 -7.14
C LEU A 63 0.41 7.41 -7.11
N GLU A 64 0.54 8.05 -8.27
CA GLU A 64 1.20 9.34 -8.35
C GLU A 64 0.41 10.45 -7.66
N GLN A 65 -0.87 10.20 -7.36
CA GLN A 65 -1.71 11.17 -6.67
C GLN A 65 -1.49 11.14 -5.16
N LEU A 66 -1.36 9.96 -4.56
CA LEU A 66 -1.14 9.85 -3.13
C LEU A 66 0.35 9.73 -2.80
N ASN A 67 1.20 9.53 -3.81
CA ASN A 67 2.63 9.50 -3.67
C ASN A 67 3.09 10.88 -3.16
N GLY A 68 3.40 10.94 -1.86
CA GLY A 68 3.82 12.14 -1.16
C GLY A 68 2.66 12.94 -0.58
N PHE A 69 1.45 12.38 -0.56
CA PHE A 69 0.31 13.06 0.06
C PHE A 69 0.49 13.06 1.58
N GLU A 70 0.39 14.23 2.20
CA GLU A 70 0.53 14.38 3.64
C GLU A 70 -0.68 13.82 4.38
N LEU A 71 -0.85 12.49 4.36
CA LEU A 71 -1.88 11.84 5.14
C LEU A 71 -1.43 11.94 6.59
N ALA A 72 -2.29 12.48 7.46
CA ALA A 72 -1.94 12.78 8.85
C ALA A 72 -0.68 13.65 8.96
N GLY A 73 -0.34 14.36 7.87
CA GLY A 73 0.76 15.32 7.85
C GLY A 73 2.09 14.75 7.38
N ARG A 74 2.21 13.44 7.14
CA ARG A 74 3.43 12.87 6.60
C ARG A 74 3.15 12.35 5.19
N PRO A 75 4.01 12.68 4.22
CA PRO A 75 3.85 12.25 2.84
C PRO A 75 3.91 10.72 2.73
N MET A 76 2.78 10.10 2.39
CA MET A 76 2.67 8.66 2.26
C MET A 76 3.32 8.23 0.96
N LYS A 77 4.04 7.10 1.00
CA LYS A 77 4.67 6.56 -0.17
C LYS A 77 3.71 5.60 -0.86
N VAL A 78 3.78 5.57 -2.19
CA VAL A 78 3.04 4.62 -3.00
C VAL A 78 3.94 4.20 -4.16
N GLY A 79 3.81 2.95 -4.62
CA GLY A 79 4.59 2.48 -5.74
C GLY A 79 4.28 1.02 -6.05
N HIS A 80 4.81 0.52 -7.18
CA HIS A 80 4.55 -0.84 -7.60
C HIS A 80 5.18 -1.83 -6.64
N VAL A 81 4.54 -2.99 -6.51
CA VAL A 81 4.95 -4.01 -5.56
C VAL A 81 5.86 -5.03 -6.24
N THR A 82 6.66 -5.77 -5.46
CA THR A 82 7.71 -6.62 -6.02
C THR A 82 8.25 -7.58 -4.97
N GLU A 83 8.86 -8.67 -5.45
CA GLU A 83 9.41 -9.70 -4.59
C GLU A 83 10.64 -9.19 -3.83
N ARG A 84 10.91 -9.77 -2.66
CA ARG A 84 12.02 -9.35 -1.81
C ARG A 84 12.55 -10.51 -0.96
N THR A 85 11.95 -11.70 -1.08
CA THR A 85 12.35 -12.87 -0.31
C THR A 85 13.74 -13.35 -0.70
N ASP A 86 14.22 -12.92 -1.87
CA ASP A 86 15.53 -13.32 -2.38
C ASP A 86 16.56 -12.21 -2.19
N ALA A 87 16.17 -11.09 -1.56
CA ALA A 87 17.06 -9.96 -1.33
C ALA A 87 18.06 -10.26 -0.21
N LEU A 88 17.85 -11.36 0.52
CA LEU A 88 18.65 -11.68 1.68
C LEU A 88 18.67 -13.18 1.92
N GLU A 89 19.49 -13.61 2.89
CA GLU A 89 19.60 -15.00 3.28
C GLU A 89 19.84 -15.11 4.78
N LEU A 90 19.58 -16.30 5.35
CA LEU A 90 19.79 -16.56 6.77
C LEU A 90 21.27 -16.67 7.12
N VAL A 91 22.11 -16.88 6.10
CA VAL A 91 23.55 -17.00 6.27
C VAL A 91 24.13 -15.65 6.75
N PRO A 92 25.09 -15.66 7.69
CA PRO A 92 25.74 -14.46 8.18
C PRO A 92 26.40 -13.63 7.07
N ARG A 93 26.65 -12.36 7.36
CA ARG A 93 27.27 -11.44 6.41
C ARG A 93 28.02 -10.33 7.14
N MET A 1 -8.73 -0.95 -19.71
CA MET A 1 -8.35 -1.67 -18.47
C MET A 1 -7.37 -2.80 -18.78
N ALA A 2 -6.72 -3.33 -17.75
CA ALA A 2 -5.73 -4.40 -17.89
C ALA A 2 -5.79 -5.37 -16.72
N GLY A 3 -6.95 -5.46 -16.05
CA GLY A 3 -7.13 -6.31 -14.88
C GLY A 3 -6.63 -5.61 -13.62
N PRO A 4 -6.79 -6.24 -12.45
CA PRO A 4 -6.43 -5.65 -11.18
C PRO A 4 -4.92 -5.45 -11.06
N MET A 5 -4.53 -4.62 -10.10
CA MET A 5 -3.15 -4.24 -9.85
C MET A 5 -2.98 -3.97 -8.36
N ARG A 6 -1.79 -4.23 -7.81
CA ARG A 6 -1.56 -4.13 -6.38
C ARG A 6 -0.31 -3.31 -6.10
N LEU A 7 -0.37 -2.47 -5.06
CA LEU A 7 0.69 -1.53 -4.72
C LEU A 7 1.10 -1.66 -3.26
N TYR A 8 2.29 -1.16 -2.95
CA TYR A 8 2.75 -0.99 -1.58
C TYR A 8 2.35 0.42 -1.13
N VAL A 9 2.06 0.58 0.16
CA VAL A 9 1.75 1.87 0.77
C VAL A 9 2.55 1.97 2.05
N GLY A 10 3.21 3.10 2.28
CA GLY A 10 4.05 3.27 3.47
C GLY A 10 4.30 4.73 3.77
N SER A 11 5.24 4.98 4.70
CA SER A 11 5.45 6.32 5.25
C SER A 11 4.21 6.78 6.04
N LEU A 12 3.31 5.84 6.33
CA LEU A 12 2.11 6.02 7.12
C LEU A 12 2.43 5.94 8.62
N HIS A 13 1.80 6.79 9.43
CA HIS A 13 1.93 6.69 10.87
C HIS A 13 1.19 5.46 11.38
N PHE A 14 1.45 5.02 12.62
CA PHE A 14 0.66 3.96 13.21
C PHE A 14 -0.78 4.45 13.40
N ASN A 15 -0.94 5.78 13.46
CA ASN A 15 -2.25 6.41 13.55
C ASN A 15 -3.08 6.16 12.29
N ILE A 16 -2.46 5.73 11.19
CA ILE A 16 -3.19 5.41 9.97
C ILE A 16 -3.83 4.03 10.09
N THR A 17 -4.92 3.80 9.35
CA THR A 17 -5.66 2.55 9.40
C THR A 17 -6.09 2.11 8.01
N GLU A 18 -6.52 0.85 7.92
CA GLU A 18 -6.96 0.25 6.69
C GLU A 18 -8.22 0.94 6.17
N ASP A 19 -8.97 1.56 7.08
CA ASP A 19 -10.20 2.27 6.78
C ASP A 19 -9.90 3.59 6.08
N MET A 20 -8.85 4.30 6.49
CA MET A 20 -8.51 5.54 5.84
C MET A 20 -8.07 5.27 4.42
N LEU A 21 -7.16 4.31 4.21
CA LEU A 21 -6.71 3.96 2.88
C LEU A 21 -7.91 3.61 2.00
N ARG A 22 -8.97 3.04 2.58
CA ARG A 22 -10.16 2.71 1.79
C ARG A 22 -10.73 3.98 1.16
N GLY A 23 -10.75 5.07 1.91
CA GLY A 23 -11.27 6.34 1.42
C GLY A 23 -10.23 7.14 0.63
N ILE A 24 -8.94 6.78 0.76
CA ILE A 24 -7.86 7.50 0.08
C ILE A 24 -7.76 7.08 -1.39
N PHE A 25 -7.78 5.77 -1.66
CA PHE A 25 -7.51 5.25 -2.99
C PHE A 25 -8.78 4.94 -3.77
N GLU A 26 -9.93 4.82 -3.09
CA GLU A 26 -11.19 4.48 -3.74
C GLU A 26 -11.65 5.49 -4.81
N PRO A 27 -11.57 6.81 -4.58
CA PRO A 27 -11.99 7.80 -5.57
C PRO A 27 -11.11 7.77 -6.82
N PHE A 28 -9.96 7.10 -6.77
CA PHE A 28 -9.06 7.00 -7.92
C PHE A 28 -9.24 5.68 -8.68
N GLY A 29 -9.81 4.67 -8.01
CA GLY A 29 -9.96 3.34 -8.57
C GLY A 29 -10.74 2.45 -7.61
N ARG A 30 -11.56 1.54 -8.13
CA ARG A 30 -12.36 0.67 -7.28
C ARG A 30 -11.39 -0.23 -6.52
N ILE A 31 -11.45 -0.19 -5.19
CA ILE A 31 -10.55 -1.00 -4.38
C ILE A 31 -11.03 -2.45 -4.37
N GLU A 32 -10.12 -3.37 -4.73
CA GLU A 32 -10.43 -4.79 -4.75
C GLU A 32 -10.07 -5.44 -3.42
N SER A 33 -9.04 -4.93 -2.74
CA SER A 33 -8.64 -5.45 -1.44
C SER A 33 -7.63 -4.53 -0.77
N ILE A 34 -7.45 -4.70 0.54
CA ILE A 34 -6.42 -4.01 1.31
C ILE A 34 -5.90 -4.98 2.37
N GLN A 35 -4.63 -4.81 2.76
CA GLN A 35 -3.99 -5.61 3.79
C GLN A 35 -2.98 -4.73 4.54
N LEU A 36 -3.46 -4.00 5.54
CA LEU A 36 -2.62 -3.15 6.37
C LEU A 36 -1.71 -4.06 7.19
N MET A 37 -0.41 -3.79 7.18
CA MET A 37 0.55 -4.63 7.86
C MET A 37 0.46 -4.42 9.37
N MET A 38 0.59 -5.52 10.11
CA MET A 38 0.49 -5.55 11.57
C MET A 38 1.53 -6.50 12.13
N ASP A 39 2.06 -6.18 13.32
CA ASP A 39 3.12 -6.96 13.95
C ASP A 39 2.59 -8.33 14.38
N SER A 40 3.36 -9.38 14.11
CA SER A 40 2.99 -10.73 14.54
C SER A 40 3.23 -10.90 16.03
N GLU A 41 4.17 -10.12 16.58
CA GLU A 41 4.62 -10.30 17.94
C GLU A 41 3.80 -9.47 18.95
N THR A 42 3.18 -8.39 18.50
CA THR A 42 2.44 -7.49 19.39
C THR A 42 1.06 -7.13 18.86
N GLY A 43 0.76 -7.48 17.61
CA GLY A 43 -0.53 -7.17 17.01
C GLY A 43 -0.71 -5.69 16.69
N ARG A 44 0.31 -4.86 16.97
CA ARG A 44 0.26 -3.43 16.70
C ARG A 44 0.36 -3.18 15.19
N SER A 45 0.16 -1.92 14.78
CA SER A 45 0.26 -1.54 13.38
C SER A 45 1.70 -1.69 12.90
N LYS A 46 1.93 -1.41 11.61
CA LYS A 46 3.27 -1.30 11.05
C LYS A 46 3.36 -0.06 10.19
N GLY A 47 2.30 0.76 10.20
CA GLY A 47 2.17 1.94 9.36
C GLY A 47 1.83 1.55 7.93
N TYR A 48 2.72 0.79 7.27
CA TYR A 48 2.56 0.47 5.87
C TYR A 48 1.56 -0.67 5.67
N GLY A 49 1.20 -0.92 4.41
CA GLY A 49 0.22 -1.94 4.06
C GLY A 49 0.07 -2.10 2.55
N PHE A 50 -0.73 -3.09 2.15
CA PHE A 50 -0.95 -3.44 0.75
C PHE A 50 -2.35 -3.08 0.32
N ILE A 51 -2.55 -2.88 -0.99
CA ILE A 51 -3.84 -2.48 -1.53
C ILE A 51 -3.94 -2.88 -3.00
N THR A 52 -5.13 -3.34 -3.42
CA THR A 52 -5.37 -3.83 -4.77
C THR A 52 -6.49 -3.02 -5.41
N PHE A 53 -6.38 -2.82 -6.73
CA PHE A 53 -7.30 -2.01 -7.51
C PHE A 53 -7.96 -2.85 -8.60
N SER A 54 -9.05 -2.31 -9.17
CA SER A 54 -9.82 -2.98 -10.21
C SER A 54 -9.16 -2.86 -11.58
N ASP A 55 -8.22 -1.92 -11.72
CA ASP A 55 -7.54 -1.67 -12.99
C ASP A 55 -6.14 -1.13 -12.71
N SER A 56 -5.18 -1.47 -13.57
CA SER A 56 -3.81 -1.01 -13.39
C SER A 56 -3.70 0.48 -13.61
N GLU A 57 -4.51 1.06 -14.50
CA GLU A 57 -4.40 2.49 -14.79
C GLU A 57 -5.02 3.31 -13.67
N CYS A 58 -5.94 2.70 -12.91
CA CYS A 58 -6.54 3.36 -11.76
C CYS A 58 -5.62 3.23 -10.54
N ALA A 59 -4.78 2.20 -10.51
CA ALA A 59 -3.80 2.01 -9.45
C ALA A 59 -2.64 2.96 -9.70
N LYS A 60 -2.22 3.04 -10.97
CA LYS A 60 -1.16 3.92 -11.43
C LYS A 60 -1.53 5.38 -11.22
N LYS A 61 -2.83 5.71 -11.22
CA LYS A 61 -3.27 7.07 -10.96
C LYS A 61 -3.18 7.35 -9.46
N ALA A 62 -3.85 6.54 -8.64
CA ALA A 62 -3.82 6.69 -7.19
C ALA A 62 -2.39 6.59 -6.66
N LEU A 63 -1.50 5.96 -7.43
CA LEU A 63 -0.09 5.88 -7.10
C LEU A 63 0.52 7.27 -7.11
N GLU A 64 0.64 7.87 -8.29
CA GLU A 64 1.32 9.15 -8.40
C GLU A 64 0.55 10.29 -7.74
N GLN A 65 -0.76 10.09 -7.48
CA GLN A 65 -1.58 11.11 -6.86
C GLN A 65 -1.40 11.15 -5.34
N LEU A 66 -1.33 10.00 -4.68
CA LEU A 66 -1.11 9.98 -3.24
C LEU A 66 0.37 9.82 -2.90
N ASN A 67 1.22 9.52 -3.88
CA ASN A 67 2.66 9.45 -3.68
C ASN A 67 3.16 10.80 -3.18
N GLY A 68 3.50 10.84 -1.89
CA GLY A 68 3.95 12.03 -1.19
C GLY A 68 2.82 12.89 -0.61
N PHE A 69 1.59 12.38 -0.60
CA PHE A 69 0.48 13.08 0.01
C PHE A 69 0.60 13.03 1.53
N GLU A 70 0.50 14.18 2.19
CA GLU A 70 0.62 14.31 3.63
C GLU A 70 -0.59 13.74 4.37
N LEU A 71 -0.76 12.42 4.32
CA LEU A 71 -1.79 11.77 5.12
C LEU A 71 -1.31 11.86 6.57
N ALA A 72 -2.15 12.34 7.47
CA ALA A 72 -1.78 12.61 8.85
C ALA A 72 -0.55 13.53 8.94
N GLY A 73 -0.25 14.27 7.87
CA GLY A 73 0.82 15.26 7.84
C GLY A 73 2.16 14.71 7.37
N ARG A 74 2.30 13.39 7.20
CA ARG A 74 3.52 12.82 6.65
C ARG A 74 3.24 12.31 5.24
N PRO A 75 4.08 12.66 4.26
CA PRO A 75 3.92 12.25 2.88
C PRO A 75 4.00 10.73 2.78
N MET A 76 2.90 10.08 2.37
CA MET A 76 2.90 8.64 2.21
C MET A 76 3.72 8.28 0.99
N LYS A 77 4.11 7.00 0.88
CA LYS A 77 4.77 6.49 -0.30
C LYS A 77 3.88 5.44 -0.94
N VAL A 78 3.90 5.39 -2.26
CA VAL A 78 3.17 4.39 -3.01
C VAL A 78 4.05 3.93 -4.17
N GLY A 79 3.88 2.69 -4.62
CA GLY A 79 4.62 2.17 -5.75
C GLY A 79 4.27 0.72 -6.02
N HIS A 80 4.80 0.17 -7.11
CA HIS A 80 4.51 -1.20 -7.51
C HIS A 80 5.10 -2.16 -6.49
N VAL A 81 4.57 -3.38 -6.46
CA VAL A 81 4.89 -4.34 -5.43
C VAL A 81 5.79 -5.45 -5.99
N THR A 82 6.50 -6.16 -5.12
CA THR A 82 7.54 -7.11 -5.52
C THR A 82 8.01 -7.92 -4.31
N GLU A 83 8.68 -9.04 -4.58
CA GLU A 83 9.17 -9.91 -3.53
C GLU A 83 10.32 -9.23 -2.79
N ARG A 84 10.38 -9.41 -1.47
CA ARG A 84 11.42 -8.80 -0.65
C ARG A 84 12.75 -9.50 -0.89
N THR A 85 13.86 -8.76 -0.73
CA THR A 85 15.20 -9.29 -0.94
C THR A 85 15.54 -10.39 0.06
N ASP A 86 14.81 -10.45 1.18
CA ASP A 86 15.05 -11.42 2.23
C ASP A 86 14.16 -12.65 2.11
N ALA A 87 13.36 -12.72 1.04
CA ALA A 87 12.43 -13.82 0.82
C ALA A 87 13.16 -15.12 0.46
N LEU A 88 14.47 -15.04 0.18
CA LEU A 88 15.25 -16.19 -0.24
C LEU A 88 16.72 -16.02 0.12
N GLU A 89 17.51 -17.06 -0.13
CA GLU A 89 18.94 -17.09 0.07
C GLU A 89 19.65 -16.12 -0.88
N LEU A 90 20.97 -16.02 -0.75
CA LEU A 90 21.80 -15.14 -1.57
C LEU A 90 21.82 -15.59 -3.03
N VAL A 91 21.37 -16.82 -3.30
CA VAL A 91 21.33 -17.40 -4.64
C VAL A 91 20.01 -18.15 -4.84
N PRO A 92 19.61 -18.39 -6.10
CA PRO A 92 18.39 -19.11 -6.42
C PRO A 92 18.33 -20.50 -5.79
N ARG A 93 17.11 -21.01 -5.59
CA ARG A 93 16.88 -22.33 -5.00
C ARG A 93 17.33 -23.44 -5.95
N MET A 1 -4.78 -8.55 -21.77
CA MET A 1 -6.14 -8.47 -21.18
C MET A 1 -6.11 -7.68 -19.88
N ALA A 2 -7.19 -6.93 -19.61
CA ALA A 2 -7.30 -6.12 -18.41
C ALA A 2 -7.38 -6.99 -17.16
N GLY A 3 -7.08 -6.38 -16.01
CA GLY A 3 -7.12 -7.07 -14.72
C GLY A 3 -6.72 -6.14 -13.58
N PRO A 4 -6.80 -6.60 -12.33
CA PRO A 4 -6.46 -5.84 -11.15
C PRO A 4 -4.96 -5.56 -11.06
N MET A 5 -4.59 -4.70 -10.11
CA MET A 5 -3.22 -4.32 -9.85
C MET A 5 -3.04 -4.05 -8.36
N ARG A 6 -1.86 -4.31 -7.81
CA ARG A 6 -1.62 -4.18 -6.38
C ARG A 6 -0.37 -3.36 -6.12
N LEU A 7 -0.43 -2.50 -5.09
CA LEU A 7 0.63 -1.56 -4.77
C LEU A 7 1.05 -1.68 -3.32
N TYR A 8 2.25 -1.17 -3.03
CA TYR A 8 2.73 -0.98 -1.67
C TYR A 8 2.33 0.42 -1.20
N VAL A 9 2.08 0.55 0.10
CA VAL A 9 1.78 1.82 0.75
C VAL A 9 2.62 1.90 2.02
N GLY A 10 3.21 3.06 2.31
CA GLY A 10 4.05 3.21 3.48
C GLY A 10 4.32 4.67 3.83
N SER A 11 5.25 4.90 4.75
CA SER A 11 5.47 6.22 5.33
C SER A 11 4.24 6.69 6.10
N LEU A 12 3.32 5.76 6.37
CA LEU A 12 2.12 5.96 7.17
C LEU A 12 2.43 5.88 8.65
N HIS A 13 1.81 6.74 9.47
CA HIS A 13 1.95 6.64 10.91
C HIS A 13 1.19 5.41 11.42
N PHE A 14 1.43 4.99 12.67
CA PHE A 14 0.61 3.93 13.25
C PHE A 14 -0.81 4.44 13.44
N ASN A 15 -0.97 5.78 13.51
CA ASN A 15 -2.27 6.41 13.58
C ASN A 15 -3.09 6.17 12.30
N ILE A 16 -2.45 5.74 11.20
CA ILE A 16 -3.16 5.43 9.97
C ILE A 16 -3.82 4.06 10.09
N THR A 17 -4.90 3.84 9.35
CA THR A 17 -5.64 2.60 9.42
C THR A 17 -6.07 2.16 8.03
N GLU A 18 -6.50 0.89 7.93
CA GLU A 18 -6.94 0.29 6.69
C GLU A 18 -8.21 0.98 6.18
N ASP A 19 -8.95 1.59 7.10
CA ASP A 19 -10.18 2.32 6.81
C ASP A 19 -9.89 3.64 6.10
N MET A 20 -8.84 4.35 6.53
CA MET A 20 -8.49 5.58 5.87
C MET A 20 -8.06 5.31 4.44
N LEU A 21 -7.16 4.33 4.24
CA LEU A 21 -6.72 3.99 2.90
C LEU A 21 -7.93 3.63 2.02
N ARG A 22 -8.99 3.07 2.60
CA ARG A 22 -10.17 2.73 1.82
C ARG A 22 -10.74 3.99 1.19
N GLY A 23 -10.76 5.10 1.94
CA GLY A 23 -11.27 6.37 1.44
C GLY A 23 -10.23 7.16 0.65
N ILE A 24 -8.94 6.81 0.78
CA ILE A 24 -7.86 7.51 0.12
C ILE A 24 -7.77 7.11 -1.36
N PHE A 25 -7.79 5.80 -1.63
CA PHE A 25 -7.53 5.28 -2.97
C PHE A 25 -8.81 4.96 -3.75
N GLU A 26 -9.95 4.85 -3.07
CA GLU A 26 -11.22 4.53 -3.72
C GLU A 26 -11.66 5.53 -4.78
N PRO A 27 -11.58 6.85 -4.56
CA PRO A 27 -11.99 7.83 -5.55
C PRO A 27 -11.11 7.80 -6.81
N PHE A 28 -9.96 7.12 -6.75
CA PHE A 28 -9.07 7.00 -7.90
C PHE A 28 -9.24 5.67 -8.63
N GLY A 29 -9.82 4.67 -7.97
CA GLY A 29 -9.98 3.34 -8.54
C GLY A 29 -10.77 2.46 -7.59
N ARG A 30 -11.58 1.54 -8.13
CA ARG A 30 -12.38 0.65 -7.28
C ARG A 30 -11.42 -0.23 -6.50
N ILE A 31 -11.47 -0.16 -5.17
CA ILE A 31 -10.58 -0.95 -4.35
C ILE A 31 -11.05 -2.40 -4.33
N GLU A 32 -10.17 -3.31 -4.68
CA GLU A 32 -10.47 -4.74 -4.71
C GLU A 32 -10.10 -5.39 -3.39
N SER A 33 -9.06 -4.88 -2.71
CA SER A 33 -8.66 -5.40 -1.41
C SER A 33 -7.65 -4.48 -0.75
N ILE A 34 -7.46 -4.66 0.56
CA ILE A 34 -6.43 -3.98 1.33
C ILE A 34 -5.90 -4.94 2.40
N GLN A 35 -4.63 -4.78 2.77
CA GLN A 35 -3.97 -5.56 3.79
C GLN A 35 -2.95 -4.69 4.52
N LEU A 36 -3.43 -3.96 5.52
CA LEU A 36 -2.56 -3.12 6.35
C LEU A 36 -1.68 -4.05 7.18
N MET A 37 -0.38 -3.78 7.19
CA MET A 37 0.56 -4.62 7.89
C MET A 37 0.45 -4.43 9.40
N MET A 38 0.56 -5.54 10.13
CA MET A 38 0.43 -5.57 11.58
C MET A 38 1.46 -6.53 12.16
N ASP A 39 1.95 -6.23 13.37
CA ASP A 39 2.98 -7.02 14.03
C ASP A 39 2.42 -8.38 14.44
N SER A 40 3.18 -9.46 14.22
CA SER A 40 2.77 -10.79 14.63
C SER A 40 2.95 -10.94 16.13
N GLU A 41 3.91 -10.21 16.70
CA GLU A 41 4.30 -10.39 18.09
C GLU A 41 3.47 -9.54 19.06
N THR A 42 2.86 -8.44 18.57
CA THR A 42 2.12 -7.52 19.43
C THR A 42 0.75 -7.15 18.87
N GLY A 43 0.49 -7.49 17.61
CA GLY A 43 -0.79 -7.17 16.97
C GLY A 43 -0.92 -5.68 16.64
N ARG A 44 0.11 -4.87 16.93
CA ARG A 44 0.10 -3.43 16.66
C ARG A 44 0.25 -3.18 15.17
N SER A 45 0.07 -1.93 14.76
CA SER A 45 0.20 -1.53 13.37
C SER A 45 1.65 -1.69 12.90
N LYS A 46 1.91 -1.41 11.62
CA LYS A 46 3.27 -1.31 11.08
C LYS A 46 3.38 -0.07 10.19
N GLY A 47 2.31 0.73 10.16
CA GLY A 47 2.22 1.89 9.29
C GLY A 47 1.92 1.47 7.86
N TYR A 48 2.84 0.73 7.22
CA TYR A 48 2.71 0.41 5.81
C TYR A 48 1.69 -0.69 5.60
N GLY A 49 1.30 -0.93 4.35
CA GLY A 49 0.29 -1.92 4.02
C GLY A 49 0.10 -2.07 2.51
N PHE A 50 -0.70 -3.07 2.12
CA PHE A 50 -0.94 -3.43 0.73
C PHE A 50 -2.35 -3.07 0.31
N ILE A 51 -2.56 -2.88 -0.99
CA ILE A 51 -3.85 -2.47 -1.52
C ILE A 51 -3.97 -2.87 -3.00
N THR A 52 -5.17 -3.31 -3.40
CA THR A 52 -5.42 -3.81 -4.75
C THR A 52 -6.52 -3.00 -5.42
N PHE A 53 -6.41 -2.82 -6.73
CA PHE A 53 -7.31 -2.02 -7.54
C PHE A 53 -7.96 -2.85 -8.63
N SER A 54 -9.05 -2.34 -9.20
CA SER A 54 -9.81 -3.01 -10.25
C SER A 54 -9.11 -2.93 -11.61
N ASP A 55 -8.17 -2.00 -11.75
CA ASP A 55 -7.45 -1.78 -12.99
C ASP A 55 -6.07 -1.22 -12.70
N SER A 56 -5.09 -1.52 -13.56
CA SER A 56 -3.74 -1.03 -13.37
C SER A 56 -3.67 0.48 -13.57
N GLU A 57 -4.48 1.03 -14.47
CA GLU A 57 -4.45 2.45 -14.76
C GLU A 57 -5.07 3.25 -13.62
N CYS A 58 -5.97 2.63 -12.86
CA CYS A 58 -6.57 3.27 -11.71
C CYS A 58 -5.65 3.16 -10.49
N ALA A 59 -4.77 2.16 -10.48
CA ALA A 59 -3.78 2.01 -9.43
C ALA A 59 -2.65 2.98 -9.69
N LYS A 60 -2.24 3.06 -10.96
CA LYS A 60 -1.20 3.96 -11.45
C LYS A 60 -1.58 5.41 -11.22
N LYS A 61 -2.88 5.72 -11.19
CA LYS A 61 -3.33 7.08 -10.92
C LYS A 61 -3.23 7.36 -9.42
N ALA A 62 -3.87 6.54 -8.59
CA ALA A 62 -3.81 6.71 -7.15
C ALA A 62 -2.38 6.61 -6.62
N LEU A 63 -1.50 5.98 -7.42
CA LEU A 63 -0.09 5.89 -7.12
C LEU A 63 0.52 7.28 -7.13
N GLU A 64 0.61 7.90 -8.30
CA GLU A 64 1.31 9.18 -8.42
C GLU A 64 0.52 10.31 -7.74
N GLN A 65 -0.77 10.10 -7.47
CA GLN A 65 -1.60 11.11 -6.82
C GLN A 65 -1.38 11.16 -5.31
N LEU A 66 -1.31 10.00 -4.65
CA LEU A 66 -1.09 9.98 -3.22
C LEU A 66 0.39 9.81 -2.88
N ASN A 67 1.23 9.49 -3.86
CA ASN A 67 2.67 9.39 -3.67
C ASN A 67 3.19 10.74 -3.18
N GLY A 68 3.58 10.79 -1.90
CA GLY A 68 4.09 11.97 -1.22
C GLY A 68 2.97 12.84 -0.64
N PHE A 69 1.72 12.36 -0.62
CA PHE A 69 0.63 13.08 0.00
C PHE A 69 0.75 13.01 1.52
N GLU A 70 0.69 14.16 2.18
CA GLU A 70 0.81 14.28 3.64
C GLU A 70 -0.42 13.72 4.35
N LEU A 71 -0.61 12.41 4.30
CA LEU A 71 -1.66 11.78 5.10
C LEU A 71 -1.18 11.85 6.55
N ALA A 72 -2.02 12.37 7.44
CA ALA A 72 -1.64 12.64 8.83
C ALA A 72 -0.39 13.52 8.93
N GLY A 73 -0.06 14.25 7.86
CA GLY A 73 1.04 15.20 7.84
C GLY A 73 2.37 14.61 7.38
N ARG A 74 2.45 13.30 7.16
CA ARG A 74 3.67 12.70 6.61
C ARG A 74 3.38 12.20 5.20
N PRO A 75 4.23 12.54 4.23
CA PRO A 75 4.05 12.13 2.84
C PRO A 75 4.11 10.61 2.72
N MET A 76 2.98 10.01 2.33
CA MET A 76 2.91 8.56 2.18
C MET A 76 3.70 8.15 0.95
N LYS A 77 4.08 6.87 0.91
CA LYS A 77 4.80 6.30 -0.21
C LYS A 77 3.87 5.33 -0.91
N VAL A 78 3.93 5.32 -2.24
CA VAL A 78 3.16 4.39 -3.05
C VAL A 78 4.04 3.93 -4.20
N GLY A 79 3.86 2.70 -4.65
CA GLY A 79 4.60 2.18 -5.80
C GLY A 79 4.25 0.73 -6.05
N HIS A 80 4.78 0.17 -7.14
CA HIS A 80 4.46 -1.21 -7.52
C HIS A 80 5.05 -2.18 -6.52
N VAL A 81 4.42 -3.34 -6.42
CA VAL A 81 4.75 -4.33 -5.40
C VAL A 81 5.69 -5.39 -5.98
N THR A 82 6.47 -6.07 -5.13
CA THR A 82 7.54 -6.95 -5.57
C THR A 82 8.11 -7.73 -4.38
N GLU A 83 8.81 -8.82 -4.67
CA GLU A 83 9.39 -9.65 -3.64
C GLU A 83 10.46 -8.89 -2.86
N ARG A 84 10.59 -9.15 -1.57
CA ARG A 84 11.55 -8.47 -0.72
C ARG A 84 12.98 -8.84 -1.14
N THR A 85 13.91 -7.90 -1.03
CA THR A 85 15.30 -8.10 -1.42
C THR A 85 16.00 -9.12 -0.53
N ASP A 86 15.43 -9.39 0.66
CA ASP A 86 16.01 -10.32 1.61
C ASP A 86 15.45 -11.74 1.45
N ALA A 87 14.53 -11.93 0.50
CA ALA A 87 13.90 -13.22 0.26
C ALA A 87 14.86 -14.19 -0.45
N LEU A 88 15.98 -13.67 -0.97
CA LEU A 88 16.91 -14.45 -1.77
C LEU A 88 18.31 -13.87 -1.70
N GLU A 89 19.27 -14.58 -2.30
CA GLU A 89 20.65 -14.13 -2.36
C GLU A 89 21.27 -14.55 -3.68
N LEU A 90 22.36 -13.88 -4.07
CA LEU A 90 23.06 -14.15 -5.31
C LEU A 90 23.81 -15.48 -5.22
N VAL A 91 24.13 -16.05 -6.38
CA VAL A 91 24.86 -17.32 -6.47
C VAL A 91 26.28 -17.12 -5.95
N PRO A 92 26.81 -18.07 -5.16
CA PRO A 92 28.17 -18.00 -4.63
C PRO A 92 29.21 -18.17 -5.74
N ARG A 93 30.44 -17.74 -5.46
CA ARG A 93 31.55 -17.84 -6.40
C ARG A 93 32.00 -19.28 -6.56
N MET A 1 -2.08 -1.85 -18.25
CA MET A 1 -2.21 -3.32 -18.35
C MET A 1 -3.58 -3.77 -17.86
N ALA A 2 -4.09 -4.88 -18.40
CA ALA A 2 -5.38 -5.43 -18.02
C ALA A 2 -5.30 -6.12 -16.65
N GLY A 3 -6.47 -6.37 -16.04
CA GLY A 3 -6.57 -7.03 -14.76
C GLY A 3 -6.21 -6.08 -13.61
N PRO A 4 -6.30 -6.58 -12.36
CA PRO A 4 -6.00 -5.82 -11.16
C PRO A 4 -4.50 -5.52 -11.05
N MET A 5 -4.18 -4.65 -10.09
CA MET A 5 -2.81 -4.22 -9.81
C MET A 5 -2.67 -3.96 -8.32
N ARG A 6 -1.48 -4.21 -7.75
CA ARG A 6 -1.27 -4.10 -6.32
C ARG A 6 -0.03 -3.24 -6.03
N LEU A 7 -0.13 -2.40 -5.00
CA LEU A 7 0.90 -1.44 -4.67
C LEU A 7 1.30 -1.55 -3.21
N TYR A 8 2.48 -1.00 -2.90
CA TYR A 8 2.93 -0.82 -1.52
C TYR A 8 2.46 0.56 -1.07
N VAL A 9 2.17 0.70 0.23
CA VAL A 9 1.82 1.97 0.85
C VAL A 9 2.61 2.08 2.15
N GLY A 10 3.16 3.26 2.43
CA GLY A 10 3.98 3.44 3.62
C GLY A 10 4.21 4.90 3.95
N SER A 11 5.12 5.16 4.88
CA SER A 11 5.32 6.49 5.44
C SER A 11 4.07 6.98 6.18
N LEU A 12 3.17 6.04 6.48
CA LEU A 12 1.96 6.25 7.27
C LEU A 12 2.30 6.25 8.75
N HIS A 13 1.68 7.13 9.54
CA HIS A 13 1.81 7.04 10.99
C HIS A 13 1.10 5.78 11.47
N PHE A 14 1.42 5.31 12.68
CA PHE A 14 0.66 4.20 13.25
C PHE A 14 -0.77 4.65 13.53
N ASN A 15 -0.98 5.97 13.58
CA ASN A 15 -2.31 6.55 13.70
C ASN A 15 -3.16 6.28 12.45
N ILE A 16 -2.55 5.86 11.34
CA ILE A 16 -3.28 5.54 10.12
C ILE A 16 -3.89 4.14 10.25
N THR A 17 -4.94 3.87 9.48
CA THR A 17 -5.64 2.60 9.53
C THR A 17 -6.02 2.13 8.13
N GLU A 18 -6.42 0.87 8.03
CA GLU A 18 -6.82 0.25 6.78
C GLU A 18 -8.10 0.90 6.24
N ASP A 19 -8.89 1.48 7.15
CA ASP A 19 -10.14 2.14 6.83
C ASP A 19 -9.89 3.47 6.13
N MET A 20 -8.86 4.21 6.56
CA MET A 20 -8.56 5.47 5.90
C MET A 20 -8.12 5.19 4.47
N LEU A 21 -7.19 4.25 4.27
CA LEU A 21 -6.72 3.92 2.94
C LEU A 21 -7.91 3.53 2.05
N ARG A 22 -8.95 2.92 2.63
CA ARG A 22 -10.12 2.56 1.83
C ARG A 22 -10.72 3.81 1.21
N GLY A 23 -10.78 4.92 1.96
CA GLY A 23 -11.33 6.17 1.45
C GLY A 23 -10.30 6.98 0.67
N ILE A 24 -9.02 6.65 0.78
CA ILE A 24 -7.95 7.39 0.12
C ILE A 24 -7.82 6.98 -1.35
N PHE A 25 -7.80 5.67 -1.62
CA PHE A 25 -7.51 5.15 -2.95
C PHE A 25 -8.78 4.80 -3.74
N GLU A 26 -9.93 4.66 -3.07
CA GLU A 26 -11.17 4.29 -3.71
C GLU A 26 -11.64 5.27 -4.78
N PRO A 27 -11.60 6.60 -4.56
CA PRO A 27 -12.04 7.57 -5.55
C PRO A 27 -11.15 7.57 -6.80
N PHE A 28 -9.98 6.92 -6.74
CA PHE A 28 -9.08 6.84 -7.87
C PHE A 28 -9.21 5.52 -8.63
N GLY A 29 -9.75 4.50 -7.98
CA GLY A 29 -9.87 3.16 -8.55
C GLY A 29 -10.63 2.25 -7.59
N ARG A 30 -11.40 1.29 -8.11
CA ARG A 30 -12.18 0.40 -7.27
C ARG A 30 -11.20 -0.46 -6.48
N ILE A 31 -11.25 -0.40 -5.15
CA ILE A 31 -10.34 -1.18 -4.33
C ILE A 31 -10.78 -2.64 -4.32
N GLU A 32 -9.86 -3.53 -4.69
CA GLU A 32 -10.14 -4.96 -4.71
C GLU A 32 -9.78 -5.60 -3.36
N SER A 33 -8.75 -5.06 -2.68
CA SER A 33 -8.37 -5.54 -1.36
C SER A 33 -7.37 -4.59 -0.70
N ILE A 34 -7.20 -4.74 0.62
CA ILE A 34 -6.19 -4.03 1.39
C ILE A 34 -5.66 -4.98 2.46
N GLN A 35 -4.40 -4.78 2.85
CA GLN A 35 -3.76 -5.55 3.91
C GLN A 35 -2.77 -4.65 4.62
N LEU A 36 -3.25 -3.88 5.60
CA LEU A 36 -2.39 -3.03 6.41
C LEU A 36 -1.51 -3.94 7.25
N MET A 37 -0.20 -3.69 7.22
CA MET A 37 0.74 -4.54 7.92
C MET A 37 0.63 -4.33 9.43
N MET A 38 0.70 -5.43 10.18
CA MET A 38 0.58 -5.44 11.62
C MET A 38 1.58 -6.43 12.20
N ASP A 39 2.10 -6.13 13.39
CA ASP A 39 3.10 -6.95 14.04
C ASP A 39 2.49 -8.29 14.46
N SER A 40 3.19 -9.39 14.21
CA SER A 40 2.72 -10.72 14.63
C SER A 40 2.86 -10.88 16.13
N GLU A 41 3.83 -10.18 16.72
CA GLU A 41 4.18 -10.36 18.12
C GLU A 41 3.38 -9.46 19.06
N THR A 42 2.84 -8.34 18.56
CA THR A 42 2.14 -7.38 19.40
C THR A 42 0.81 -6.93 18.81
N GLY A 43 0.54 -7.26 17.54
CA GLY A 43 -0.71 -6.90 16.89
C GLY A 43 -0.79 -5.40 16.56
N ARG A 44 0.26 -4.63 16.84
CA ARG A 44 0.30 -3.20 16.57
C ARG A 44 0.38 -2.94 15.07
N SER A 45 0.15 -1.69 14.67
CA SER A 45 0.27 -1.28 13.27
C SER A 45 1.74 -1.39 12.84
N LYS A 46 2.06 -1.07 11.58
CA LYS A 46 3.45 -1.01 11.13
C LYS A 46 3.74 0.26 10.33
N GLY A 47 2.72 1.09 10.07
CA GLY A 47 2.90 2.33 9.33
C GLY A 47 3.08 2.11 7.82
N TYR A 48 2.70 0.92 7.34
CA TYR A 48 2.67 0.61 5.92
C TYR A 48 1.72 -0.56 5.68
N GLY A 49 1.38 -0.82 4.42
CA GLY A 49 0.43 -1.86 4.08
C GLY A 49 0.27 -2.03 2.57
N PHE A 50 -0.47 -3.06 2.18
CA PHE A 50 -0.68 -3.40 0.78
C PHE A 50 -2.10 -3.09 0.35
N ILE A 51 -2.31 -2.91 -0.96
CA ILE A 51 -3.61 -2.53 -1.50
C ILE A 51 -3.71 -2.92 -2.97
N THR A 52 -4.86 -3.45 -3.38
CA THR A 52 -5.09 -3.92 -4.74
C THR A 52 -6.23 -3.13 -5.38
N PHE A 53 -6.12 -2.93 -6.70
CA PHE A 53 -7.05 -2.14 -7.49
C PHE A 53 -7.67 -2.99 -8.60
N SER A 54 -8.80 -2.53 -9.14
CA SER A 54 -9.53 -3.21 -10.20
C SER A 54 -8.88 -3.04 -11.56
N ASP A 55 -7.96 -2.06 -11.68
CA ASP A 55 -7.30 -1.75 -12.94
C ASP A 55 -5.91 -1.20 -12.64
N SER A 56 -4.94 -1.50 -13.51
CA SER A 56 -3.59 -1.02 -13.32
C SER A 56 -3.51 0.49 -13.53
N GLU A 57 -4.33 1.04 -14.44
CA GLU A 57 -4.25 2.46 -14.74
C GLU A 57 -4.89 3.28 -13.62
N CYS A 58 -5.80 2.65 -12.85
CA CYS A 58 -6.41 3.29 -11.70
C CYS A 58 -5.48 3.21 -10.50
N ALA A 59 -4.63 2.18 -10.46
CA ALA A 59 -3.65 2.02 -9.39
C ALA A 59 -2.51 2.99 -9.64
N LYS A 60 -2.10 3.10 -10.91
CA LYS A 60 -1.06 4.01 -11.37
C LYS A 60 -1.46 5.46 -11.16
N LYS A 61 -2.76 5.75 -11.17
CA LYS A 61 -3.24 7.09 -10.89
C LYS A 61 -3.18 7.37 -9.40
N ALA A 62 -3.83 6.54 -8.57
CA ALA A 62 -3.81 6.70 -7.12
C ALA A 62 -2.37 6.64 -6.59
N LEU A 63 -1.46 6.02 -7.36
CA LEU A 63 -0.06 5.98 -7.03
C LEU A 63 0.50 7.38 -7.04
N GLU A 64 0.61 8.00 -8.21
CA GLU A 64 1.26 9.30 -8.32
C GLU A 64 0.45 10.41 -7.65
N GLN A 65 -0.84 10.17 -7.40
CA GLN A 65 -1.70 11.16 -6.76
C GLN A 65 -1.52 11.19 -5.26
N LEU A 66 -1.44 10.04 -4.59
CA LEU A 66 -1.23 10.02 -3.15
C LEU A 66 0.24 9.88 -2.79
N ASN A 67 1.10 9.61 -3.77
CA ASN A 67 2.55 9.56 -3.55
C ASN A 67 3.00 10.93 -3.04
N GLY A 68 3.38 10.98 -1.77
CA GLY A 68 3.81 12.19 -1.09
C GLY A 68 2.66 13.02 -0.54
N PHE A 69 1.43 12.50 -0.54
CA PHE A 69 0.29 13.19 0.04
C PHE A 69 0.38 13.15 1.56
N GLU A 70 0.26 14.31 2.20
CA GLU A 70 0.35 14.47 3.65
C GLU A 70 -0.86 13.87 4.38
N LEU A 71 -0.99 12.54 4.35
CA LEU A 71 -2.01 11.87 5.15
C LEU A 71 -1.58 12.01 6.60
N ALA A 72 -2.47 12.50 7.47
CA ALA A 72 -2.13 12.80 8.85
C ALA A 72 -0.93 13.76 8.96
N GLY A 73 -0.63 14.50 7.88
CA GLY A 73 0.42 15.50 7.85
C GLY A 73 1.78 14.98 7.42
N ARG A 74 1.93 13.65 7.21
CA ARG A 74 3.19 13.11 6.71
C ARG A 74 2.95 12.54 5.30
N PRO A 75 3.82 12.90 4.34
CA PRO A 75 3.69 12.44 2.97
C PRO A 75 3.81 10.92 2.90
N MET A 76 2.73 10.24 2.48
CA MET A 76 2.74 8.80 2.34
C MET A 76 3.58 8.41 1.13
N LYS A 77 3.95 7.13 1.07
CA LYS A 77 4.68 6.58 -0.06
C LYS A 77 3.79 5.58 -0.77
N VAL A 78 3.87 5.57 -2.10
CA VAL A 78 3.16 4.59 -2.90
C VAL A 78 4.08 4.18 -4.04
N GLY A 79 3.96 2.93 -4.48
CA GLY A 79 4.74 2.44 -5.61
C GLY A 79 4.45 0.97 -5.88
N HIS A 80 4.96 0.45 -6.99
CA HIS A 80 4.68 -0.92 -7.37
C HIS A 80 5.30 -1.91 -6.39
N VAL A 81 4.61 -3.02 -6.19
CA VAL A 81 5.03 -4.06 -5.26
C VAL A 81 5.96 -5.03 -5.97
N THR A 82 6.67 -5.91 -5.25
CA THR A 82 7.68 -6.73 -5.88
C THR A 82 8.05 -7.95 -5.04
N GLU A 83 8.49 -9.00 -5.73
CA GLU A 83 8.84 -10.28 -5.15
C GLU A 83 10.21 -10.22 -4.47
N ARG A 84 10.33 -9.35 -3.47
CA ARG A 84 11.57 -9.14 -2.73
C ARG A 84 12.03 -10.41 -2.03
N THR A 85 11.13 -11.39 -1.85
CA THR A 85 11.46 -12.66 -1.23
C THR A 85 12.39 -13.48 -2.10
N ASP A 86 12.48 -13.15 -3.39
CA ASP A 86 13.32 -13.86 -4.34
C ASP A 86 14.61 -13.09 -4.63
N ALA A 87 14.84 -11.97 -3.93
CA ALA A 87 16.03 -11.16 -4.10
C ALA A 87 17.28 -11.87 -3.55
N LEU A 88 17.08 -12.98 -2.83
CA LEU A 88 18.16 -13.68 -2.15
C LEU A 88 17.83 -15.15 -1.99
N GLU A 89 18.81 -15.93 -1.51
CA GLU A 89 18.63 -17.35 -1.26
C GLU A 89 19.41 -17.78 -0.02
N LEU A 90 19.02 -18.90 0.57
CA LEU A 90 19.68 -19.44 1.75
C LEU A 90 21.04 -20.02 1.39
N VAL A 91 21.89 -20.21 2.42
CA VAL A 91 23.23 -20.75 2.23
C VAL A 91 23.14 -22.21 1.77
N PRO A 92 23.92 -22.59 0.75
CA PRO A 92 23.88 -23.93 0.15
C PRO A 92 24.51 -25.00 1.06
N ARG A 93 25.06 -24.60 2.21
CA ARG A 93 25.70 -25.51 3.15
C ARG A 93 24.67 -26.48 3.76
N MET A 1 -2.04 -2.10 -18.00
CA MET A 1 -2.70 -2.55 -19.23
C MET A 1 -4.15 -2.94 -18.96
N ALA A 2 -4.36 -4.05 -18.22
CA ALA A 2 -5.70 -4.53 -17.91
C ALA A 2 -5.67 -5.41 -16.65
N GLY A 3 -6.84 -5.69 -16.09
CA GLY A 3 -6.98 -6.49 -14.88
C GLY A 3 -6.58 -5.70 -13.63
N PRO A 4 -6.73 -6.30 -12.45
CA PRO A 4 -6.40 -5.67 -11.18
C PRO A 4 -4.89 -5.44 -11.05
N MET A 5 -4.52 -4.62 -10.08
CA MET A 5 -3.13 -4.25 -9.83
C MET A 5 -2.96 -3.98 -8.34
N ARG A 6 -1.79 -4.28 -7.78
CA ARG A 6 -1.55 -4.17 -6.35
C ARG A 6 -0.32 -3.32 -6.09
N LEU A 7 -0.40 -2.45 -5.08
CA LEU A 7 0.65 -1.51 -4.76
C LEU A 7 1.10 -1.64 -3.31
N TYR A 8 2.30 -1.15 -3.04
CA TYR A 8 2.83 -0.99 -1.71
C TYR A 8 2.47 0.41 -1.19
N VAL A 9 2.26 0.53 0.12
CA VAL A 9 1.97 1.80 0.77
C VAL A 9 2.81 1.87 2.06
N GLY A 10 3.38 3.04 2.34
CA GLY A 10 4.23 3.23 3.51
C GLY A 10 4.44 4.69 3.84
N SER A 11 5.35 4.98 4.77
CA SER A 11 5.53 6.31 5.34
C SER A 11 4.30 6.74 6.14
N LEU A 12 3.40 5.79 6.41
CA LEU A 12 2.19 5.96 7.20
C LEU A 12 2.49 5.90 8.69
N HIS A 13 1.85 6.76 9.48
CA HIS A 13 1.95 6.66 10.93
C HIS A 13 1.19 5.43 11.42
N PHE A 14 1.38 5.03 12.67
CA PHE A 14 0.56 3.98 13.27
C PHE A 14 -0.86 4.50 13.44
N ASN A 15 -1.02 5.83 13.52
CA ASN A 15 -2.33 6.45 13.56
C ASN A 15 -3.12 6.19 12.28
N ILE A 16 -2.47 5.77 11.20
CA ILE A 16 -3.15 5.43 9.96
C ILE A 16 -3.80 4.06 10.09
N THR A 17 -4.88 3.82 9.34
CA THR A 17 -5.62 2.58 9.41
C THR A 17 -6.03 2.12 8.02
N GLU A 18 -6.47 0.86 7.95
CA GLU A 18 -6.91 0.25 6.71
C GLU A 18 -8.18 0.93 6.20
N ASP A 19 -8.93 1.55 7.11
CA ASP A 19 -10.16 2.27 6.81
C ASP A 19 -9.86 3.59 6.11
N MET A 20 -8.81 4.30 6.53
CA MET A 20 -8.46 5.54 5.86
C MET A 20 -8.03 5.25 4.44
N LEU A 21 -7.14 4.27 4.25
CA LEU A 21 -6.68 3.91 2.92
C LEU A 21 -7.88 3.54 2.05
N ARG A 22 -8.95 2.98 2.63
CA ARG A 22 -10.13 2.64 1.85
C ARG A 22 -10.71 3.90 1.22
N GLY A 23 -10.74 5.01 1.97
CA GLY A 23 -11.27 6.26 1.46
C GLY A 23 -10.24 7.06 0.67
N ILE A 24 -8.95 6.73 0.81
CA ILE A 24 -7.88 7.45 0.11
C ILE A 24 -7.81 7.03 -1.35
N PHE A 25 -7.78 5.72 -1.61
CA PHE A 25 -7.52 5.20 -2.94
C PHE A 25 -8.79 4.88 -3.72
N GLU A 26 -9.94 4.77 -3.04
CA GLU A 26 -11.21 4.43 -3.68
C GLU A 26 -11.66 5.45 -4.75
N PRO A 27 -11.58 6.77 -4.52
CA PRO A 27 -12.01 7.75 -5.50
C PRO A 27 -11.13 7.75 -6.74
N PHE A 28 -9.97 7.07 -6.71
CA PHE A 28 -9.08 6.97 -7.85
C PHE A 28 -9.26 5.66 -8.60
N GLY A 29 -9.84 4.65 -7.94
CA GLY A 29 -10.01 3.32 -8.52
C GLY A 29 -10.77 2.43 -7.56
N ARG A 30 -11.63 1.54 -8.07
CA ARG A 30 -12.39 0.65 -7.21
C ARG A 30 -11.40 -0.25 -6.47
N ILE A 31 -11.46 -0.24 -5.14
CA ILE A 31 -10.55 -1.05 -4.34
C ILE A 31 -11.00 -2.50 -4.34
N GLU A 32 -10.09 -3.41 -4.67
CA GLU A 32 -10.38 -4.85 -4.69
C GLU A 32 -10.00 -5.50 -3.36
N SER A 33 -8.97 -4.97 -2.68
CA SER A 33 -8.56 -5.49 -1.40
C SER A 33 -7.55 -4.56 -0.73
N ILE A 34 -7.35 -4.74 0.58
CA ILE A 34 -6.33 -4.03 1.35
C ILE A 34 -5.80 -4.97 2.42
N GLN A 35 -4.52 -4.80 2.78
CA GLN A 35 -3.88 -5.55 3.84
C GLN A 35 -2.87 -4.68 4.55
N LEU A 36 -3.34 -3.94 5.56
CA LEU A 36 -2.49 -3.10 6.39
C LEU A 36 -1.61 -4.02 7.22
N MET A 37 -0.31 -3.76 7.24
CA MET A 37 0.63 -4.60 7.95
C MET A 37 0.49 -4.42 9.45
N MET A 38 0.58 -5.52 10.19
CA MET A 38 0.41 -5.54 11.64
C MET A 38 1.42 -6.51 12.26
N ASP A 39 1.87 -6.18 13.47
CA ASP A 39 2.88 -6.97 14.18
C ASP A 39 2.27 -8.29 14.65
N SER A 40 3.02 -9.39 14.51
CA SER A 40 2.57 -10.69 15.00
C SER A 40 2.71 -10.76 16.52
N GLU A 41 3.68 -10.03 17.07
CA GLU A 41 4.04 -10.15 18.47
C GLU A 41 3.19 -9.27 19.39
N THR A 42 2.58 -8.22 18.84
CA THR A 42 1.79 -7.28 19.63
C THR A 42 0.43 -6.97 19.01
N GLY A 43 0.21 -7.34 17.76
CA GLY A 43 -1.03 -7.03 17.07
C GLY A 43 -1.14 -5.55 16.70
N ARG A 44 -0.10 -4.77 17.01
CA ARG A 44 -0.05 -3.35 16.71
C ARG A 44 0.09 -3.12 15.21
N SER A 45 -0.07 -1.87 14.78
CA SER A 45 0.09 -1.51 13.38
C SER A 45 1.56 -1.67 12.95
N LYS A 46 1.85 -1.35 11.69
CA LYS A 46 3.23 -1.25 11.20
C LYS A 46 3.37 -0.01 10.34
N GLY A 47 2.27 0.75 10.18
CA GLY A 47 2.21 1.89 9.31
C GLY A 47 1.95 1.46 7.87
N TYR A 48 2.91 0.72 7.27
CA TYR A 48 2.82 0.36 5.87
C TYR A 48 1.76 -0.72 5.64
N GLY A 49 1.42 -0.97 4.38
CA GLY A 49 0.38 -1.92 4.04
C GLY A 49 0.20 -2.08 2.53
N PHE A 50 -0.61 -3.06 2.14
CA PHE A 50 -0.83 -3.42 0.74
C PHE A 50 -2.25 -3.09 0.32
N ILE A 51 -2.47 -2.92 -0.98
CA ILE A 51 -3.77 -2.53 -1.51
C ILE A 51 -3.88 -2.91 -2.98
N THR A 52 -5.07 -3.38 -3.38
CA THR A 52 -5.32 -3.86 -4.74
C THR A 52 -6.45 -3.07 -5.38
N PHE A 53 -6.36 -2.87 -6.69
CA PHE A 53 -7.29 -2.06 -7.46
C PHE A 53 -7.96 -2.89 -8.55
N SER A 54 -9.09 -2.38 -9.07
CA SER A 54 -9.87 -3.04 -10.10
C SER A 54 -9.22 -2.91 -11.48
N ASP A 55 -8.29 -1.96 -11.63
CA ASP A 55 -7.63 -1.68 -12.91
C ASP A 55 -6.23 -1.16 -12.64
N SER A 56 -5.27 -1.50 -13.50
CA SER A 56 -3.90 -1.06 -13.34
C SER A 56 -3.79 0.44 -13.57
N GLU A 57 -4.61 1.00 -14.45
CA GLU A 57 -4.51 2.42 -14.78
C GLU A 57 -5.11 3.28 -13.66
N CYS A 58 -6.02 2.69 -12.87
CA CYS A 58 -6.59 3.35 -11.72
C CYS A 58 -5.64 3.25 -10.52
N ALA A 59 -4.81 2.20 -10.50
CA ALA A 59 -3.82 2.02 -9.46
C ALA A 59 -2.66 2.97 -9.73
N LYS A 60 -2.27 3.04 -10.99
CA LYS A 60 -1.22 3.91 -11.48
C LYS A 60 -1.58 5.38 -11.26
N LYS A 61 -2.88 5.71 -11.25
CA LYS A 61 -3.31 7.07 -10.99
C LYS A 61 -3.23 7.36 -9.50
N ALA A 62 -3.87 6.53 -8.65
CA ALA A 62 -3.81 6.69 -7.21
C ALA A 62 -2.36 6.61 -6.71
N LEU A 63 -1.48 5.98 -7.49
CA LEU A 63 -0.08 5.89 -7.17
C LEU A 63 0.52 7.29 -7.18
N GLU A 64 0.61 7.90 -8.36
CA GLU A 64 1.29 9.18 -8.48
C GLU A 64 0.53 10.31 -7.78
N GLN A 65 -0.75 10.09 -7.45
CA GLN A 65 -1.56 11.09 -6.77
C GLN A 65 -1.34 11.06 -5.26
N LEU A 66 -1.22 9.88 -4.66
CA LEU A 66 -0.99 9.78 -3.22
C LEU A 66 0.50 9.65 -2.89
N ASN A 67 1.34 9.45 -3.91
CA ASN A 67 2.78 9.40 -3.74
C ASN A 67 3.26 10.75 -3.22
N GLY A 68 3.56 10.78 -1.93
CA GLY A 68 4.01 11.96 -1.20
C GLY A 68 2.87 12.80 -0.61
N PHE A 69 1.65 12.26 -0.59
CA PHE A 69 0.52 12.96 0.04
C PHE A 69 0.68 12.94 1.55
N GLU A 70 0.60 14.12 2.17
CA GLU A 70 0.74 14.28 3.62
C GLU A 70 -0.47 13.72 4.37
N LEU A 71 -0.67 12.41 4.33
CA LEU A 71 -1.71 11.76 5.12
C LEU A 71 -1.24 11.84 6.56
N ALA A 72 -2.07 12.36 7.46
CA ALA A 72 -1.69 12.63 8.84
C ALA A 72 -0.43 13.51 8.92
N GLY A 73 -0.11 14.25 7.86
CA GLY A 73 1.00 15.19 7.82
C GLY A 73 2.32 14.60 7.37
N ARG A 74 2.40 13.28 7.12
CA ARG A 74 3.62 12.69 6.60
C ARG A 74 3.36 12.16 5.20
N PRO A 75 4.20 12.50 4.21
CA PRO A 75 4.04 12.07 2.83
C PRO A 75 4.08 10.56 2.71
N MET A 76 2.94 9.96 2.35
CA MET A 76 2.81 8.53 2.19
C MET A 76 3.45 8.10 0.89
N LYS A 77 4.16 6.98 0.91
CA LYS A 77 4.79 6.45 -0.29
C LYS A 77 3.84 5.48 -0.95
N VAL A 78 3.88 5.43 -2.28
CA VAL A 78 3.13 4.46 -3.06
C VAL A 78 4.01 4.00 -4.21
N GLY A 79 3.84 2.75 -4.66
CA GLY A 79 4.60 2.25 -5.79
C GLY A 79 4.23 0.80 -6.10
N HIS A 80 4.76 0.28 -7.21
CA HIS A 80 4.45 -1.09 -7.61
C HIS A 80 5.07 -2.07 -6.62
N VAL A 81 4.48 -3.27 -6.58
CA VAL A 81 4.84 -4.27 -5.57
C VAL A 81 5.73 -5.35 -6.18
N THR A 82 6.49 -6.05 -5.35
CA THR A 82 7.52 -6.98 -5.81
C THR A 82 8.06 -7.79 -4.63
N GLU A 83 8.67 -8.95 -4.89
CA GLU A 83 9.26 -9.73 -3.81
C GLU A 83 10.45 -8.99 -3.21
N ARG A 84 10.69 -9.18 -1.91
CA ARG A 84 11.79 -8.51 -1.22
C ARG A 84 13.11 -9.10 -1.71
N THR A 85 14.17 -8.30 -1.73
CA THR A 85 15.48 -8.72 -2.21
C THR A 85 16.07 -9.82 -1.32
N ASP A 86 15.60 -9.93 -0.08
CA ASP A 86 16.10 -10.90 0.87
C ASP A 86 15.33 -12.22 0.81
N ALA A 87 14.28 -12.28 -0.03
CA ALA A 87 13.45 -13.46 -0.17
C ALA A 87 14.13 -14.52 -1.05
N LEU A 88 15.22 -14.18 -1.73
CA LEU A 88 15.86 -15.06 -2.70
C LEU A 88 17.35 -14.77 -2.82
N GLU A 89 18.01 -15.45 -3.75
CA GLU A 89 19.45 -15.41 -3.91
C GLU A 89 19.97 -14.12 -4.57
N LEU A 90 19.23 -13.01 -4.46
CA LEU A 90 19.55 -11.70 -5.04
C LEU A 90 19.64 -11.69 -6.57
N VAL A 91 19.75 -12.85 -7.23
CA VAL A 91 19.81 -12.90 -8.69
C VAL A 91 18.44 -12.55 -9.27
N PRO A 92 18.36 -11.62 -10.24
CA PRO A 92 17.11 -11.22 -10.86
C PRO A 92 16.37 -12.41 -11.49
N ARG A 93 15.04 -12.37 -11.44
CA ARG A 93 14.19 -13.40 -12.02
C ARG A 93 12.79 -12.86 -12.31
N MET A 1 -7.65 -1.55 -18.04
CA MET A 1 -6.74 -2.37 -18.86
C MET A 1 -6.17 -3.53 -18.05
N ALA A 2 -6.15 -4.72 -18.65
CA ALA A 2 -5.67 -5.94 -18.00
C ALA A 2 -6.40 -6.22 -16.68
N GLY A 3 -5.89 -7.19 -15.93
CA GLY A 3 -6.45 -7.57 -14.63
C GLY A 3 -6.15 -6.53 -13.55
N PRO A 4 -6.35 -6.89 -12.28
CA PRO A 4 -6.10 -6.02 -11.14
C PRO A 4 -4.61 -5.70 -11.00
N MET A 5 -4.31 -4.74 -10.12
CA MET A 5 -2.94 -4.28 -9.86
C MET A 5 -2.80 -4.03 -8.37
N ARG A 6 -1.60 -4.21 -7.82
CA ARG A 6 -1.38 -4.10 -6.38
C ARG A 6 -0.16 -3.24 -6.10
N LEU A 7 -0.24 -2.39 -5.08
CA LEU A 7 0.80 -1.43 -4.75
C LEU A 7 1.22 -1.55 -3.29
N TYR A 8 2.40 -0.99 -2.99
CA TYR A 8 2.88 -0.81 -1.65
C TYR A 8 2.46 0.58 -1.17
N VAL A 9 2.20 0.71 0.14
CA VAL A 9 1.88 1.97 0.78
C VAL A 9 2.67 2.06 2.08
N GLY A 10 3.22 3.24 2.39
CA GLY A 10 4.02 3.42 3.59
C GLY A 10 4.18 4.90 3.95
N SER A 11 5.01 5.18 4.95
CA SER A 11 5.12 6.51 5.54
C SER A 11 3.80 6.93 6.21
N LEU A 12 3.00 5.94 6.61
CA LEU A 12 1.79 6.15 7.37
C LEU A 12 2.09 6.13 8.87
N HIS A 13 1.53 7.07 9.62
CA HIS A 13 1.63 6.98 11.07
C HIS A 13 0.82 5.77 11.53
N PHE A 14 1.02 5.26 12.75
CA PHE A 14 0.17 4.18 13.25
C PHE A 14 -1.24 4.71 13.46
N ASN A 15 -1.37 6.04 13.56
CA ASN A 15 -2.67 6.68 13.61
C ASN A 15 -3.46 6.41 12.32
N ILE A 16 -2.77 6.04 11.24
CA ILE A 16 -3.40 5.65 9.99
C ILE A 16 -3.82 4.19 10.08
N THR A 17 -4.88 3.81 9.37
CA THR A 17 -5.37 2.44 9.41
C THR A 17 -5.88 2.01 8.03
N GLU A 18 -6.22 0.73 7.91
CA GLU A 18 -6.70 0.13 6.68
C GLU A 18 -7.98 0.82 6.21
N ASP A 19 -8.71 1.41 7.15
CA ASP A 19 -9.94 2.13 6.90
C ASP A 19 -9.70 3.44 6.18
N MET A 20 -8.59 4.12 6.49
CA MET A 20 -8.27 5.37 5.82
C MET A 20 -7.97 5.08 4.37
N LEU A 21 -7.07 4.12 4.13
CA LEU A 21 -6.66 3.79 2.78
C LEU A 21 -7.88 3.40 1.94
N ARG A 22 -8.93 2.84 2.58
CA ARG A 22 -10.13 2.52 1.84
C ARG A 22 -10.72 3.80 1.25
N GLY A 23 -10.74 4.88 2.01
CA GLY A 23 -11.28 6.15 1.55
C GLY A 23 -10.25 6.97 0.75
N ILE A 24 -8.96 6.65 0.87
CA ILE A 24 -7.90 7.39 0.21
C ILE A 24 -7.81 7.00 -1.27
N PHE A 25 -7.79 5.70 -1.56
CA PHE A 25 -7.54 5.19 -2.91
C PHE A 25 -8.81 4.86 -3.68
N GLU A 26 -9.95 4.72 -2.99
CA GLU A 26 -11.21 4.36 -3.63
C GLU A 26 -11.69 5.37 -4.68
N PRO A 27 -11.62 6.69 -4.44
CA PRO A 27 -12.07 7.68 -5.41
C PRO A 27 -11.21 7.67 -6.68
N PHE A 28 -10.03 7.02 -6.64
CA PHE A 28 -9.15 6.93 -7.80
C PHE A 28 -9.31 5.61 -8.56
N GLY A 29 -9.89 4.60 -7.91
CA GLY A 29 -10.02 3.27 -8.49
C GLY A 29 -10.78 2.35 -7.55
N ARG A 30 -11.57 1.42 -8.09
CA ARG A 30 -12.33 0.50 -7.27
C ARG A 30 -11.34 -0.37 -6.52
N ILE A 31 -11.39 -0.34 -5.18
CA ILE A 31 -10.48 -1.14 -4.37
C ILE A 31 -10.93 -2.60 -4.36
N GLU A 32 -10.00 -3.50 -4.70
CA GLU A 32 -10.28 -4.93 -4.73
C GLU A 32 -9.90 -5.57 -3.40
N SER A 33 -8.86 -5.05 -2.74
CA SER A 33 -8.44 -5.56 -1.44
C SER A 33 -7.44 -4.62 -0.78
N ILE A 34 -7.23 -4.79 0.52
CA ILE A 34 -6.22 -4.08 1.28
C ILE A 34 -5.65 -5.02 2.35
N GLN A 35 -4.38 -4.83 2.71
CA GLN A 35 -3.71 -5.58 3.73
C GLN A 35 -2.71 -4.68 4.46
N LEU A 36 -3.21 -3.95 5.46
CA LEU A 36 -2.37 -3.09 6.28
C LEU A 36 -1.50 -3.98 7.14
N MET A 37 -0.20 -3.70 7.16
CA MET A 37 0.74 -4.52 7.90
C MET A 37 0.60 -4.30 9.40
N MET A 38 0.70 -5.40 10.15
CA MET A 38 0.57 -5.40 11.60
C MET A 38 1.61 -6.34 12.20
N ASP A 39 2.05 -6.04 13.42
CA ASP A 39 3.12 -6.76 14.10
C ASP A 39 2.72 -8.20 14.39
N SER A 40 3.69 -9.11 14.33
CA SER A 40 3.47 -10.52 14.61
C SER A 40 3.15 -10.76 16.07
N GLU A 41 3.78 -9.97 16.94
CA GLU A 41 3.76 -10.21 18.37
C GLU A 41 2.81 -9.28 19.11
N THR A 42 2.89 -7.97 18.89
CA THR A 42 2.02 -7.01 19.58
C THR A 42 0.71 -6.80 18.84
N GLY A 43 0.61 -7.26 17.58
CA GLY A 43 -0.60 -7.16 16.79
C GLY A 43 -0.94 -5.74 16.35
N ARG A 44 -0.12 -4.74 16.71
CA ARG A 44 -0.39 -3.35 16.37
C ARG A 44 0.01 -3.05 14.92
N SER A 45 -0.24 -1.82 14.51
CA SER A 45 0.02 -1.32 13.17
C SER A 45 1.52 -1.36 12.83
N LYS A 46 1.89 -1.05 11.57
CA LYS A 46 3.29 -0.98 11.18
C LYS A 46 3.62 0.30 10.41
N GLY A 47 2.61 1.05 9.97
CA GLY A 47 2.82 2.30 9.24
C GLY A 47 3.03 2.08 7.73
N TYR A 48 2.75 0.87 7.25
CA TYR A 48 2.73 0.57 5.83
C TYR A 48 1.79 -0.60 5.57
N GLY A 49 1.43 -0.83 4.31
CA GLY A 49 0.47 -1.86 3.96
C GLY A 49 0.28 -2.01 2.46
N PHE A 50 -0.50 -3.01 2.06
CA PHE A 50 -0.72 -3.38 0.67
C PHE A 50 -2.15 -3.05 0.27
N ILE A 51 -2.36 -2.86 -1.04
CA ILE A 51 -3.67 -2.49 -1.56
C ILE A 51 -3.79 -2.89 -3.02
N THR A 52 -4.97 -3.38 -3.42
CA THR A 52 -5.21 -3.88 -4.77
C THR A 52 -6.34 -3.11 -5.43
N PHE A 53 -6.22 -2.91 -6.74
CA PHE A 53 -7.16 -2.12 -7.53
C PHE A 53 -7.77 -2.96 -8.64
N SER A 54 -8.92 -2.50 -9.15
CA SER A 54 -9.67 -3.16 -10.21
C SER A 54 -9.03 -2.96 -11.58
N ASP A 55 -8.12 -2.00 -11.70
CA ASP A 55 -7.49 -1.63 -12.96
C ASP A 55 -6.09 -1.08 -12.68
N SER A 56 -5.11 -1.44 -13.52
CA SER A 56 -3.76 -0.96 -13.33
C SER A 56 -3.66 0.53 -13.57
N GLU A 57 -4.52 1.10 -14.43
CA GLU A 57 -4.46 2.52 -14.73
C GLU A 57 -5.06 3.34 -13.58
N CYS A 58 -5.97 2.72 -12.82
CA CYS A 58 -6.55 3.36 -11.65
C CYS A 58 -5.61 3.25 -10.46
N ALA A 59 -4.74 2.22 -10.46
CA ALA A 59 -3.75 2.06 -9.41
C ALA A 59 -2.61 3.03 -9.67
N LYS A 60 -2.22 3.15 -10.95
CA LYS A 60 -1.20 4.07 -11.40
C LYS A 60 -1.61 5.51 -11.15
N LYS A 61 -2.91 5.80 -11.13
CA LYS A 61 -3.39 7.15 -10.84
C LYS A 61 -3.29 7.41 -9.35
N ALA A 62 -3.92 6.57 -8.52
CA ALA A 62 -3.87 6.73 -7.07
C ALA A 62 -2.43 6.65 -6.56
N LEU A 63 -1.54 6.05 -7.36
CA LEU A 63 -0.12 5.99 -7.05
C LEU A 63 0.45 7.40 -7.04
N GLU A 64 0.54 8.03 -8.21
CA GLU A 64 1.20 9.31 -8.33
C GLU A 64 0.40 10.42 -7.64
N GLN A 65 -0.90 10.20 -7.37
CA GLN A 65 -1.73 11.19 -6.72
C GLN A 65 -1.53 11.22 -5.21
N LEU A 66 -1.39 10.05 -4.56
CA LEU A 66 -1.17 10.02 -3.13
C LEU A 66 0.31 9.88 -2.79
N ASN A 67 1.16 9.62 -3.80
CA ASN A 67 2.60 9.56 -3.62
C ASN A 67 3.07 10.93 -3.10
N GLY A 68 3.46 10.95 -1.83
CA GLY A 68 3.92 12.13 -1.11
C GLY A 68 2.78 12.95 -0.49
N PHE A 69 1.57 12.44 -0.48
CA PHE A 69 0.45 13.12 0.15
C PHE A 69 0.59 13.04 1.67
N GLU A 70 0.55 14.19 2.34
CA GLU A 70 0.70 14.28 3.79
C GLU A 70 -0.53 13.73 4.51
N LEU A 71 -0.69 12.41 4.49
CA LEU A 71 -1.73 11.76 5.27
C LEU A 71 -1.30 11.87 6.72
N ALA A 72 -2.14 12.49 7.57
CA ALA A 72 -1.80 12.79 8.95
C ALA A 72 -0.50 13.60 9.07
N GLY A 73 -0.09 14.27 7.99
CA GLY A 73 1.06 15.17 7.99
C GLY A 73 2.36 14.56 7.47
N ARG A 74 2.46 13.22 7.35
CA ARG A 74 3.65 12.62 6.75
C ARG A 74 3.31 12.22 5.32
N PRO A 75 4.14 12.61 4.34
CA PRO A 75 3.93 12.27 2.95
C PRO A 75 4.03 10.75 2.79
N MET A 76 2.90 10.11 2.47
CA MET A 76 2.87 8.66 2.31
C MET A 76 3.63 8.31 1.05
N LYS A 77 4.16 7.08 0.97
CA LYS A 77 4.80 6.61 -0.24
C LYS A 77 3.92 5.57 -0.90
N VAL A 78 3.93 5.56 -2.22
CA VAL A 78 3.20 4.57 -3.01
C VAL A 78 4.08 4.14 -4.17
N GLY A 79 3.93 2.89 -4.63
CA GLY A 79 4.68 2.41 -5.77
C GLY A 79 4.36 0.95 -6.04
N HIS A 80 4.91 0.42 -7.13
CA HIS A 80 4.63 -0.95 -7.52
C HIS A 80 5.26 -1.93 -6.53
N VAL A 81 4.59 -3.07 -6.37
CA VAL A 81 5.00 -4.07 -5.40
C VAL A 81 5.93 -5.08 -6.06
N THR A 82 6.65 -5.90 -5.29
CA THR A 82 7.71 -6.73 -5.85
C THR A 82 8.14 -7.84 -4.90
N GLU A 83 8.70 -8.90 -5.47
CA GLU A 83 9.14 -10.09 -4.76
C GLU A 83 10.51 -9.86 -4.12
N ARG A 84 10.55 -8.94 -3.15
CA ARG A 84 11.76 -8.58 -2.42
C ARG A 84 12.35 -9.77 -1.66
N THR A 85 11.57 -10.82 -1.46
CA THR A 85 12.01 -12.03 -0.78
C THR A 85 13.08 -12.77 -1.57
N ASP A 86 13.19 -12.47 -2.87
CA ASP A 86 14.16 -13.12 -3.75
C ASP A 86 15.29 -12.18 -4.12
N ALA A 87 15.33 -10.98 -3.52
CA ALA A 87 16.38 -10.00 -3.80
C ALA A 87 17.70 -10.40 -3.13
N LEU A 88 17.67 -11.42 -2.27
CA LEU A 88 18.82 -11.78 -1.45
C LEU A 88 18.88 -13.28 -1.17
N GLU A 89 19.92 -13.69 -0.44
CA GLU A 89 20.24 -15.07 -0.11
C GLU A 89 20.39 -15.99 -1.33
N LEU A 90 20.54 -15.40 -2.52
CA LEU A 90 20.74 -16.15 -3.75
C LEU A 90 22.09 -16.87 -3.74
N VAL A 91 22.22 -17.89 -4.58
CA VAL A 91 23.45 -18.67 -4.70
C VAL A 91 24.57 -17.80 -5.29
N PRO A 92 25.83 -18.10 -4.95
CA PRO A 92 26.99 -17.38 -5.45
C PRO A 92 27.20 -17.68 -6.94
N ARG A 93 27.96 -16.80 -7.61
CA ARG A 93 28.25 -16.92 -9.03
C ARG A 93 29.68 -16.46 -9.31
N MET A 1 -7.36 -9.18 -21.19
CA MET A 1 -6.24 -8.22 -21.32
C MET A 1 -6.06 -7.43 -20.03
N ALA A 2 -7.05 -6.62 -19.66
CA ALA A 2 -7.01 -5.83 -18.43
C ALA A 2 -7.15 -6.73 -17.20
N GLY A 3 -6.81 -6.19 -16.03
CA GLY A 3 -6.88 -6.91 -14.77
C GLY A 3 -6.48 -6.02 -13.60
N PRO A 4 -6.59 -6.52 -12.36
CA PRO A 4 -6.26 -5.79 -11.16
C PRO A 4 -4.76 -5.50 -11.07
N MET A 5 -4.40 -4.64 -10.10
CA MET A 5 -3.03 -4.23 -9.85
C MET A 5 -2.89 -3.97 -8.35
N ARG A 6 -1.68 -4.18 -7.79
CA ARG A 6 -1.46 -4.06 -6.36
C ARG A 6 -0.22 -3.23 -6.08
N LEU A 7 -0.30 -2.37 -5.07
CA LEU A 7 0.74 -1.42 -4.74
C LEU A 7 1.16 -1.53 -3.27
N TYR A 8 2.35 -1.00 -2.98
CA TYR A 8 2.81 -0.83 -1.61
C TYR A 8 2.41 0.57 -1.15
N VAL A 9 2.13 0.72 0.14
CA VAL A 9 1.83 2.00 0.76
C VAL A 9 2.64 2.09 2.05
N GLY A 10 3.29 3.24 2.30
CA GLY A 10 4.13 3.40 3.46
C GLY A 10 4.41 4.86 3.79
N SER A 11 5.32 5.11 4.72
CA SER A 11 5.54 6.43 5.29
C SER A 11 4.32 6.90 6.08
N LEU A 12 3.38 5.97 6.32
CA LEU A 12 2.19 6.14 7.14
C LEU A 12 2.53 6.07 8.63
N HIS A 13 1.88 6.90 9.44
CA HIS A 13 2.02 6.79 10.89
C HIS A 13 1.29 5.53 11.38
N PHE A 14 1.57 5.08 12.61
CA PHE A 14 0.79 3.99 13.19
C PHE A 14 -0.64 4.48 13.40
N ASN A 15 -0.82 5.80 13.47
CA ASN A 15 -2.13 6.42 13.58
C ASN A 15 -2.98 6.16 12.34
N ILE A 16 -2.36 5.75 11.22
CA ILE A 16 -3.09 5.45 10.00
C ILE A 16 -3.72 4.06 10.12
N THR A 17 -4.82 3.83 9.38
CA THR A 17 -5.55 2.57 9.45
C THR A 17 -5.97 2.12 8.06
N GLU A 18 -6.40 0.86 7.97
CA GLU A 18 -6.85 0.25 6.73
C GLU A 18 -8.13 0.92 6.25
N ASP A 19 -8.88 1.53 7.17
CA ASP A 19 -10.11 2.24 6.88
C ASP A 19 -9.84 3.55 6.17
N MET A 20 -8.79 4.27 6.58
CA MET A 20 -8.47 5.52 5.91
C MET A 20 -8.05 5.24 4.48
N LEU A 21 -7.15 4.27 4.28
CA LEU A 21 -6.72 3.92 2.94
C LEU A 21 -7.91 3.53 2.07
N ARG A 22 -8.97 2.96 2.66
CA ARG A 22 -10.14 2.61 1.89
C ARG A 22 -10.73 3.87 1.25
N GLY A 23 -10.76 4.98 2.00
CA GLY A 23 -11.31 6.23 1.50
C GLY A 23 -10.28 7.04 0.71
N ILE A 24 -8.99 6.72 0.83
CA ILE A 24 -7.94 7.44 0.15
C ILE A 24 -7.85 7.03 -1.32
N PHE A 25 -7.84 5.73 -1.59
CA PHE A 25 -7.57 5.21 -2.94
C PHE A 25 -8.83 4.88 -3.72
N GLU A 26 -9.98 4.74 -3.04
CA GLU A 26 -11.24 4.39 -3.67
C GLU A 26 -11.70 5.39 -4.73
N PRO A 27 -11.64 6.71 -4.50
CA PRO A 27 -12.05 7.69 -5.50
C PRO A 27 -11.17 7.69 -6.75
N PHE A 28 -10.01 7.02 -6.69
CA PHE A 28 -9.10 6.93 -7.83
C PHE A 28 -9.27 5.62 -8.60
N GLY A 29 -9.83 4.60 -7.96
CA GLY A 29 -9.98 3.28 -8.54
C GLY A 29 -10.74 2.37 -7.58
N ARG A 30 -11.53 1.43 -8.10
CA ARG A 30 -12.31 0.54 -7.26
C ARG A 30 -11.33 -0.34 -6.48
N ILE A 31 -11.40 -0.30 -5.16
CA ILE A 31 -10.50 -1.08 -4.33
C ILE A 31 -10.94 -2.53 -4.34
N GLU A 32 -10.03 -3.44 -4.70
CA GLU A 32 -10.30 -4.87 -4.71
C GLU A 32 -9.92 -5.51 -3.39
N SER A 33 -8.90 -4.96 -2.70
CA SER A 33 -8.48 -5.48 -1.40
C SER A 33 -7.49 -4.53 -0.73
N ILE A 34 -7.29 -4.72 0.58
CA ILE A 34 -6.29 -4.00 1.35
C ILE A 34 -5.75 -4.95 2.42
N GLN A 35 -4.48 -4.77 2.79
CA GLN A 35 -3.82 -5.54 3.82
C GLN A 35 -2.81 -4.66 4.55
N LEU A 36 -3.29 -3.93 5.56
CA LEU A 36 -2.44 -3.08 6.38
C LEU A 36 -1.53 -3.98 7.20
N MET A 37 -0.23 -3.69 7.20
CA MET A 37 0.73 -4.51 7.88
C MET A 37 0.64 -4.33 9.40
N MET A 38 0.67 -5.45 10.12
CA MET A 38 0.55 -5.48 11.57
C MET A 38 1.49 -6.54 12.16
N ASP A 39 1.94 -6.32 13.39
CA ASP A 39 2.88 -7.20 14.07
C ASP A 39 2.19 -8.51 14.48
N SER A 40 2.85 -9.65 14.25
CA SER A 40 2.34 -10.94 14.70
C SER A 40 2.53 -11.09 16.20
N GLU A 41 3.56 -10.44 16.74
CA GLU A 41 3.97 -10.65 18.12
C GLU A 41 3.24 -9.73 19.11
N THR A 42 2.73 -8.59 18.63
CA THR A 42 2.08 -7.61 19.50
C THR A 42 0.76 -7.11 18.94
N GLY A 43 0.43 -7.45 17.69
CA GLY A 43 -0.82 -7.03 17.06
C GLY A 43 -0.84 -5.53 16.72
N ARG A 44 0.27 -4.81 16.99
CA ARG A 44 0.36 -3.38 16.70
C ARG A 44 0.48 -3.15 15.20
N SER A 45 0.31 -1.89 14.78
CA SER A 45 0.43 -1.50 13.39
C SER A 45 1.87 -1.61 12.91
N LYS A 46 2.11 -1.25 11.65
CA LYS A 46 3.45 -1.06 11.10
C LYS A 46 3.45 0.13 10.15
N GLY A 47 2.37 0.91 10.16
CA GLY A 47 2.19 2.06 9.30
C GLY A 47 1.89 1.65 7.86
N TYR A 48 2.83 0.95 7.22
CA TYR A 48 2.71 0.60 5.82
C TYR A 48 1.71 -0.54 5.63
N GLY A 49 1.34 -0.80 4.37
CA GLY A 49 0.36 -1.82 4.04
C GLY A 49 0.18 -1.98 2.53
N PHE A 50 -0.63 -2.97 2.14
CA PHE A 50 -0.84 -3.32 0.75
C PHE A 50 -2.26 -2.98 0.33
N ILE A 51 -2.46 -2.79 -0.97
CA ILE A 51 -3.76 -2.42 -1.51
C ILE A 51 -3.86 -2.82 -2.99
N THR A 52 -5.04 -3.30 -3.40
CA THR A 52 -5.27 -3.80 -4.74
C THR A 52 -6.41 -3.03 -5.40
N PHE A 53 -6.30 -2.85 -6.72
CA PHE A 53 -7.22 -2.06 -7.51
C PHE A 53 -7.86 -2.91 -8.60
N SER A 54 -8.98 -2.42 -9.16
CA SER A 54 -9.73 -3.11 -10.19
C SER A 54 -9.06 -2.98 -11.56
N ASP A 55 -8.13 -2.04 -11.70
CA ASP A 55 -7.46 -1.76 -12.96
C ASP A 55 -6.07 -1.20 -12.68
N SER A 56 -5.11 -1.48 -13.57
CA SER A 56 -3.75 -1.02 -13.37
C SER A 56 -3.65 0.48 -13.60
N GLU A 57 -4.48 1.03 -14.49
CA GLU A 57 -4.42 2.45 -14.81
C GLU A 57 -5.04 3.29 -13.69
N CYS A 58 -5.95 2.67 -12.92
CA CYS A 58 -6.55 3.33 -11.76
C CYS A 58 -5.62 3.23 -10.55
N ALA A 59 -4.75 2.21 -10.53
CA ALA A 59 -3.78 2.05 -9.47
C ALA A 59 -2.62 3.01 -9.72
N LYS A 60 -2.21 3.10 -10.99
CA LYS A 60 -1.17 4.01 -11.46
C LYS A 60 -1.56 5.46 -11.23
N LYS A 61 -2.87 5.75 -11.22
CA LYS A 61 -3.36 7.08 -10.92
C LYS A 61 -3.26 7.35 -9.43
N ALA A 62 -3.92 6.52 -8.61
CA ALA A 62 -3.87 6.67 -7.15
C ALA A 62 -2.42 6.60 -6.65
N LEU A 63 -1.53 6.05 -7.47
CA LEU A 63 -0.12 5.97 -7.15
C LEU A 63 0.46 7.38 -7.15
N GLU A 64 0.58 7.99 -8.32
CA GLU A 64 1.25 9.28 -8.41
C GLU A 64 0.45 10.41 -7.73
N GLN A 65 -0.83 10.17 -7.44
CA GLN A 65 -1.66 11.16 -6.76
C GLN A 65 -1.44 11.14 -5.25
N LEU A 66 -1.31 9.95 -4.65
CA LEU A 66 -1.07 9.86 -3.22
C LEU A 66 0.42 9.75 -2.90
N ASN A 67 1.26 9.59 -3.92
CA ASN A 67 2.70 9.57 -3.78
C ASN A 67 3.17 10.93 -3.25
N GLY A 68 3.42 10.97 -1.95
CA GLY A 68 3.86 12.15 -1.21
C GLY A 68 2.68 12.95 -0.62
N PHE A 69 1.48 12.38 -0.59
CA PHE A 69 0.34 13.05 0.02
C PHE A 69 0.49 13.05 1.53
N GLU A 70 0.37 14.22 2.15
CA GLU A 70 0.50 14.38 3.60
C GLU A 70 -0.72 13.82 4.34
N LEU A 71 -0.88 12.49 4.31
CA LEU A 71 -1.90 11.84 5.11
C LEU A 71 -1.42 11.94 6.56
N ALA A 72 -2.29 12.44 7.45
CA ALA A 72 -1.93 12.72 8.83
C ALA A 72 -0.70 13.65 8.92
N GLY A 73 -0.40 14.38 7.84
CA GLY A 73 0.68 15.36 7.80
C GLY A 73 2.02 14.79 7.36
N ARG A 74 2.12 13.49 7.08
CA ARG A 74 3.36 12.91 6.58
C ARG A 74 3.13 12.35 5.18
N PRO A 75 3.98 12.71 4.21
CA PRO A 75 3.85 12.28 2.83
C PRO A 75 3.95 10.76 2.71
N MET A 76 2.83 10.12 2.35
CA MET A 76 2.77 8.67 2.19
C MET A 76 3.43 8.29 0.88
N LYS A 77 4.21 7.21 0.88
CA LYS A 77 4.80 6.70 -0.35
C LYS A 77 3.88 5.67 -0.96
N VAL A 78 3.87 5.61 -2.29
CA VAL A 78 3.13 4.60 -3.03
C VAL A 78 4.00 4.13 -4.18
N GLY A 79 3.85 2.89 -4.62
CA GLY A 79 4.60 2.37 -5.75
C GLY A 79 4.28 0.91 -6.03
N HIS A 80 4.80 0.38 -7.12
CA HIS A 80 4.54 -1.00 -7.51
C HIS A 80 5.16 -1.96 -6.51
N VAL A 81 4.67 -3.19 -6.51
CA VAL A 81 5.00 -4.18 -5.50
C VAL A 81 5.90 -5.27 -6.06
N THR A 82 6.62 -5.98 -5.19
CA THR A 82 7.68 -6.91 -5.60
C THR A 82 8.14 -7.74 -4.40
N GLU A 83 8.84 -8.85 -4.70
CA GLU A 83 9.31 -9.75 -3.67
C GLU A 83 10.47 -9.13 -2.89
N ARG A 84 10.51 -9.37 -1.57
CA ARG A 84 11.56 -8.85 -0.69
C ARG A 84 12.79 -9.74 -0.71
N THR A 85 12.81 -10.75 -1.59
CA THR A 85 13.91 -11.70 -1.68
C THR A 85 15.22 -11.02 -2.10
N ASP A 86 15.12 -9.84 -2.71
CA ASP A 86 16.29 -9.10 -3.17
C ASP A 86 16.88 -8.23 -2.06
N ALA A 87 16.30 -8.29 -0.85
CA ALA A 87 16.77 -7.50 0.28
C ALA A 87 18.11 -8.00 0.81
N LEU A 88 18.49 -9.22 0.44
CA LEU A 88 19.69 -9.87 0.96
C LEU A 88 20.24 -10.89 -0.03
N GLU A 89 21.27 -11.62 0.37
CA GLU A 89 21.96 -12.55 -0.50
C GLU A 89 21.04 -13.68 -0.99
N LEU A 90 21.45 -14.34 -2.09
CA LEU A 90 20.70 -15.44 -2.66
C LEU A 90 20.77 -16.68 -1.77
N VAL A 91 19.79 -17.57 -1.92
CA VAL A 91 19.70 -18.80 -1.14
C VAL A 91 19.19 -19.94 -2.03
N PRO A 92 19.43 -21.20 -1.64
CA PRO A 92 18.98 -22.37 -2.38
C PRO A 92 17.46 -22.39 -2.59
N ARG A 93 17.02 -23.13 -3.61
CA ARG A 93 15.61 -23.26 -3.96
C ARG A 93 15.36 -24.58 -4.67
N MET A 1 -7.49 0.15 -20.00
CA MET A 1 -7.92 -0.71 -18.89
C MET A 1 -7.22 -2.07 -18.96
N ALA A 2 -6.93 -2.65 -17.79
CA ALA A 2 -6.28 -3.94 -17.67
C ALA A 2 -6.76 -4.65 -16.41
N GLY A 3 -6.17 -5.80 -16.10
CA GLY A 3 -6.50 -6.55 -14.89
C GLY A 3 -6.10 -5.78 -13.63
N PRO A 4 -6.35 -6.37 -12.45
CA PRO A 4 -6.04 -5.75 -11.17
C PRO A 4 -4.55 -5.52 -11.00
N MET A 5 -4.20 -4.64 -10.04
CA MET A 5 -2.83 -4.24 -9.76
C MET A 5 -2.69 -3.96 -8.28
N ARG A 6 -1.52 -4.21 -7.70
CA ARG A 6 -1.30 -4.09 -6.27
C ARG A 6 -0.08 -3.24 -5.99
N LEU A 7 -0.17 -2.38 -4.97
CA LEU A 7 0.87 -1.43 -4.64
C LEU A 7 1.26 -1.52 -3.16
N TYR A 8 2.44 -1.01 -2.85
CA TYR A 8 2.88 -0.81 -1.48
C TYR A 8 2.46 0.58 -1.05
N VAL A 9 2.16 0.73 0.25
CA VAL A 9 1.83 2.02 0.86
C VAL A 9 2.63 2.13 2.15
N GLY A 10 3.26 3.29 2.38
CA GLY A 10 4.09 3.47 3.57
C GLY A 10 4.33 4.93 3.88
N SER A 11 5.23 5.21 4.82
CA SER A 11 5.40 6.55 5.35
C SER A 11 4.14 7.00 6.11
N LEU A 12 3.27 6.03 6.42
CA LEU A 12 2.06 6.18 7.22
C LEU A 12 2.37 6.04 8.71
N HIS A 13 1.76 6.89 9.55
CA HIS A 13 1.87 6.71 10.99
C HIS A 13 1.07 5.47 11.40
N PHE A 14 1.30 4.93 12.61
CA PHE A 14 0.42 3.87 13.10
C PHE A 14 -0.99 4.42 13.29
N ASN A 15 -1.12 5.74 13.39
CA ASN A 15 -2.41 6.40 13.48
C ASN A 15 -3.21 6.17 12.20
N ILE A 16 -2.55 5.80 11.10
CA ILE A 16 -3.23 5.47 9.85
C ILE A 16 -3.80 4.06 9.96
N THR A 17 -4.89 3.79 9.25
CA THR A 17 -5.56 2.49 9.33
C THR A 17 -6.03 2.06 7.94
N GLU A 18 -6.43 0.79 7.85
CA GLU A 18 -6.89 0.18 6.63
C GLU A 18 -8.18 0.85 6.15
N ASP A 19 -8.91 1.45 7.08
CA ASP A 19 -10.16 2.15 6.82
C ASP A 19 -9.91 3.48 6.11
N MET A 20 -8.88 4.21 6.51
CA MET A 20 -8.56 5.46 5.85
C MET A 20 -8.11 5.18 4.44
N LEU A 21 -7.19 4.24 4.24
CA LEU A 21 -6.72 3.90 2.91
C LEU A 21 -7.90 3.51 2.03
N ARG A 22 -8.97 2.93 2.60
CA ARG A 22 -10.13 2.56 1.81
C ARG A 22 -10.73 3.82 1.18
N GLY A 23 -10.78 4.92 1.93
CA GLY A 23 -11.32 6.18 1.43
C GLY A 23 -10.29 6.99 0.65
N ILE A 24 -9.01 6.68 0.78
CA ILE A 24 -7.93 7.40 0.11
C ILE A 24 -7.82 7.00 -1.35
N PHE A 25 -7.80 5.69 -1.63
CA PHE A 25 -7.51 5.17 -2.96
C PHE A 25 -8.77 4.82 -3.75
N GLU A 26 -9.92 4.67 -3.08
CA GLU A 26 -11.17 4.30 -3.73
C GLU A 26 -11.65 5.30 -4.80
N PRO A 27 -11.61 6.62 -4.58
CA PRO A 27 -12.04 7.59 -5.57
C PRO A 27 -11.16 7.59 -6.81
N PHE A 28 -9.99 6.96 -6.75
CA PHE A 28 -9.07 6.87 -7.88
C PHE A 28 -9.21 5.55 -8.64
N GLY A 29 -9.78 4.52 -7.99
CA GLY A 29 -9.89 3.19 -8.56
C GLY A 29 -10.66 2.28 -7.60
N ARG A 30 -11.44 1.35 -8.14
CA ARG A 30 -12.21 0.44 -7.29
C ARG A 30 -11.22 -0.42 -6.52
N ILE A 31 -11.30 -0.39 -5.19
CA ILE A 31 -10.38 -1.17 -4.38
C ILE A 31 -10.80 -2.63 -4.37
N GLU A 32 -9.88 -3.52 -4.75
CA GLU A 32 -10.14 -4.95 -4.78
C GLU A 32 -9.79 -5.59 -3.44
N SER A 33 -8.76 -5.07 -2.75
CA SER A 33 -8.40 -5.56 -1.43
C SER A 33 -7.41 -4.61 -0.75
N ILE A 34 -7.23 -4.77 0.56
CA ILE A 34 -6.22 -4.05 1.33
C ILE A 34 -5.68 -5.01 2.39
N GLN A 35 -4.41 -4.81 2.78
CA GLN A 35 -3.75 -5.59 3.82
C GLN A 35 -2.77 -4.68 4.56
N LEU A 36 -3.28 -3.96 5.56
CA LEU A 36 -2.48 -3.09 6.40
C LEU A 36 -1.55 -3.97 7.23
N MET A 37 -0.27 -3.61 7.27
CA MET A 37 0.70 -4.40 7.99
C MET A 37 0.55 -4.20 9.50
N MET A 38 0.75 -5.30 10.25
CA MET A 38 0.63 -5.34 11.70
C MET A 38 1.75 -6.21 12.27
N ASP A 39 2.21 -5.86 13.48
CA ASP A 39 3.34 -6.54 14.10
C ASP A 39 2.98 -7.98 14.47
N SER A 40 3.90 -8.92 14.25
CA SER A 40 3.70 -10.30 14.64
C SER A 40 3.86 -10.46 16.15
N GLU A 41 4.69 -9.60 16.75
CA GLU A 41 5.07 -9.74 18.15
C GLU A 41 4.12 -9.02 19.09
N THR A 42 3.39 -8.01 18.61
CA THR A 42 2.51 -7.21 19.46
C THR A 42 1.12 -7.01 18.85
N GLY A 43 0.93 -7.40 17.59
CA GLY A 43 -0.36 -7.33 16.92
C GLY A 43 -0.80 -5.90 16.57
N ARG A 44 0.01 -4.88 16.92
CA ARG A 44 -0.35 -3.49 16.63
C ARG A 44 -0.09 -3.16 15.17
N SER A 45 -0.48 -1.95 14.78
CA SER A 45 -0.31 -1.44 13.44
C SER A 45 1.17 -1.28 13.09
N LYS A 46 1.48 -1.08 11.81
CA LYS A 46 2.85 -0.82 11.35
C LYS A 46 2.89 0.41 10.45
N GLY A 47 1.73 1.04 10.24
CA GLY A 47 1.61 2.20 9.38
C GLY A 47 1.52 1.77 7.92
N TYR A 48 2.55 1.10 7.40
CA TYR A 48 2.57 0.71 6.00
C TYR A 48 1.62 -0.46 5.75
N GLY A 49 1.33 -0.73 4.48
CA GLY A 49 0.40 -1.79 4.12
C GLY A 49 0.24 -1.95 2.62
N PHE A 50 -0.55 -2.94 2.22
CA PHE A 50 -0.74 -3.33 0.83
C PHE A 50 -2.16 -2.99 0.38
N ILE A 51 -2.36 -2.83 -0.92
CA ILE A 51 -3.66 -2.47 -1.48
C ILE A 51 -3.74 -2.87 -2.96
N THR A 52 -4.89 -3.38 -3.38
CA THR A 52 -5.11 -3.85 -4.75
C THR A 52 -6.25 -3.07 -5.40
N PHE A 53 -6.14 -2.86 -6.71
CA PHE A 53 -7.07 -2.08 -7.51
C PHE A 53 -7.69 -2.92 -8.61
N SER A 54 -8.79 -2.44 -9.17
CA SER A 54 -9.54 -3.13 -10.22
C SER A 54 -8.90 -2.96 -11.60
N ASP A 55 -7.97 -2.00 -11.72
CA ASP A 55 -7.32 -1.68 -12.97
C ASP A 55 -5.92 -1.14 -12.69
N SER A 56 -4.93 -1.48 -13.52
CA SER A 56 -3.57 -1.02 -13.32
C SER A 56 -3.48 0.47 -13.57
N GLU A 57 -4.32 1.03 -14.45
CA GLU A 57 -4.27 2.46 -14.74
C GLU A 57 -4.90 3.26 -13.61
N CYS A 58 -5.81 2.64 -12.85
CA CYS A 58 -6.40 3.29 -11.70
C CYS A 58 -5.48 3.18 -10.49
N ALA A 59 -4.60 2.16 -10.47
CA ALA A 59 -3.62 2.00 -9.42
C ALA A 59 -2.49 2.98 -9.67
N LYS A 60 -2.09 3.11 -10.94
CA LYS A 60 -1.07 4.03 -11.39
C LYS A 60 -1.48 5.48 -11.16
N LYS A 61 -2.78 5.76 -11.16
CA LYS A 61 -3.27 7.10 -10.87
C LYS A 61 -3.20 7.37 -9.38
N ALA A 62 -3.86 6.55 -8.56
CA ALA A 62 -3.82 6.70 -7.11
C ALA A 62 -2.39 6.63 -6.58
N LEU A 63 -1.49 6.04 -7.36
CA LEU A 63 -0.07 5.97 -7.03
C LEU A 63 0.49 7.39 -7.02
N GLU A 64 0.58 8.00 -8.19
CA GLU A 64 1.24 9.30 -8.30
C GLU A 64 0.43 10.41 -7.64
N GLN A 65 -0.86 10.18 -7.39
CA GLN A 65 -1.73 11.18 -6.78
C GLN A 65 -1.54 11.24 -5.26
N LEU A 66 -1.44 10.08 -4.60
CA LEU A 66 -1.22 10.08 -3.16
C LEU A 66 0.26 9.94 -2.82
N ASN A 67 1.12 9.68 -3.80
CA ASN A 67 2.55 9.63 -3.60
C ASN A 67 3.02 11.00 -3.09
N GLY A 68 3.39 11.04 -1.80
CA GLY A 68 3.83 12.22 -1.09
C GLY A 68 2.70 13.04 -0.50
N PHE A 69 1.47 12.52 -0.51
CA PHE A 69 0.34 13.21 0.11
C PHE A 69 0.46 13.13 1.63
N GLU A 70 0.38 14.27 2.30
CA GLU A 70 0.48 14.40 3.75
C GLU A 70 -0.73 13.80 4.46
N LEU A 71 -0.89 12.48 4.41
CA LEU A 71 -1.92 11.82 5.19
C LEU A 71 -1.46 11.90 6.64
N ALA A 72 -2.33 12.40 7.53
CA ALA A 72 -1.97 12.68 8.92
C ALA A 72 -0.73 13.57 9.03
N GLY A 73 -0.41 14.31 7.96
CA GLY A 73 0.68 15.28 7.95
C GLY A 73 2.02 14.71 7.47
N ARG A 74 2.14 13.39 7.29
CA ARG A 74 3.36 12.81 6.75
C ARG A 74 3.10 12.34 5.32
N PRO A 75 3.95 12.74 4.37
CA PRO A 75 3.79 12.37 2.98
C PRO A 75 3.91 10.86 2.83
N MET A 76 2.81 10.20 2.45
CA MET A 76 2.82 8.76 2.28
C MET A 76 3.65 8.42 1.04
N LYS A 77 4.11 7.18 0.94
CA LYS A 77 4.78 6.69 -0.25
C LYS A 77 3.92 5.63 -0.88
N VAL A 78 3.92 5.58 -2.21
CA VAL A 78 3.20 4.56 -2.94
C VAL A 78 4.10 4.12 -4.09
N GLY A 79 3.96 2.86 -4.52
CA GLY A 79 4.73 2.35 -5.65
C GLY A 79 4.42 0.88 -5.89
N HIS A 80 4.94 0.34 -6.99
CA HIS A 80 4.64 -1.03 -7.36
C HIS A 80 5.26 -2.01 -6.37
N VAL A 81 4.54 -3.11 -6.15
CA VAL A 81 4.94 -4.14 -5.21
C VAL A 81 5.85 -5.14 -5.92
N THR A 82 6.54 -6.03 -5.18
CA THR A 82 7.55 -6.89 -5.79
C THR A 82 7.91 -8.09 -4.92
N GLU A 83 8.38 -9.15 -5.57
CA GLU A 83 8.75 -10.41 -4.95
C GLU A 83 10.11 -10.29 -4.27
N ARG A 84 10.21 -9.42 -3.25
CA ARG A 84 11.44 -9.16 -2.52
C ARG A 84 11.97 -10.43 -1.84
N THR A 85 11.13 -11.45 -1.70
CA THR A 85 11.52 -12.71 -1.07
C THR A 85 12.52 -13.47 -1.94
N ASP A 86 12.63 -13.12 -3.22
CA ASP A 86 13.54 -13.77 -4.14
C ASP A 86 14.70 -12.84 -4.54
N ALA A 87 14.76 -11.65 -3.94
CA ALA A 87 15.80 -10.68 -4.25
C ALA A 87 17.15 -11.06 -3.64
N LEU A 88 17.16 -12.03 -2.71
CA LEU A 88 18.38 -12.46 -2.05
C LEU A 88 18.22 -13.88 -1.49
N GLU A 89 19.31 -14.40 -0.92
CA GLU A 89 19.38 -15.74 -0.34
C GLU A 89 18.58 -15.84 0.97
N LEU A 90 18.07 -14.71 1.47
CA LEU A 90 17.40 -14.61 2.76
C LEU A 90 18.29 -15.05 3.92
N VAL A 91 17.78 -14.92 5.14
CA VAL A 91 18.50 -15.28 6.36
C VAL A 91 17.52 -15.94 7.35
N PRO A 92 17.91 -17.05 7.98
CA PRO A 92 17.07 -17.76 8.94
C PRO A 92 16.89 -16.95 10.23
N ARG A 93 15.89 -17.32 11.02
CA ARG A 93 15.57 -16.64 12.28
C ARG A 93 14.88 -17.61 13.23
N MET A 1 -2.37 -4.42 -16.70
CA MET A 1 -3.36 -4.13 -17.75
C MET A 1 -4.35 -5.29 -17.90
N ALA A 2 -5.59 -4.99 -18.29
CA ALA A 2 -6.64 -5.99 -18.47
C ALA A 2 -6.86 -6.84 -17.22
N GLY A 3 -6.53 -6.30 -16.05
CA GLY A 3 -6.66 -6.98 -14.78
C GLY A 3 -6.30 -6.05 -13.63
N PRO A 4 -6.36 -6.55 -12.39
CA PRO A 4 -6.06 -5.79 -11.18
C PRO A 4 -4.57 -5.45 -11.10
N MET A 5 -4.24 -4.60 -10.14
CA MET A 5 -2.88 -4.13 -9.89
C MET A 5 -2.72 -3.85 -8.41
N ARG A 6 -1.52 -4.06 -7.85
CA ARG A 6 -1.30 -3.86 -6.42
C ARG A 6 -0.11 -2.93 -6.19
N LEU A 7 -0.21 -2.10 -5.15
CA LEU A 7 0.81 -1.11 -4.83
C LEU A 7 1.21 -1.19 -3.37
N TYR A 8 2.48 -0.89 -3.10
CA TYR A 8 2.98 -0.73 -1.74
C TYR A 8 2.54 0.62 -1.20
N VAL A 9 2.32 0.71 0.11
CA VAL A 9 1.97 1.95 0.79
C VAL A 9 2.81 2.06 2.05
N GLY A 10 3.30 3.26 2.37
CA GLY A 10 4.13 3.47 3.56
C GLY A 10 4.25 4.94 3.92
N SER A 11 5.07 5.25 4.92
CA SER A 11 5.14 6.58 5.50
C SER A 11 3.82 6.96 6.19
N LEU A 12 3.06 5.95 6.60
CA LEU A 12 1.84 6.12 7.37
C LEU A 12 2.17 6.14 8.85
N HIS A 13 1.55 7.03 9.62
CA HIS A 13 1.68 6.97 11.07
C HIS A 13 0.96 5.72 11.58
N PHE A 14 1.20 5.30 12.83
CA PHE A 14 0.43 4.19 13.38
C PHE A 14 -1.02 4.64 13.57
N ASN A 15 -1.24 5.96 13.64
CA ASN A 15 -2.57 6.52 13.69
C ASN A 15 -3.37 6.20 12.41
N ILE A 16 -2.69 5.85 11.32
CA ILE A 16 -3.35 5.47 10.08
C ILE A 16 -3.89 4.04 10.20
N THR A 17 -4.92 3.72 9.41
CA THR A 17 -5.56 2.42 9.46
C THR A 17 -5.92 1.95 8.07
N GLU A 18 -6.24 0.66 7.96
CA GLU A 18 -6.62 0.02 6.71
C GLU A 18 -7.92 0.62 6.18
N ASP A 19 -8.74 1.16 7.09
CA ASP A 19 -10.00 1.80 6.78
C ASP A 19 -9.80 3.14 6.10
N MET A 20 -8.82 3.92 6.55
CA MET A 20 -8.55 5.21 5.91
C MET A 20 -8.10 4.99 4.49
N LEU A 21 -7.15 4.06 4.26
CA LEU A 21 -6.69 3.77 2.92
C LEU A 21 -7.88 3.39 2.03
N ARG A 22 -8.92 2.77 2.60
CA ARG A 22 -10.09 2.41 1.82
C ARG A 22 -10.71 3.67 1.22
N GLY A 23 -10.76 4.75 2.00
CA GLY A 23 -11.33 6.01 1.53
C GLY A 23 -10.33 6.87 0.76
N ILE A 24 -9.03 6.57 0.89
CA ILE A 24 -7.97 7.33 0.24
C ILE A 24 -7.87 6.97 -1.24
N PHE A 25 -7.83 5.67 -1.55
CA PHE A 25 -7.55 5.20 -2.90
C PHE A 25 -8.81 4.85 -3.69
N GLU A 26 -9.95 4.66 -3.02
CA GLU A 26 -11.19 4.28 -3.66
C GLU A 26 -11.69 5.29 -4.71
N PRO A 27 -11.65 6.61 -4.46
CA PRO A 27 -12.12 7.59 -5.44
C PRO A 27 -11.25 7.60 -6.71
N PHE A 28 -10.07 6.96 -6.67
CA PHE A 28 -9.18 6.90 -7.83
C PHE A 28 -9.32 5.59 -8.59
N GLY A 29 -9.85 4.55 -7.94
CA GLY A 29 -9.97 3.23 -8.53
C GLY A 29 -10.71 2.30 -7.58
N ARG A 30 -11.47 1.34 -8.12
CA ARG A 30 -12.22 0.42 -7.29
C ARG A 30 -11.22 -0.44 -6.51
N ILE A 31 -11.29 -0.41 -5.18
CA ILE A 31 -10.38 -1.18 -4.36
C ILE A 31 -10.79 -2.64 -4.36
N GLU A 32 -9.86 -3.53 -4.71
CA GLU A 32 -10.09 -4.96 -4.74
C GLU A 32 -9.68 -5.61 -3.42
N SER A 33 -8.67 -5.05 -2.75
CA SER A 33 -8.20 -5.57 -1.47
C SER A 33 -7.24 -4.59 -0.81
N ILE A 34 -7.00 -4.77 0.50
CA ILE A 34 -6.01 -4.02 1.26
C ILE A 34 -5.41 -4.96 2.31
N GLN A 35 -4.13 -4.73 2.64
CA GLN A 35 -3.43 -5.52 3.66
C GLN A 35 -2.43 -4.63 4.38
N LEU A 36 -2.89 -3.92 5.40
CA LEU A 36 -2.04 -3.07 6.21
C LEU A 36 -1.15 -3.98 7.04
N MET A 37 0.15 -3.71 7.07
CA MET A 37 1.08 -4.55 7.80
C MET A 37 0.91 -4.36 9.29
N MET A 38 1.02 -5.46 10.04
CA MET A 38 0.85 -5.46 11.48
C MET A 38 1.89 -6.39 12.12
N ASP A 39 2.31 -6.06 13.33
CA ASP A 39 3.34 -6.81 14.04
C ASP A 39 2.82 -8.19 14.42
N SER A 40 3.66 -9.22 14.26
CA SER A 40 3.28 -10.57 14.66
C SER A 40 3.28 -10.70 16.17
N GLU A 41 4.13 -9.91 16.84
CA GLU A 41 4.36 -10.06 18.27
C GLU A 41 3.40 -9.22 19.11
N THR A 42 2.82 -8.15 18.53
CA THR A 42 1.96 -7.23 19.29
C THR A 42 0.66 -6.91 18.56
N GLY A 43 0.54 -7.27 17.28
CA GLY A 43 -0.66 -7.03 16.50
C GLY A 43 -0.87 -5.56 16.14
N ARG A 44 0.05 -4.68 16.54
CA ARG A 44 -0.05 -3.25 16.26
C ARG A 44 0.30 -2.94 14.81
N SER A 45 0.07 -1.70 14.39
CA SER A 45 0.32 -1.25 13.02
C SER A 45 1.82 -1.32 12.70
N LYS A 46 2.20 -0.99 11.45
CA LYS A 46 3.62 -0.91 11.09
C LYS A 46 3.94 0.36 10.30
N GLY A 47 2.91 1.14 9.92
CA GLY A 47 3.11 2.37 9.16
C GLY A 47 3.30 2.12 7.66
N TYR A 48 3.04 0.89 7.19
CA TYR A 48 3.03 0.57 5.78
C TYR A 48 2.11 -0.63 5.54
N GLY A 49 1.84 -0.95 4.27
CA GLY A 49 0.91 -2.01 3.93
C GLY A 49 0.71 -2.14 2.42
N PHE A 50 -0.39 -2.79 2.05
CA PHE A 50 -0.69 -3.08 0.65
C PHE A 50 -2.12 -2.79 0.26
N ILE A 51 -2.32 -2.66 -1.05
CA ILE A 51 -3.63 -2.31 -1.60
C ILE A 51 -3.72 -2.74 -3.06
N THR A 52 -4.88 -3.24 -3.47
CA THR A 52 -5.11 -3.74 -4.82
C THR A 52 -6.27 -3.02 -5.47
N PHE A 53 -6.18 -2.82 -6.78
CA PHE A 53 -7.13 -2.07 -7.57
C PHE A 53 -7.74 -2.93 -8.67
N SER A 54 -8.87 -2.48 -9.21
CA SER A 54 -9.60 -3.18 -10.26
C SER A 54 -8.92 -3.02 -11.63
N ASP A 55 -8.03 -2.05 -11.76
CA ASP A 55 -7.34 -1.74 -13.01
C ASP A 55 -5.97 -1.15 -12.72
N SER A 56 -5.00 -1.41 -13.60
CA SER A 56 -3.65 -0.88 -13.41
C SER A 56 -3.62 0.63 -13.61
N GLU A 57 -4.45 1.16 -14.51
CA GLU A 57 -4.41 2.60 -14.79
C GLU A 57 -5.07 3.39 -13.66
N CYS A 58 -5.97 2.75 -12.91
CA CYS A 58 -6.59 3.37 -11.77
C CYS A 58 -5.68 3.28 -10.55
N ALA A 59 -4.80 2.28 -10.52
CA ALA A 59 -3.82 2.14 -9.46
C ALA A 59 -2.69 3.14 -9.71
N LYS A 60 -2.26 3.23 -10.96
CA LYS A 60 -1.24 4.16 -11.41
C LYS A 60 -1.66 5.61 -11.18
N LYS A 61 -2.97 5.88 -11.17
CA LYS A 61 -3.46 7.22 -10.86
C LYS A 61 -3.37 7.47 -9.36
N ALA A 62 -4.01 6.62 -8.55
CA ALA A 62 -3.96 6.76 -7.09
C ALA A 62 -2.52 6.71 -6.58
N LEU A 63 -1.62 6.13 -7.38
CA LEU A 63 -0.19 6.10 -7.06
C LEU A 63 0.35 7.51 -7.06
N GLU A 64 0.44 8.13 -8.24
CA GLU A 64 1.08 9.43 -8.33
C GLU A 64 0.26 10.54 -7.65
N GLN A 65 -1.01 10.27 -7.35
CA GLN A 65 -1.87 11.24 -6.69
C GLN A 65 -1.65 11.27 -5.18
N LEU A 66 -1.55 10.09 -4.53
CA LEU A 66 -1.32 10.05 -3.10
C LEU A 66 0.17 9.94 -2.78
N ASN A 67 1.01 9.70 -3.78
CA ASN A 67 2.46 9.67 -3.61
C ASN A 67 2.92 11.04 -3.10
N GLY A 68 3.28 11.07 -1.82
CA GLY A 68 3.72 12.26 -1.11
C GLY A 68 2.58 13.06 -0.50
N PHE A 69 1.36 12.51 -0.47
CA PHE A 69 0.23 13.17 0.15
C PHE A 69 0.37 13.11 1.67
N GLU A 70 0.28 14.27 2.33
CA GLU A 70 0.42 14.38 3.78
C GLU A 70 -0.78 13.78 4.51
N LEU A 71 -0.93 12.46 4.48
CA LEU A 71 -1.94 11.78 5.26
C LEU A 71 -1.51 11.90 6.72
N ALA A 72 -2.38 12.46 7.57
CA ALA A 72 -2.05 12.75 8.96
C ALA A 72 -0.78 13.62 9.08
N GLY A 73 -0.42 14.32 8.01
CA GLY A 73 0.69 15.27 8.00
C GLY A 73 2.01 14.71 7.48
N ARG A 74 2.16 13.40 7.29
CA ARG A 74 3.36 12.84 6.71
C ARG A 74 3.05 12.39 5.29
N PRO A 75 3.89 12.77 4.31
CA PRO A 75 3.72 12.39 2.93
C PRO A 75 3.85 10.87 2.80
N MET A 76 2.75 10.19 2.46
CA MET A 76 2.77 8.74 2.30
C MET A 76 3.55 8.41 1.04
N LYS A 77 4.07 7.18 0.97
CA LYS A 77 4.71 6.72 -0.24
C LYS A 77 3.83 5.66 -0.90
N VAL A 78 3.85 5.65 -2.23
CA VAL A 78 3.12 4.65 -3.00
C VAL A 78 4.01 4.24 -4.18
N GLY A 79 3.87 3.00 -4.65
CA GLY A 79 4.63 2.55 -5.80
C GLY A 79 4.33 1.11 -6.15
N HIS A 80 4.91 0.62 -7.24
CA HIS A 80 4.70 -0.74 -7.70
C HIS A 80 5.29 -1.73 -6.70
N VAL A 81 4.97 -3.01 -6.88
CA VAL A 81 5.28 -4.03 -5.88
C VAL A 81 6.08 -5.19 -6.46
N THR A 82 6.70 -6.00 -5.60
CA THR A 82 7.65 -7.02 -6.01
C THR A 82 7.93 -7.99 -4.88
N GLU A 83 8.40 -9.19 -5.23
CA GLU A 83 8.72 -10.24 -4.28
C GLU A 83 9.98 -9.88 -3.49
N ARG A 84 10.05 -10.30 -2.22
CA ARG A 84 11.17 -10.00 -1.35
C ARG A 84 11.31 -11.05 -0.24
N THR A 85 10.61 -12.17 -0.37
CA THR A 85 10.64 -13.24 0.63
C THR A 85 12.01 -13.94 0.66
N ASP A 86 12.88 -13.64 -0.29
CA ASP A 86 14.22 -14.21 -0.36
C ASP A 86 15.24 -13.31 0.35
N ALA A 87 14.82 -12.16 0.87
CA ALA A 87 15.71 -11.22 1.54
C ALA A 87 16.09 -11.70 2.94
N LEU A 88 15.41 -12.74 3.45
CA LEU A 88 15.58 -13.18 4.81
C LEU A 88 15.19 -14.65 5.01
N GLU A 89 15.42 -15.15 6.22
CA GLU A 89 15.14 -16.53 6.63
C GLU A 89 15.81 -17.54 5.70
N LEU A 90 16.76 -17.09 4.89
CA LEU A 90 17.51 -17.91 3.95
C LEU A 90 18.95 -17.43 3.89
N VAL A 91 19.86 -18.28 3.42
CA VAL A 91 21.27 -17.96 3.29
C VAL A 91 21.49 -16.94 2.18
N PRO A 92 22.60 -16.18 2.20
CA PRO A 92 22.93 -15.18 1.19
C PRO A 92 23.13 -15.77 -0.20
N ARG A 93 23.31 -17.10 -0.30
CA ARG A 93 23.55 -17.77 -1.57
C ARG A 93 22.32 -17.73 -2.46
N MET A 1 -5.51 -9.26 -21.51
CA MET A 1 -6.21 -8.01 -21.86
C MET A 1 -6.10 -6.99 -20.74
N ALA A 2 -6.68 -7.29 -19.57
CA ALA A 2 -6.65 -6.41 -18.42
C ALA A 2 -6.81 -7.20 -17.12
N GLY A 3 -6.51 -6.59 -15.99
CA GLY A 3 -6.62 -7.21 -14.69
C GLY A 3 -6.29 -6.24 -13.56
N PRO A 4 -6.36 -6.70 -12.31
CA PRO A 4 -6.06 -5.89 -11.13
C PRO A 4 -4.57 -5.58 -11.03
N MET A 5 -4.24 -4.70 -10.09
CA MET A 5 -2.87 -4.26 -9.81
C MET A 5 -2.73 -4.00 -8.32
N ARG A 6 -1.55 -4.25 -7.75
CA ARG A 6 -1.34 -4.09 -6.31
C ARG A 6 -0.10 -3.27 -6.04
N LEU A 7 -0.18 -2.41 -5.03
CA LEU A 7 0.86 -1.46 -4.68
C LEU A 7 1.28 -1.59 -3.24
N TYR A 8 2.47 -1.06 -2.92
CA TYR A 8 2.94 -0.90 -1.56
C TYR A 8 2.52 0.49 -1.08
N VAL A 9 2.24 0.62 0.21
CA VAL A 9 1.91 1.88 0.86
C VAL A 9 2.70 1.97 2.15
N GLY A 10 3.20 3.16 2.49
CA GLY A 10 4.00 3.32 3.70
C GLY A 10 4.25 4.77 4.04
N SER A 11 5.17 5.03 4.97
CA SER A 11 5.37 6.34 5.56
C SER A 11 4.14 6.80 6.35
N LEU A 12 3.20 5.86 6.57
CA LEU A 12 1.99 6.11 7.35
C LEU A 12 2.30 6.13 8.84
N HIS A 13 1.67 7.08 9.55
CA HIS A 13 1.70 7.09 11.01
C HIS A 13 0.90 5.88 11.50
N PHE A 14 1.15 5.34 12.69
CA PHE A 14 0.30 4.24 13.17
C PHE A 14 -1.11 4.78 13.43
N ASN A 15 -1.26 6.10 13.53
CA ASN A 15 -2.57 6.72 13.61
C ASN A 15 -3.37 6.44 12.34
N ILE A 16 -2.69 6.08 11.24
CA ILE A 16 -3.35 5.70 10.00
C ILE A 16 -3.79 4.23 10.10
N THR A 17 -4.86 3.88 9.39
CA THR A 17 -5.39 2.52 9.42
C THR A 17 -5.89 2.10 8.05
N GLU A 18 -6.23 0.81 7.93
CA GLU A 18 -6.72 0.21 6.70
C GLU A 18 -8.00 0.88 6.22
N ASP A 19 -8.74 1.48 7.17
CA ASP A 19 -9.97 2.19 6.91
C ASP A 19 -9.71 3.49 6.15
N MET A 20 -8.62 4.18 6.48
CA MET A 20 -8.30 5.41 5.79
C MET A 20 -8.01 5.11 4.34
N LEU A 21 -7.09 4.16 4.11
CA LEU A 21 -6.69 3.81 2.76
C LEU A 21 -7.90 3.40 1.93
N ARG A 22 -8.94 2.86 2.56
CA ARG A 22 -10.15 2.51 1.83
C ARG A 22 -10.74 3.78 1.20
N GLY A 23 -10.79 4.88 1.95
CA GLY A 23 -11.32 6.13 1.46
C GLY A 23 -10.31 6.95 0.66
N ILE A 24 -9.02 6.64 0.80
CA ILE A 24 -7.96 7.38 0.13
C ILE A 24 -7.84 6.98 -1.34
N PHE A 25 -7.81 5.68 -1.62
CA PHE A 25 -7.53 5.17 -2.96
C PHE A 25 -8.80 4.81 -3.73
N GLU A 26 -9.94 4.67 -3.05
CA GLU A 26 -11.20 4.31 -3.69
C GLU A 26 -11.66 5.32 -4.76
N PRO A 27 -11.61 6.63 -4.52
CA PRO A 27 -12.04 7.61 -5.51
C PRO A 27 -11.15 7.61 -6.77
N PHE A 28 -9.99 6.97 -6.71
CA PHE A 28 -9.08 6.89 -7.84
C PHE A 28 -9.23 5.57 -8.60
N GLY A 29 -9.76 4.53 -7.94
CA GLY A 29 -9.88 3.21 -8.53
C GLY A 29 -10.65 2.30 -7.58
N ARG A 30 -11.43 1.38 -8.13
CA ARG A 30 -12.21 0.46 -7.30
C ARG A 30 -11.23 -0.41 -6.52
N ILE A 31 -11.31 -0.37 -5.18
CA ILE A 31 -10.41 -1.15 -4.37
C ILE A 31 -10.86 -2.61 -4.36
N GLU A 32 -9.94 -3.51 -4.72
CA GLU A 32 -10.19 -4.94 -4.75
C GLU A 32 -9.81 -5.59 -3.42
N SER A 33 -8.81 -5.04 -2.73
CA SER A 33 -8.39 -5.56 -1.43
C SER A 33 -7.40 -4.61 -0.76
N ILE A 34 -7.21 -4.78 0.55
CA ILE A 34 -6.19 -4.07 1.32
C ILE A 34 -5.67 -5.01 2.40
N GLN A 35 -4.39 -4.84 2.77
CA GLN A 35 -3.75 -5.59 3.82
C GLN A 35 -2.74 -4.69 4.54
N LEU A 36 -3.23 -3.95 5.54
CA LEU A 36 -2.40 -3.09 6.35
C LEU A 36 -1.50 -3.98 7.20
N MET A 37 -0.19 -3.71 7.20
CA MET A 37 0.75 -4.51 7.92
C MET A 37 0.64 -4.27 9.42
N MET A 38 0.75 -5.35 10.19
CA MET A 38 0.63 -5.33 11.64
C MET A 38 1.68 -6.26 12.25
N ASP A 39 2.17 -5.91 13.44
CA ASP A 39 3.24 -6.66 14.09
C ASP A 39 2.75 -8.05 14.50
N SER A 40 3.59 -9.06 14.33
CA SER A 40 3.26 -10.42 14.76
C SER A 40 3.37 -10.54 16.27
N GLU A 41 4.24 -9.73 16.87
CA GLU A 41 4.56 -9.85 18.28
C GLU A 41 3.62 -9.04 19.17
N THR A 42 2.98 -8.01 18.63
CA THR A 42 2.13 -7.12 19.41
C THR A 42 0.78 -6.85 18.75
N GLY A 43 0.61 -7.23 17.48
CA GLY A 43 -0.64 -7.08 16.76
C GLY A 43 -0.96 -5.63 16.39
N ARG A 44 -0.07 -4.68 16.71
CA ARG A 44 -0.31 -3.27 16.43
C ARG A 44 0.03 -2.94 14.98
N SER A 45 -0.30 -1.72 14.57
CA SER A 45 -0.06 -1.19 13.25
C SER A 45 1.45 -1.17 12.93
N LYS A 46 1.82 -0.97 11.66
CA LYS A 46 3.23 -0.89 11.27
C LYS A 46 3.55 0.36 10.45
N GLY A 47 2.54 1.13 10.03
CA GLY A 47 2.78 2.35 9.26
C GLY A 47 3.04 2.07 7.78
N TYR A 48 2.67 0.88 7.31
CA TYR A 48 2.70 0.54 5.90
C TYR A 48 1.73 -0.62 5.65
N GLY A 49 1.42 -0.89 4.39
CA GLY A 49 0.44 -1.91 4.03
C GLY A 49 0.28 -2.06 2.54
N PHE A 50 -0.52 -3.05 2.13
CA PHE A 50 -0.71 -3.41 0.74
C PHE A 50 -2.14 -3.09 0.30
N ILE A 51 -2.34 -2.89 -1.00
CA ILE A 51 -3.64 -2.51 -1.53
C ILE A 51 -3.75 -2.90 -3.00
N THR A 52 -4.91 -3.41 -3.40
CA THR A 52 -5.16 -3.89 -4.76
C THR A 52 -6.29 -3.10 -5.42
N PHE A 53 -6.19 -2.91 -6.73
CA PHE A 53 -7.11 -2.12 -7.52
C PHE A 53 -7.73 -2.95 -8.63
N SER A 54 -8.85 -2.49 -9.18
CA SER A 54 -9.58 -3.16 -10.23
C SER A 54 -8.90 -3.03 -11.59
N ASP A 55 -7.98 -2.06 -11.71
CA ASP A 55 -7.29 -1.78 -12.96
C ASP A 55 -5.90 -1.20 -12.65
N SER A 56 -4.92 -1.49 -13.52
CA SER A 56 -3.57 -1.00 -13.30
C SER A 56 -3.49 0.51 -13.51
N GLU A 57 -4.32 1.05 -14.42
CA GLU A 57 -4.25 2.48 -14.72
C GLU A 57 -4.90 3.29 -13.60
N CYS A 58 -5.80 2.67 -12.84
CA CYS A 58 -6.42 3.32 -11.68
C CYS A 58 -5.49 3.23 -10.47
N ALA A 59 -4.64 2.21 -10.44
CA ALA A 59 -3.66 2.05 -9.37
C ALA A 59 -2.51 3.02 -9.61
N LYS A 60 -2.10 3.12 -10.88
CA LYS A 60 -1.05 4.03 -11.33
C LYS A 60 -1.45 5.48 -11.10
N LYS A 61 -2.75 5.79 -11.12
CA LYS A 61 -3.21 7.13 -10.85
C LYS A 61 -3.14 7.40 -9.35
N ALA A 62 -3.80 6.57 -8.53
CA ALA A 62 -3.77 6.73 -7.09
C ALA A 62 -2.35 6.66 -6.55
N LEU A 63 -1.45 6.04 -7.31
CA LEU A 63 -0.04 5.98 -6.98
C LEU A 63 0.54 7.39 -6.97
N GLU A 64 0.66 8.01 -8.15
CA GLU A 64 1.32 9.29 -8.24
C GLU A 64 0.51 10.41 -7.58
N GLN A 65 -0.79 10.18 -7.33
CA GLN A 65 -1.64 11.17 -6.69
C GLN A 65 -1.46 11.21 -5.18
N LEU A 66 -1.36 10.04 -4.52
CA LEU A 66 -1.16 10.00 -3.08
C LEU A 66 0.31 9.85 -2.72
N ASN A 67 1.18 9.58 -3.69
CA ASN A 67 2.61 9.52 -3.47
C ASN A 67 3.09 10.87 -2.95
N GLY A 68 3.45 10.91 -1.66
CA GLY A 68 3.89 12.09 -0.95
C GLY A 68 2.74 12.94 -0.41
N PHE A 69 1.50 12.42 -0.43
CA PHE A 69 0.37 13.14 0.14
C PHE A 69 0.47 13.09 1.67
N GLU A 70 0.35 14.27 2.30
CA GLU A 70 0.43 14.42 3.75
C GLU A 70 -0.80 13.83 4.44
N LEU A 71 -0.92 12.50 4.45
CA LEU A 71 -1.98 11.85 5.19
C LEU A 71 -1.62 12.01 6.67
N ALA A 72 -2.54 12.56 7.46
CA ALA A 72 -2.29 12.91 8.85
C ALA A 72 -1.06 13.82 9.00
N GLY A 73 -0.65 14.49 7.92
CA GLY A 73 0.44 15.45 7.93
C GLY A 73 1.79 14.89 7.54
N ARG A 74 1.92 13.58 7.34
CA ARG A 74 3.17 13.00 6.87
C ARG A 74 2.96 12.43 5.47
N PRO A 75 3.85 12.76 4.52
CA PRO A 75 3.74 12.32 3.14
C PRO A 75 3.84 10.79 3.06
N MET A 76 2.76 10.13 2.60
CA MET A 76 2.76 8.69 2.45
C MET A 76 3.59 8.31 1.24
N LYS A 77 3.97 7.03 1.15
CA LYS A 77 4.72 6.51 0.03
C LYS A 77 3.84 5.51 -0.71
N VAL A 78 3.93 5.50 -2.03
CA VAL A 78 3.22 4.54 -2.86
C VAL A 78 4.13 4.14 -4.01
N GLY A 79 4.01 2.90 -4.48
CA GLY A 79 4.76 2.42 -5.63
C GLY A 79 4.43 0.97 -5.93
N HIS A 80 4.95 0.47 -7.05
CA HIS A 80 4.66 -0.89 -7.47
C HIS A 80 5.29 -1.90 -6.51
N VAL A 81 4.62 -3.03 -6.36
CA VAL A 81 5.01 -4.08 -5.43
C VAL A 81 5.93 -5.08 -6.16
N THR A 82 6.60 -5.99 -5.44
CA THR A 82 7.60 -6.84 -6.07
C THR A 82 7.96 -8.05 -5.21
N GLU A 83 8.38 -9.13 -5.87
CA GLU A 83 8.77 -10.38 -5.23
C GLU A 83 10.17 -10.28 -4.61
N ARG A 84 10.31 -9.39 -3.63
CA ARG A 84 11.57 -9.15 -2.92
C ARG A 84 12.06 -10.41 -2.21
N THR A 85 11.20 -11.41 -2.05
CA THR A 85 11.57 -12.67 -1.42
C THR A 85 12.56 -13.43 -2.30
N ASP A 86 12.62 -13.12 -3.59
CA ASP A 86 13.56 -13.73 -4.52
C ASP A 86 14.93 -13.08 -4.40
N ALA A 87 14.98 -11.83 -3.88
CA ALA A 87 16.22 -11.10 -3.68
C ALA A 87 16.87 -11.48 -2.35
N LEU A 88 16.12 -12.17 -1.49
CA LEU A 88 16.57 -12.51 -0.15
C LEU A 88 17.49 -13.74 -0.15
N GLU A 89 18.04 -14.04 1.02
CA GLU A 89 18.86 -15.21 1.28
C GLU A 89 18.05 -16.49 1.15
N LEU A 90 18.74 -17.63 1.15
CA LEU A 90 18.12 -18.94 1.04
C LEU A 90 17.33 -19.28 2.30
N VAL A 91 16.40 -20.23 2.18
CA VAL A 91 15.55 -20.65 3.28
C VAL A 91 15.08 -22.09 3.04
N PRO A 92 15.04 -22.94 4.07
CA PRO A 92 14.57 -24.31 3.96
C PRO A 92 13.06 -24.34 3.71
N ARG A 93 12.58 -25.48 3.18
CA ARG A 93 11.17 -25.67 2.84
C ARG A 93 10.76 -27.11 3.13
N MET A 1 -8.10 -0.71 -19.61
CA MET A 1 -8.07 -1.68 -18.52
C MET A 1 -7.06 -2.79 -18.82
N ALA A 2 -6.41 -3.32 -17.77
CA ALA A 2 -5.41 -4.37 -17.91
C ALA A 2 -5.48 -5.36 -16.74
N GLY A 3 -6.64 -5.45 -16.08
CA GLY A 3 -6.82 -6.31 -14.91
C GLY A 3 -6.35 -5.60 -13.64
N PRO A 4 -6.56 -6.23 -12.48
CA PRO A 4 -6.21 -5.66 -11.19
C PRO A 4 -4.71 -5.44 -11.05
N MET A 5 -4.35 -4.61 -10.08
CA MET A 5 -2.96 -4.22 -9.82
C MET A 5 -2.80 -3.95 -8.33
N ARG A 6 -1.61 -4.19 -7.79
CA ARG A 6 -1.38 -4.09 -6.35
C ARG A 6 -0.14 -3.26 -6.08
N LEU A 7 -0.23 -2.40 -5.05
CA LEU A 7 0.81 -1.44 -4.73
C LEU A 7 1.24 -1.56 -3.28
N TYR A 8 2.44 -1.05 -2.98
CA TYR A 8 2.91 -0.87 -1.62
C TYR A 8 2.49 0.52 -1.15
N VAL A 9 2.23 0.65 0.15
CA VAL A 9 1.91 1.90 0.80
C VAL A 9 2.72 2.00 2.08
N GLY A 10 3.25 3.19 2.39
CA GLY A 10 4.07 3.37 3.58
C GLY A 10 4.29 4.84 3.90
N SER A 11 5.15 5.13 4.87
CA SER A 11 5.30 6.47 5.41
C SER A 11 4.00 6.93 6.09
N LEU A 12 3.17 5.96 6.47
CA LEU A 12 1.95 6.17 7.25
C LEU A 12 2.27 6.15 8.73
N HIS A 13 1.64 7.03 9.52
CA HIS A 13 1.73 6.92 10.96
C HIS A 13 0.92 5.70 11.40
N PHE A 14 1.11 5.19 12.62
CA PHE A 14 0.23 4.13 13.11
C PHE A 14 -1.17 4.70 13.31
N ASN A 15 -1.29 6.04 13.38
CA ASN A 15 -2.57 6.70 13.42
C ASN A 15 -3.37 6.40 12.15
N ILE A 16 -2.69 6.02 11.07
CA ILE A 16 -3.35 5.62 9.83
C ILE A 16 -3.83 4.17 9.96
N THR A 17 -4.90 3.82 9.24
CA THR A 17 -5.48 2.49 9.34
C THR A 17 -5.95 2.02 7.97
N GLU A 18 -6.31 0.74 7.91
CA GLU A 18 -6.76 0.10 6.69
C GLU A 18 -8.08 0.71 6.20
N ASP A 19 -8.83 1.29 7.14
CA ASP A 19 -10.09 1.96 6.87
C ASP A 19 -9.88 3.28 6.17
N MET A 20 -8.86 4.04 6.58
CA MET A 20 -8.57 5.30 5.94
C MET A 20 -8.10 5.05 4.51
N LEU A 21 -7.16 4.13 4.31
CA LEU A 21 -6.69 3.82 2.97
C LEU A 21 -7.88 3.43 2.09
N ARG A 22 -8.92 2.82 2.65
CA ARG A 22 -10.09 2.46 1.87
C ARG A 22 -10.70 3.73 1.26
N GLY A 23 -10.76 4.82 2.03
CA GLY A 23 -11.31 6.08 1.55
C GLY A 23 -10.29 6.91 0.77
N ILE A 24 -8.99 6.59 0.89
CA ILE A 24 -7.94 7.34 0.22
C ILE A 24 -7.83 6.96 -1.25
N PHE A 25 -7.81 5.64 -1.54
CA PHE A 25 -7.54 5.15 -2.89
C PHE A 25 -8.80 4.81 -3.68
N GLU A 26 -9.94 4.66 -3.01
CA GLU A 26 -11.20 4.30 -3.64
C GLU A 26 -11.68 5.31 -4.70
N PRO A 27 -11.63 6.64 -4.45
CA PRO A 27 -12.08 7.62 -5.42
C PRO A 27 -11.22 7.62 -6.69
N PHE A 28 -10.05 6.98 -6.66
CA PHE A 28 -9.16 6.90 -7.80
C PHE A 28 -9.31 5.58 -8.57
N GLY A 29 -9.86 4.56 -7.93
CA GLY A 29 -9.99 3.23 -8.50
C GLY A 29 -10.74 2.32 -7.54
N ARG A 30 -11.53 1.38 -8.06
CA ARG A 30 -12.30 0.48 -7.21
C ARG A 30 -11.31 -0.40 -6.45
N ILE A 31 -11.37 -0.38 -5.12
CA ILE A 31 -10.44 -1.16 -4.31
C ILE A 31 -10.88 -2.62 -4.32
N GLU A 32 -9.95 -3.51 -4.68
CA GLU A 32 -10.21 -4.95 -4.71
C GLU A 32 -9.81 -5.60 -3.40
N SER A 33 -8.80 -5.06 -2.71
CA SER A 33 -8.35 -5.59 -1.42
C SER A 33 -7.37 -4.63 -0.75
N ILE A 34 -7.16 -4.82 0.55
CA ILE A 34 -6.16 -4.10 1.31
C ILE A 34 -5.60 -5.04 2.39
N GLN A 35 -4.33 -4.84 2.73
CA GLN A 35 -3.65 -5.60 3.77
C GLN A 35 -2.66 -4.69 4.48
N LEU A 36 -3.16 -3.95 5.47
CA LEU A 36 -2.32 -3.07 6.28
C LEU A 36 -1.42 -3.96 7.14
N MET A 37 -0.13 -3.68 7.13
CA MET A 37 0.82 -4.49 7.87
C MET A 37 0.66 -4.26 9.36
N MET A 38 0.74 -5.34 10.13
CA MET A 38 0.58 -5.33 11.57
C MET A 38 1.61 -6.27 12.20
N ASP A 39 2.07 -5.94 13.40
CA ASP A 39 3.12 -6.68 14.09
C ASP A 39 2.62 -8.08 14.46
N SER A 40 3.48 -9.09 14.32
CA SER A 40 3.13 -10.44 14.73
C SER A 40 3.18 -10.57 16.25
N GLU A 41 4.03 -9.78 16.88
CA GLU A 41 4.30 -9.92 18.30
C GLU A 41 3.35 -9.09 19.16
N THR A 42 2.74 -8.05 18.60
CA THR A 42 1.87 -7.15 19.37
C THR A 42 0.55 -6.87 18.64
N GLY A 43 0.42 -7.26 17.38
CA GLY A 43 -0.81 -7.09 16.61
C GLY A 43 -1.09 -5.64 16.23
N ARG A 44 -0.24 -4.69 16.63
CA ARG A 44 -0.46 -3.29 16.34
C ARG A 44 -0.08 -2.95 14.90
N SER A 45 -0.39 -1.73 14.48
CA SER A 45 -0.12 -1.21 13.16
C SER A 45 1.39 -1.17 12.86
N LYS A 46 1.78 -0.94 11.60
CA LYS A 46 3.19 -0.87 11.24
C LYS A 46 3.55 0.38 10.41
N GLY A 47 2.56 1.17 9.98
CA GLY A 47 2.82 2.38 9.24
C GLY A 47 3.10 2.14 7.76
N TYR A 48 2.77 0.94 7.27
CA TYR A 48 2.81 0.60 5.87
C TYR A 48 1.85 -0.57 5.62
N GLY A 49 1.53 -0.84 4.35
CA GLY A 49 0.54 -1.85 4.02
C GLY A 49 0.38 -2.03 2.52
N PHE A 50 -0.47 -2.98 2.13
CA PHE A 50 -0.70 -3.35 0.74
C PHE A 50 -2.12 -3.03 0.33
N ILE A 51 -2.34 -2.86 -0.99
CA ILE A 51 -3.64 -2.50 -1.51
C ILE A 51 -3.75 -2.90 -2.99
N THR A 52 -4.93 -3.36 -3.40
CA THR A 52 -5.18 -3.85 -4.75
C THR A 52 -6.33 -3.07 -5.38
N PHE A 53 -6.24 -2.87 -6.70
CA PHE A 53 -7.18 -2.08 -7.48
C PHE A 53 -7.82 -2.92 -8.56
N SER A 54 -8.93 -2.43 -9.11
CA SER A 54 -9.70 -3.10 -10.16
C SER A 54 -9.02 -2.98 -11.52
N ASP A 55 -8.12 -2.02 -11.66
CA ASP A 55 -7.43 -1.76 -12.92
C ASP A 55 -6.04 -1.21 -12.64
N SER A 56 -5.08 -1.45 -13.53
CA SER A 56 -3.72 -0.99 -13.34
C SER A 56 -3.64 0.52 -13.56
N GLU A 57 -4.48 1.07 -14.44
CA GLU A 57 -4.43 2.49 -14.74
C GLU A 57 -5.06 3.30 -13.63
N CYS A 58 -5.97 2.69 -12.87
CA CYS A 58 -6.56 3.31 -11.71
C CYS A 58 -5.63 3.22 -10.51
N ALA A 59 -4.76 2.20 -10.48
CA ALA A 59 -3.79 2.04 -9.41
C ALA A 59 -2.65 3.03 -9.66
N LYS A 60 -2.25 3.14 -10.92
CA LYS A 60 -1.22 4.05 -11.37
C LYS A 60 -1.62 5.50 -11.13
N LYS A 61 -2.92 5.79 -11.13
CA LYS A 61 -3.40 7.13 -10.84
C LYS A 61 -3.31 7.39 -9.34
N ALA A 62 -3.96 6.55 -8.51
CA ALA A 62 -3.92 6.69 -7.06
C ALA A 62 -2.48 6.62 -6.55
N LEU A 63 -1.58 6.04 -7.35
CA LEU A 63 -0.16 5.98 -7.03
C LEU A 63 0.40 7.39 -7.02
N GLU A 64 0.51 8.01 -8.20
CA GLU A 64 1.15 9.30 -8.31
C GLU A 64 0.34 10.42 -7.65
N GLN A 65 -0.94 10.18 -7.35
CA GLN A 65 -1.79 11.18 -6.71
C GLN A 65 -1.58 11.21 -5.20
N LEU A 66 -1.47 10.05 -4.55
CA LEU A 66 -1.23 10.02 -3.11
C LEU A 66 0.25 9.90 -2.78
N ASN A 67 1.09 9.63 -3.78
CA ASN A 67 2.54 9.59 -3.60
C ASN A 67 3.01 10.95 -3.09
N GLY A 68 3.41 10.98 -1.82
CA GLY A 68 3.87 12.17 -1.11
C GLY A 68 2.74 12.99 -0.50
N PHE A 69 1.51 12.47 -0.49
CA PHE A 69 0.39 13.16 0.15
C PHE A 69 0.54 13.08 1.67
N GLU A 70 0.49 14.23 2.34
CA GLU A 70 0.63 14.34 3.79
C GLU A 70 -0.59 13.77 4.52
N LEU A 71 -0.77 12.46 4.47
CA LEU A 71 -1.79 11.79 5.25
C LEU A 71 -1.34 11.88 6.71
N ALA A 72 -2.19 12.43 7.58
CA ALA A 72 -1.83 12.71 8.96
C ALA A 72 -0.56 13.56 9.08
N GLY A 73 -0.20 14.27 7.99
CA GLY A 73 0.91 15.21 7.98
C GLY A 73 2.22 14.63 7.47
N ARG A 74 2.34 13.30 7.33
CA ARG A 74 3.54 12.70 6.74
C ARG A 74 3.23 12.27 5.32
N PRO A 75 4.06 12.64 4.34
CA PRO A 75 3.87 12.28 2.95
C PRO A 75 3.96 10.76 2.80
N MET A 76 2.85 10.12 2.45
CA MET A 76 2.84 8.67 2.27
C MET A 76 3.63 8.32 1.03
N LYS A 77 4.11 7.09 0.94
CA LYS A 77 4.74 6.61 -0.27
C LYS A 77 3.85 5.56 -0.91
N VAL A 78 3.87 5.53 -2.24
CA VAL A 78 3.15 4.51 -2.99
C VAL A 78 4.03 4.09 -4.16
N GLY A 79 3.90 2.85 -4.62
CA GLY A 79 4.64 2.37 -5.77
C GLY A 79 4.32 0.91 -6.05
N HIS A 80 4.83 0.40 -7.18
CA HIS A 80 4.53 -0.96 -7.58
C HIS A 80 5.18 -1.95 -6.62
N VAL A 81 4.53 -3.10 -6.45
CA VAL A 81 4.94 -4.10 -5.49
C VAL A 81 5.84 -5.13 -6.18
N THR A 82 6.61 -5.92 -5.41
CA THR A 82 7.63 -6.79 -5.98
C THR A 82 8.15 -7.78 -4.95
N GLU A 83 8.78 -8.86 -5.41
CA GLU A 83 9.36 -9.88 -4.55
C GLU A 83 10.56 -9.33 -3.80
N ARG A 84 10.90 -9.96 -2.67
CA ARG A 84 12.00 -9.52 -1.81
C ARG A 84 12.67 -10.70 -1.10
N THR A 85 12.31 -11.93 -1.49
CA THR A 85 12.83 -13.14 -0.88
C THR A 85 14.32 -13.32 -1.13
N ASP A 86 14.87 -12.60 -2.11
CA ASP A 86 16.28 -12.71 -2.47
C ASP A 86 17.12 -11.63 -1.79
N ALA A 87 16.50 -10.77 -0.98
CA ALA A 87 17.20 -9.69 -0.28
C ALA A 87 18.03 -10.23 0.88
N LEU A 88 17.86 -11.50 1.23
CA LEU A 88 18.51 -12.11 2.38
C LEU A 88 18.69 -13.60 2.19
N GLU A 89 19.40 -14.23 3.13
CA GLU A 89 19.63 -15.66 3.12
C GLU A 89 19.61 -16.22 4.54
N LEU A 90 19.36 -17.52 4.66
CA LEU A 90 19.30 -18.20 5.95
C LEU A 90 19.65 -19.68 5.79
N VAL A 91 19.86 -20.37 6.91
CA VAL A 91 20.24 -21.79 6.92
C VAL A 91 19.07 -22.66 6.49
N PRO A 92 19.35 -23.82 5.88
CA PRO A 92 18.34 -24.76 5.43
C PRO A 92 17.67 -25.44 6.63
N ARG A 93 16.51 -26.06 6.39
CA ARG A 93 15.74 -26.75 7.42
C ARG A 93 14.92 -27.86 6.79
N MET A 1 1.82 -4.69 -16.88
CA MET A 1 0.95 -5.24 -15.82
C MET A 1 -0.23 -5.98 -16.44
N ALA A 2 -0.87 -6.85 -15.65
CA ALA A 2 -2.04 -7.60 -16.07
C ALA A 2 -2.91 -7.92 -14.86
N GLY A 3 -4.23 -8.07 -15.07
CA GLY A 3 -5.18 -8.32 -14.00
C GLY A 3 -5.26 -7.12 -13.06
N PRO A 4 -5.91 -7.28 -11.89
CA PRO A 4 -6.01 -6.23 -10.89
C PRO A 4 -4.60 -5.88 -10.39
N MET A 5 -4.30 -4.57 -10.29
CA MET A 5 -2.97 -4.11 -9.92
C MET A 5 -2.86 -3.96 -8.40
N ARG A 6 -1.64 -4.02 -7.86
CA ARG A 6 -1.42 -3.96 -6.43
C ARG A 6 -0.19 -3.10 -6.12
N LEU A 7 -0.28 -2.28 -5.08
CA LEU A 7 0.77 -1.32 -4.73
C LEU A 7 1.20 -1.44 -3.27
N TYR A 8 2.39 -0.93 -2.98
CA TYR A 8 2.87 -0.76 -1.61
C TYR A 8 2.48 0.64 -1.14
N VAL A 9 2.22 0.79 0.15
CA VAL A 9 1.89 2.08 0.75
C VAL A 9 2.69 2.22 2.05
N GLY A 10 3.30 3.39 2.27
CA GLY A 10 4.15 3.61 3.44
C GLY A 10 4.29 5.09 3.76
N SER A 11 5.16 5.41 4.74
CA SER A 11 5.25 6.74 5.31
C SER A 11 3.94 7.11 6.03
N LEU A 12 3.18 6.07 6.40
CA LEU A 12 1.97 6.16 7.18
C LEU A 12 2.30 6.02 8.67
N HIS A 13 1.70 6.87 9.51
CA HIS A 13 1.84 6.68 10.96
C HIS A 13 1.06 5.43 11.37
N PHE A 14 1.27 4.90 12.57
CA PHE A 14 0.41 3.82 13.07
C PHE A 14 -0.99 4.38 13.29
N ASN A 15 -1.10 5.71 13.41
CA ASN A 15 -2.40 6.36 13.51
C ASN A 15 -3.21 6.13 12.23
N ILE A 16 -2.53 5.78 11.12
CA ILE A 16 -3.21 5.45 9.87
C ILE A 16 -3.74 4.03 9.96
N THR A 17 -4.84 3.75 9.25
CA THR A 17 -5.48 2.45 9.31
C THR A 17 -5.97 2.02 7.94
N GLU A 18 -6.35 0.75 7.84
CA GLU A 18 -6.83 0.14 6.61
C GLU A 18 -8.12 0.81 6.15
N ASP A 19 -8.86 1.39 7.10
CA ASP A 19 -10.11 2.08 6.84
C ASP A 19 -9.88 3.41 6.15
N MET A 20 -8.83 4.14 6.55
CA MET A 20 -8.54 5.41 5.92
C MET A 20 -8.10 5.17 4.49
N LEU A 21 -7.19 4.22 4.26
CA LEU A 21 -6.74 3.92 2.92
C LEU A 21 -7.93 3.54 2.04
N ARG A 22 -8.98 2.95 2.62
CA ARG A 22 -10.16 2.60 1.84
C ARG A 22 -10.76 3.87 1.24
N GLY A 23 -10.79 4.95 2.01
CA GLY A 23 -11.35 6.22 1.53
C GLY A 23 -10.32 7.06 0.75
N ILE A 24 -9.03 6.73 0.87
CA ILE A 24 -7.97 7.48 0.21
C ILE A 24 -7.87 7.09 -1.27
N PHE A 25 -7.85 5.78 -1.57
CA PHE A 25 -7.58 5.29 -2.91
C PHE A 25 -8.85 4.95 -3.69
N GLU A 26 -9.99 4.79 -3.01
CA GLU A 26 -11.24 4.42 -3.66
C GLU A 26 -11.71 5.41 -4.72
N PRO A 27 -11.67 6.74 -4.47
CA PRO A 27 -12.11 7.71 -5.46
C PRO A 27 -11.25 7.71 -6.71
N PHE A 28 -10.07 7.08 -6.67
CA PHE A 28 -9.17 6.99 -7.82
C PHE A 28 -9.31 5.67 -8.58
N GLY A 29 -9.87 4.65 -7.93
CA GLY A 29 -9.97 3.31 -8.52
C GLY A 29 -10.74 2.39 -7.59
N ARG A 30 -11.48 1.43 -8.15
CA ARG A 30 -12.26 0.51 -7.35
C ARG A 30 -11.29 -0.35 -6.55
N ILE A 31 -11.34 -0.27 -5.23
CA ILE A 31 -10.45 -1.05 -4.40
C ILE A 31 -10.89 -2.51 -4.38
N GLU A 32 -10.00 -3.40 -4.79
CA GLU A 32 -10.27 -4.83 -4.81
C GLU A 32 -9.92 -5.47 -3.47
N SER A 33 -8.89 -4.94 -2.79
CA SER A 33 -8.49 -5.43 -1.49
C SER A 33 -7.48 -4.50 -0.82
N ILE A 34 -7.28 -4.68 0.49
CA ILE A 34 -6.26 -3.98 1.24
C ILE A 34 -5.71 -4.93 2.30
N GLN A 35 -4.43 -4.75 2.66
CA GLN A 35 -3.76 -5.54 3.69
C GLN A 35 -2.77 -4.66 4.42
N LEU A 36 -3.26 -3.95 5.44
CA LEU A 36 -2.43 -3.08 6.27
C LEU A 36 -1.50 -3.99 7.09
N MET A 37 -0.22 -3.66 7.11
CA MET A 37 0.76 -4.46 7.80
C MET A 37 0.63 -4.28 9.32
N MET A 38 0.82 -5.39 10.04
CA MET A 38 0.69 -5.43 11.48
C MET A 38 1.79 -6.33 12.05
N ASP A 39 2.27 -6.00 13.26
CA ASP A 39 3.40 -6.69 13.87
C ASP A 39 3.01 -8.11 14.23
N SER A 40 3.92 -9.07 14.01
CA SER A 40 3.70 -10.45 14.40
C SER A 40 3.88 -10.61 15.91
N GLU A 41 4.75 -9.78 16.49
CA GLU A 41 5.15 -9.93 17.88
C GLU A 41 4.22 -9.20 18.85
N THR A 42 3.49 -8.19 18.38
CA THR A 42 2.63 -7.38 19.24
C THR A 42 1.23 -7.17 18.65
N GLY A 43 1.02 -7.55 17.39
CA GLY A 43 -0.27 -7.45 16.74
C GLY A 43 -0.69 -6.02 16.41
N ARG A 44 0.13 -5.02 16.76
CA ARG A 44 -0.20 -3.62 16.50
C ARG A 44 0.06 -3.26 15.04
N SER A 45 -0.31 -2.03 14.69
CA SER A 45 -0.16 -1.48 13.36
C SER A 45 1.32 -1.37 12.97
N LYS A 46 1.61 -1.18 11.68
CA LYS A 46 2.97 -0.94 11.21
C LYS A 46 3.03 0.31 10.33
N GLY A 47 1.88 0.96 10.14
CA GLY A 47 1.77 2.13 9.29
C GLY A 47 1.64 1.70 7.84
N TYR A 48 2.67 1.03 7.29
CA TYR A 48 2.66 0.67 5.88
C TYR A 48 1.69 -0.49 5.63
N GLY A 49 1.40 -0.76 4.36
CA GLY A 49 0.45 -1.80 4.00
C GLY A 49 0.28 -1.95 2.50
N PHE A 50 -0.55 -2.91 2.10
CA PHE A 50 -0.78 -3.26 0.71
C PHE A 50 -2.21 -2.91 0.30
N ILE A 51 -2.42 -2.73 -1.00
CA ILE A 51 -3.71 -2.35 -1.54
C ILE A 51 -3.81 -2.77 -3.01
N THR A 52 -5.01 -3.21 -3.43
CA THR A 52 -5.25 -3.75 -4.75
C THR A 52 -6.36 -2.96 -5.45
N PHE A 53 -6.21 -2.76 -6.76
CA PHE A 53 -7.10 -1.97 -7.58
C PHE A 53 -7.67 -2.81 -8.72
N SER A 54 -8.84 -2.40 -9.23
CA SER A 54 -9.54 -3.09 -10.29
C SER A 54 -8.83 -2.95 -11.64
N ASP A 55 -7.92 -1.99 -11.75
CA ASP A 55 -7.23 -1.71 -13.00
C ASP A 55 -5.85 -1.10 -12.69
N SER A 56 -4.88 -1.32 -13.58
CA SER A 56 -3.55 -0.79 -13.37
C SER A 56 -3.54 0.71 -13.56
N GLU A 57 -4.37 1.24 -14.46
CA GLU A 57 -4.37 2.67 -14.73
C GLU A 57 -5.02 3.43 -13.59
N CYS A 58 -5.90 2.77 -12.83
CA CYS A 58 -6.52 3.38 -11.67
C CYS A 58 -5.60 3.30 -10.46
N ALA A 59 -4.69 2.31 -10.45
CA ALA A 59 -3.70 2.19 -9.40
C ALA A 59 -2.58 3.19 -9.67
N LYS A 60 -2.20 3.32 -10.93
CA LYS A 60 -1.18 4.25 -11.41
C LYS A 60 -1.61 5.68 -11.17
N LYS A 61 -2.92 5.95 -11.14
CA LYS A 61 -3.41 7.29 -10.86
C LYS A 61 -3.35 7.56 -9.36
N ALA A 62 -3.98 6.71 -8.54
CA ALA A 62 -3.93 6.87 -7.09
C ALA A 62 -2.50 6.81 -6.58
N LEU A 63 -1.59 6.21 -7.36
CA LEU A 63 -0.18 6.16 -7.05
C LEU A 63 0.37 7.58 -7.05
N GLU A 64 0.44 8.20 -8.22
CA GLU A 64 1.07 9.51 -8.34
C GLU A 64 0.26 10.60 -7.66
N GLN A 65 -1.02 10.36 -7.38
CA GLN A 65 -1.88 11.35 -6.74
C GLN A 65 -1.68 11.39 -5.23
N LEU A 66 -1.57 10.23 -4.57
CA LEU A 66 -1.33 10.21 -3.14
C LEU A 66 0.16 10.10 -2.82
N ASN A 67 1.00 9.86 -3.82
CA ASN A 67 2.44 9.83 -3.64
C ASN A 67 2.89 11.19 -3.13
N GLY A 68 3.28 11.22 -1.85
CA GLY A 68 3.73 12.41 -1.14
C GLY A 68 2.59 13.20 -0.50
N PHE A 69 1.37 12.67 -0.48
CA PHE A 69 0.24 13.31 0.17
C PHE A 69 0.40 13.22 1.70
N GLU A 70 0.34 14.35 2.38
CA GLU A 70 0.48 14.45 3.83
C GLU A 70 -0.71 13.84 4.56
N LEU A 71 -0.87 12.53 4.49
CA LEU A 71 -1.88 11.84 5.28
C LEU A 71 -1.39 11.89 6.73
N ALA A 72 -2.22 12.41 7.63
CA ALA A 72 -1.83 12.66 9.02
C ALA A 72 -0.58 13.53 9.13
N GLY A 73 -0.26 14.29 8.06
CA GLY A 73 0.83 15.24 8.04
C GLY A 73 2.15 14.68 7.49
N ARG A 74 2.26 13.36 7.32
CA ARG A 74 3.47 12.78 6.72
C ARG A 74 3.15 12.37 5.29
N PRO A 75 3.97 12.79 4.32
CA PRO A 75 3.77 12.46 2.92
C PRO A 75 3.90 10.96 2.71
N MET A 76 2.80 10.29 2.37
CA MET A 76 2.81 8.85 2.19
C MET A 76 3.58 8.52 0.91
N LYS A 77 4.16 7.32 0.84
CA LYS A 77 4.78 6.85 -0.38
C LYS A 77 3.92 5.75 -0.97
N VAL A 78 3.87 5.70 -2.30
CA VAL A 78 3.15 4.69 -3.03
C VAL A 78 4.01 4.24 -4.19
N GLY A 79 3.84 2.99 -4.64
CA GLY A 79 4.60 2.48 -5.77
C GLY A 79 4.29 1.01 -6.03
N HIS A 80 4.87 0.47 -7.10
CA HIS A 80 4.61 -0.90 -7.51
C HIS A 80 5.21 -1.88 -6.51
N VAL A 81 4.72 -3.12 -6.55
CA VAL A 81 5.03 -4.12 -5.55
C VAL A 81 5.89 -5.23 -6.19
N THR A 82 6.54 -6.07 -5.38
CA THR A 82 7.52 -7.01 -5.90
C THR A 82 7.89 -8.06 -4.84
N GLU A 83 8.36 -9.22 -5.31
CA GLU A 83 8.84 -10.30 -4.45
C GLU A 83 10.08 -9.83 -3.68
N ARG A 84 10.29 -10.42 -2.50
CA ARG A 84 11.41 -10.06 -1.63
C ARG A 84 11.75 -11.20 -0.66
N THR A 85 11.07 -12.34 -0.78
CA THR A 85 11.27 -13.48 0.11
C THR A 85 12.63 -14.14 -0.13
N ASP A 86 13.34 -13.74 -1.18
CA ASP A 86 14.65 -14.27 -1.50
C ASP A 86 15.76 -13.32 -1.04
N ALA A 87 15.39 -12.20 -0.42
CA ALA A 87 16.37 -11.22 0.06
C ALA A 87 17.07 -11.69 1.33
N LEU A 88 16.58 -12.78 1.94
CA LEU A 88 17.11 -13.32 3.18
C LEU A 88 16.84 -14.81 3.28
N GLU A 89 17.67 -15.50 4.07
CA GLU A 89 17.54 -16.93 4.34
C GLU A 89 17.47 -17.78 3.07
N LEU A 90 17.98 -17.25 1.94
CA LEU A 90 17.94 -17.94 0.66
C LEU A 90 18.91 -19.13 0.64
N VAL A 91 19.93 -19.12 1.52
CA VAL A 91 20.92 -20.18 1.59
C VAL A 91 20.28 -21.46 2.12
N PRO A 92 20.66 -22.64 1.60
CA PRO A 92 20.16 -23.93 2.07
C PRO A 92 20.37 -24.15 3.58
N ARG A 93 19.77 -25.22 4.11
CA ARG A 93 19.82 -25.49 5.54
C ARG A 93 19.79 -26.99 5.80
N MET A 1 -7.86 -0.82 -19.87
CA MET A 1 -7.90 -1.79 -18.75
C MET A 1 -6.85 -2.88 -18.96
N ALA A 2 -6.28 -3.38 -17.85
CA ALA A 2 -5.25 -4.41 -17.89
C ALA A 2 -5.38 -5.38 -16.71
N GLY A 3 -6.56 -5.43 -16.09
CA GLY A 3 -6.80 -6.27 -14.92
C GLY A 3 -6.32 -5.58 -13.65
N PRO A 4 -6.56 -6.20 -12.48
CA PRO A 4 -6.23 -5.63 -11.19
C PRO A 4 -4.73 -5.44 -11.01
N MET A 5 -4.37 -4.59 -10.06
CA MET A 5 -2.99 -4.21 -9.79
C MET A 5 -2.84 -3.90 -8.31
N ARG A 6 -1.68 -4.21 -7.73
CA ARG A 6 -1.44 -4.00 -6.30
C ARG A 6 -0.24 -3.11 -6.09
N LEU A 7 -0.32 -2.26 -5.06
CA LEU A 7 0.72 -1.30 -4.75
C LEU A 7 1.11 -1.37 -3.28
N TYR A 8 2.39 -1.09 -3.00
CA TYR A 8 2.87 -0.93 -1.65
C TYR A 8 2.44 0.45 -1.15
N VAL A 9 2.19 0.56 0.16
CA VAL A 9 1.84 1.82 0.81
C VAL A 9 2.64 1.92 2.09
N GLY A 10 3.24 3.09 2.35
CA GLY A 10 4.07 3.29 3.52
C GLY A 10 4.29 4.76 3.82
N SER A 11 5.19 5.05 4.76
CA SER A 11 5.34 6.41 5.30
C SER A 11 4.06 6.84 6.02
N LEU A 12 3.22 5.86 6.38
CA LEU A 12 2.02 6.02 7.17
C LEU A 12 2.34 5.96 8.65
N HIS A 13 1.69 6.81 9.46
CA HIS A 13 1.83 6.72 10.90
C HIS A 13 1.08 5.48 11.42
N PHE A 14 1.31 5.08 12.68
CA PHE A 14 0.52 4.01 13.29
C PHE A 14 -0.92 4.49 13.46
N ASN A 15 -1.11 5.81 13.53
CA ASN A 15 -2.44 6.41 13.59
C ASN A 15 -3.23 6.14 12.31
N ILE A 16 -2.57 5.73 11.22
CA ILE A 16 -3.26 5.40 9.98
C ILE A 16 -3.88 4.01 10.10
N THR A 17 -4.95 3.77 9.34
CA THR A 17 -5.66 2.50 9.40
C THR A 17 -6.06 2.05 8.00
N GLU A 18 -6.45 0.77 7.91
CA GLU A 18 -6.86 0.15 6.67
C GLU A 18 -8.13 0.81 6.14
N ASP A 19 -8.91 1.41 7.04
CA ASP A 19 -10.14 2.09 6.74
C ASP A 19 -9.88 3.43 6.05
N MET A 20 -8.85 4.17 6.49
CA MET A 20 -8.54 5.42 5.84
C MET A 20 -8.09 5.17 4.41
N LEU A 21 -7.18 4.22 4.19
CA LEU A 21 -6.73 3.90 2.85
C LEU A 21 -7.93 3.55 1.97
N ARG A 22 -8.98 2.94 2.53
CA ARG A 22 -10.15 2.62 1.76
C ARG A 22 -10.74 3.89 1.15
N GLY A 23 -10.77 4.98 1.92
CA GLY A 23 -11.30 6.24 1.44
C GLY A 23 -10.28 7.07 0.67
N ILE A 24 -9.00 6.73 0.79
CA ILE A 24 -7.92 7.46 0.11
C ILE A 24 -7.82 7.06 -1.35
N PHE A 25 -7.80 5.76 -1.65
CA PHE A 25 -7.53 5.26 -2.98
C PHE A 25 -8.79 4.93 -3.77
N GLU A 26 -9.94 4.78 -3.10
CA GLU A 26 -11.19 4.42 -3.75
C GLU A 26 -11.65 5.44 -4.83
N PRO A 27 -11.60 6.75 -4.58
CA PRO A 27 -12.02 7.74 -5.57
C PRO A 27 -11.14 7.73 -6.81
N PHE A 28 -9.97 7.08 -6.75
CA PHE A 28 -9.08 6.98 -7.90
C PHE A 28 -9.24 5.65 -8.64
N GLY A 29 -9.80 4.64 -7.99
CA GLY A 29 -9.93 3.31 -8.55
C GLY A 29 -10.71 2.40 -7.61
N ARG A 30 -11.50 1.48 -8.15
CA ARG A 30 -12.30 0.58 -7.31
C ARG A 30 -11.34 -0.31 -6.55
N ILE A 31 -11.39 -0.26 -5.21
CA ILE A 31 -10.47 -1.04 -4.40
C ILE A 31 -10.92 -2.50 -4.39
N GLU A 32 -10.01 -3.41 -4.74
CA GLU A 32 -10.27 -4.84 -4.76
C GLU A 32 -9.89 -5.49 -3.44
N SER A 33 -8.88 -4.95 -2.75
CA SER A 33 -8.45 -5.46 -1.46
C SER A 33 -7.48 -4.50 -0.79
N ILE A 34 -7.27 -4.68 0.52
CA ILE A 34 -6.27 -3.97 1.29
C ILE A 34 -5.73 -4.91 2.37
N GLN A 35 -4.45 -4.73 2.73
CA GLN A 35 -3.81 -5.52 3.78
C GLN A 35 -2.78 -4.67 4.52
N LEU A 36 -3.24 -3.96 5.54
CA LEU A 36 -2.39 -3.14 6.38
C LEU A 36 -1.51 -4.06 7.21
N MET A 37 -0.22 -3.78 7.28
CA MET A 37 0.73 -4.60 8.01
C MET A 37 0.55 -4.41 9.51
N MET A 38 0.72 -5.49 10.27
CA MET A 38 0.57 -5.50 11.72
C MET A 38 1.64 -6.40 12.34
N ASP A 39 2.07 -6.08 13.57
CA ASP A 39 3.13 -6.82 14.23
C ASP A 39 2.66 -8.23 14.60
N SER A 40 3.54 -9.22 14.46
CA SER A 40 3.21 -10.60 14.76
C SER A 40 3.16 -10.87 16.27
N GLU A 41 3.82 -10.03 17.08
CA GLU A 41 3.87 -10.22 18.52
C GLU A 41 2.91 -9.29 19.25
N THR A 42 3.06 -7.98 19.06
CA THR A 42 2.28 -7.02 19.82
C THR A 42 0.92 -6.76 19.19
N GLY A 43 0.70 -7.23 17.97
CA GLY A 43 -0.56 -7.04 17.25
C GLY A 43 -0.77 -5.59 16.85
N ARG A 44 0.22 -4.72 17.09
CA ARG A 44 0.17 -3.31 16.76
C ARG A 44 0.27 -3.10 15.25
N SER A 45 0.11 -1.84 14.81
CA SER A 45 0.22 -1.48 13.41
C SER A 45 1.67 -1.62 12.95
N LYS A 46 1.93 -1.30 11.67
CA LYS A 46 3.30 -1.20 11.15
C LYS A 46 3.40 0.06 10.30
N GLY A 47 2.32 0.85 10.25
CA GLY A 47 2.24 2.00 9.37
C GLY A 47 1.93 1.55 7.94
N TYR A 48 2.87 0.87 7.31
CA TYR A 48 2.77 0.50 5.91
C TYR A 48 1.81 -0.67 5.71
N GLY A 49 1.53 -1.02 4.46
CA GLY A 49 0.60 -2.08 4.10
C GLY A 49 0.43 -2.22 2.60
N PHE A 50 -0.64 -2.90 2.19
CA PHE A 50 -0.91 -3.18 0.79
C PHE A 50 -2.33 -2.87 0.36
N ILE A 51 -2.50 -2.73 -0.96
CA ILE A 51 -3.79 -2.35 -1.53
C ILE A 51 -3.86 -2.78 -3.00
N THR A 52 -5.03 -3.27 -3.42
CA THR A 52 -5.26 -3.77 -4.77
C THR A 52 -6.39 -3.00 -5.43
N PHE A 53 -6.28 -2.80 -6.74
CA PHE A 53 -7.20 -2.01 -7.54
C PHE A 53 -7.86 -2.86 -8.63
N SER A 54 -8.96 -2.35 -9.18
CA SER A 54 -9.72 -3.02 -10.24
C SER A 54 -9.01 -2.95 -11.58
N ASP A 55 -8.13 -1.97 -11.75
CA ASP A 55 -7.41 -1.76 -13.00
C ASP A 55 -6.02 -1.20 -12.70
N SER A 56 -5.04 -1.51 -13.55
CA SER A 56 -3.69 -1.02 -13.37
C SER A 56 -3.64 0.48 -13.61
N GLU A 57 -4.51 1.01 -14.48
CA GLU A 57 -4.50 2.42 -14.81
C GLU A 57 -5.03 3.24 -13.64
N CYS A 58 -5.95 2.64 -12.87
CA CYS A 58 -6.53 3.31 -11.72
C CYS A 58 -5.59 3.20 -10.51
N ALA A 59 -4.74 2.19 -10.49
CA ALA A 59 -3.75 2.03 -9.44
C ALA A 59 -2.61 3.00 -9.70
N LYS A 60 -2.21 3.09 -10.97
CA LYS A 60 -1.17 3.98 -11.45
C LYS A 60 -1.56 5.44 -11.23
N LYS A 61 -2.86 5.74 -11.22
CA LYS A 61 -3.32 7.09 -10.96
C LYS A 61 -3.23 7.37 -9.46
N ALA A 62 -3.88 6.55 -8.63
CA ALA A 62 -3.85 6.71 -7.18
C ALA A 62 -2.41 6.63 -6.66
N LEU A 63 -1.52 6.01 -7.43
CA LEU A 63 -0.11 5.94 -7.11
C LEU A 63 0.47 7.35 -7.11
N GLU A 64 0.57 7.96 -8.29
CA GLU A 64 1.25 9.24 -8.40
C GLU A 64 0.45 10.37 -7.73
N GLN A 65 -0.84 10.14 -7.45
CA GLN A 65 -1.67 11.14 -6.81
C GLN A 65 -1.48 11.18 -5.30
N LEU A 66 -1.39 10.03 -4.64
CA LEU A 66 -1.18 9.99 -3.20
C LEU A 66 0.30 9.85 -2.86
N ASN A 67 1.14 9.56 -3.84
CA ASN A 67 2.59 9.50 -3.64
C ASN A 67 3.07 10.86 -3.14
N GLY A 68 3.44 10.89 -1.86
CA GLY A 68 3.90 12.08 -1.16
C GLY A 68 2.77 12.93 -0.57
N PHE A 69 1.54 12.40 -0.55
CA PHE A 69 0.42 13.11 0.07
C PHE A 69 0.56 13.04 1.59
N GLU A 70 0.48 14.20 2.26
CA GLU A 70 0.60 14.31 3.70
C GLU A 70 -0.62 13.73 4.42
N LEU A 71 -0.79 12.41 4.37
CA LEU A 71 -1.83 11.76 5.16
C LEU A 71 -1.37 11.84 6.61
N ALA A 72 -2.22 12.38 7.49
CA ALA A 72 -1.87 12.64 8.89
C ALA A 72 -0.61 13.51 8.99
N GLY A 73 -0.26 14.25 7.92
CA GLY A 73 0.84 15.21 7.93
C GLY A 73 2.17 14.65 7.42
N ARG A 74 2.29 13.33 7.25
CA ARG A 74 3.50 12.75 6.68
C ARG A 74 3.20 12.29 5.25
N PRO A 75 4.04 12.66 4.29
CA PRO A 75 3.87 12.28 2.90
C PRO A 75 3.96 10.76 2.78
N MET A 76 2.85 10.11 2.40
CA MET A 76 2.86 8.66 2.24
C MET A 76 3.67 8.29 1.02
N LYS A 77 4.06 7.03 0.90
CA LYS A 77 4.73 6.52 -0.28
C LYS A 77 3.85 5.46 -0.92
N VAL A 78 3.88 5.42 -2.25
CA VAL A 78 3.15 4.43 -3.01
C VAL A 78 4.02 3.98 -4.17
N GLY A 79 3.86 2.74 -4.62
CA GLY A 79 4.61 2.25 -5.76
C GLY A 79 4.27 0.80 -6.07
N HIS A 80 4.84 0.28 -7.17
CA HIS A 80 4.57 -1.08 -7.61
C HIS A 80 5.13 -2.08 -6.60
N VAL A 81 4.71 -3.34 -6.72
CA VAL A 81 4.98 -4.34 -5.71
C VAL A 81 5.74 -5.53 -6.31
N THR A 82 6.39 -6.31 -5.45
CA THR A 82 7.33 -7.35 -5.89
C THR A 82 7.70 -8.27 -4.73
N GLU A 83 8.19 -9.46 -5.06
CA GLU A 83 8.65 -10.40 -4.07
C GLU A 83 9.90 -9.82 -3.40
N ARG A 84 9.99 -9.96 -2.07
CA ARG A 84 11.10 -9.38 -1.32
C ARG A 84 12.41 -10.09 -1.64
N THR A 85 13.49 -9.33 -1.78
CA THR A 85 14.82 -9.84 -2.10
C THR A 85 15.44 -10.57 -0.92
N ASP A 86 14.94 -10.31 0.29
CA ASP A 86 15.44 -10.89 1.51
C ASP A 86 14.82 -12.26 1.80
N ALA A 87 13.89 -12.71 0.94
CA ALA A 87 13.21 -13.98 1.11
C ALA A 87 14.10 -15.17 0.74
N LEU A 88 15.23 -14.91 0.07
CA LEU A 88 16.10 -15.96 -0.43
C LEU A 88 17.53 -15.47 -0.56
N GLU A 89 18.45 -16.39 -0.84
CA GLU A 89 19.85 -16.07 -1.02
C GLU A 89 20.50 -16.91 -2.12
N LEU A 90 19.71 -17.74 -2.81
CA LEU A 90 20.20 -18.58 -3.88
C LEU A 90 20.61 -17.75 -5.09
N VAL A 91 21.49 -18.30 -5.93
CA VAL A 91 21.98 -17.64 -7.13
C VAL A 91 22.41 -18.71 -8.14
N PRO A 92 22.10 -18.52 -9.44
CA PRO A 92 22.45 -19.49 -10.48
C PRO A 92 23.94 -19.50 -10.81
N ARG A 93 24.70 -18.55 -10.26
CA ARG A 93 26.14 -18.46 -10.49
C ARG A 93 26.88 -19.61 -9.80
N MET A 1 -0.83 -5.48 -20.51
CA MET A 1 -1.19 -5.34 -19.09
C MET A 1 -2.70 -5.17 -18.94
N ALA A 2 -3.32 -5.98 -18.09
CA ALA A 2 -4.76 -5.96 -17.85
C ALA A 2 -5.09 -6.58 -16.49
N GLY A 3 -6.35 -6.46 -16.07
CA GLY A 3 -6.81 -6.99 -14.79
C GLY A 3 -6.42 -6.08 -13.64
N PRO A 4 -6.58 -6.56 -12.40
CA PRO A 4 -6.27 -5.80 -11.18
C PRO A 4 -4.77 -5.54 -11.05
N MET A 5 -4.42 -4.66 -10.11
CA MET A 5 -3.05 -4.26 -9.85
C MET A 5 -2.90 -3.99 -8.36
N ARG A 6 -1.74 -4.27 -7.79
CA ARG A 6 -1.52 -4.16 -6.35
C ARG A 6 -0.29 -3.32 -6.08
N LEU A 7 -0.39 -2.45 -5.06
CA LEU A 7 0.67 -1.51 -4.73
C LEU A 7 1.08 -1.64 -3.26
N TYR A 8 2.29 -1.14 -2.96
CA TYR A 8 2.75 -0.97 -1.59
C TYR A 8 2.34 0.42 -1.13
N VAL A 9 2.07 0.56 0.17
CA VAL A 9 1.76 1.83 0.80
C VAL A 9 2.57 1.93 2.09
N GLY A 10 3.08 3.10 2.43
CA GLY A 10 3.90 3.25 3.62
C GLY A 10 4.18 4.70 3.98
N SER A 11 5.09 4.91 4.92
CA SER A 11 5.36 6.23 5.48
C SER A 11 4.15 6.76 6.26
N LEU A 12 3.19 5.88 6.56
CA LEU A 12 1.99 6.18 7.33
C LEU A 12 2.29 6.19 8.83
N HIS A 13 1.61 7.06 9.58
CA HIS A 13 1.66 6.96 11.03
C HIS A 13 0.85 5.74 11.46
N PHE A 14 1.03 5.24 12.69
CA PHE A 14 0.15 4.19 13.18
C PHE A 14 -1.25 4.76 13.39
N ASN A 15 -1.35 6.10 13.48
CA ASN A 15 -2.64 6.77 13.52
C ASN A 15 -3.41 6.52 12.24
N ILE A 16 -2.73 6.14 11.15
CA ILE A 16 -3.38 5.75 9.90
C ILE A 16 -3.82 4.29 10.02
N THR A 17 -4.90 3.93 9.34
CA THR A 17 -5.43 2.57 9.41
C THR A 17 -5.96 2.14 8.04
N GLU A 18 -6.32 0.86 7.95
CA GLU A 18 -6.81 0.26 6.72
C GLU A 18 -8.08 0.95 6.25
N ASP A 19 -8.80 1.57 7.20
CA ASP A 19 -10.03 2.29 6.94
C ASP A 19 -9.76 3.60 6.19
N MET A 20 -8.66 4.27 6.51
CA MET A 20 -8.33 5.50 5.82
C MET A 20 -8.03 5.19 4.37
N LEU A 21 -7.15 4.21 4.13
CA LEU A 21 -6.73 3.87 2.80
C LEU A 21 -7.96 3.50 1.95
N ARG A 22 -9.01 2.96 2.57
CA ARG A 22 -10.22 2.65 1.85
C ARG A 22 -10.79 3.93 1.23
N GLY A 23 -10.80 5.02 2.00
CA GLY A 23 -11.32 6.30 1.51
C GLY A 23 -10.29 7.10 0.72
N ILE A 24 -9.01 6.76 0.84
CA ILE A 24 -7.93 7.47 0.15
C ILE A 24 -7.84 7.06 -1.31
N PHE A 25 -7.83 5.75 -1.58
CA PHE A 25 -7.56 5.23 -2.92
C PHE A 25 -8.83 4.91 -3.70
N GLU A 26 -9.97 4.78 -3.03
CA GLU A 26 -11.23 4.44 -3.67
C GLU A 26 -11.68 5.45 -4.73
N PRO A 27 -11.62 6.78 -4.50
CA PRO A 27 -12.04 7.75 -5.49
C PRO A 27 -11.16 7.73 -6.73
N PHE A 28 -10.00 7.07 -6.68
CA PHE A 28 -9.10 6.97 -7.82
C PHE A 28 -9.26 5.66 -8.58
N GLY A 29 -9.83 4.63 -7.93
CA GLY A 29 -9.96 3.31 -8.51
C GLY A 29 -10.75 2.41 -7.57
N ARG A 30 -11.55 1.48 -8.11
CA ARG A 30 -12.33 0.58 -7.28
C ARG A 30 -11.37 -0.30 -6.51
N ILE A 31 -11.42 -0.25 -5.18
CA ILE A 31 -10.52 -1.04 -4.36
C ILE A 31 -10.97 -2.50 -4.35
N GLU A 32 -10.06 -3.41 -4.69
CA GLU A 32 -10.35 -4.83 -4.70
C GLU A 32 -9.98 -5.47 -3.37
N SER A 33 -8.95 -4.96 -2.69
CA SER A 33 -8.57 -5.46 -1.37
C SER A 33 -7.56 -4.52 -0.71
N ILE A 34 -7.39 -4.68 0.60
CA ILE A 34 -6.36 -3.98 1.37
C ILE A 34 -5.84 -4.93 2.45
N GLN A 35 -4.57 -4.77 2.82
CA GLN A 35 -3.93 -5.52 3.88
C GLN A 35 -2.90 -4.64 4.58
N LEU A 36 -3.37 -3.89 5.58
CA LEU A 36 -2.49 -3.04 6.37
C LEU A 36 -1.60 -3.94 7.21
N MET A 37 -0.28 -3.68 7.18
CA MET A 37 0.66 -4.53 7.88
C MET A 37 0.58 -4.30 9.38
N MET A 38 0.67 -5.40 10.12
CA MET A 38 0.59 -5.41 11.58
C MET A 38 1.60 -6.42 12.13
N ASP A 39 2.16 -6.13 13.31
CA ASP A 39 3.19 -6.97 13.91
C ASP A 39 2.62 -8.34 14.26
N SER A 40 3.37 -9.41 13.99
CA SER A 40 2.97 -10.75 14.34
C SER A 40 3.10 -10.98 15.85
N GLU A 41 4.05 -10.26 16.46
CA GLU A 41 4.39 -10.47 17.85
C GLU A 41 3.55 -9.64 18.82
N THR A 42 3.00 -8.51 18.36
CA THR A 42 2.27 -7.59 19.22
C THR A 42 0.93 -7.16 18.63
N GLY A 43 0.67 -7.47 17.35
CA GLY A 43 -0.59 -7.16 16.71
C GLY A 43 -0.79 -5.69 16.38
N ARG A 44 0.17 -4.81 16.74
CA ARG A 44 0.04 -3.39 16.47
C ARG A 44 0.26 -3.09 14.99
N SER A 45 -0.06 -1.87 14.60
CA SER A 45 0.11 -1.38 13.24
C SER A 45 1.60 -1.31 12.88
N LYS A 46 1.94 -1.04 11.61
CA LYS A 46 3.34 -0.94 11.20
C LYS A 46 3.64 0.33 10.41
N GLY A 47 2.61 1.09 10.02
CA GLY A 47 2.81 2.32 9.26
C GLY A 47 3.01 2.07 7.77
N TYR A 48 2.64 0.88 7.29
CA TYR A 48 2.63 0.55 5.87
C TYR A 48 1.67 -0.61 5.64
N GLY A 49 1.34 -0.90 4.38
CA GLY A 49 0.36 -1.92 4.05
C GLY A 49 0.20 -2.11 2.54
N PHE A 50 -0.67 -3.04 2.16
CA PHE A 50 -0.89 -3.42 0.78
C PHE A 50 -2.30 -3.07 0.34
N ILE A 51 -2.52 -2.90 -0.97
CA ILE A 51 -3.81 -2.51 -1.51
C ILE A 51 -3.90 -2.91 -2.99
N THR A 52 -5.07 -3.40 -3.41
CA THR A 52 -5.30 -3.86 -4.77
C THR A 52 -6.43 -3.06 -5.41
N PHE A 53 -6.31 -2.84 -6.73
CA PHE A 53 -7.22 -2.03 -7.51
C PHE A 53 -7.87 -2.87 -8.62
N SER A 54 -8.99 -2.39 -9.15
CA SER A 54 -9.75 -3.06 -10.21
C SER A 54 -9.06 -2.94 -11.57
N ASP A 55 -8.15 -1.98 -11.70
CA ASP A 55 -7.47 -1.70 -12.96
C ASP A 55 -6.07 -1.14 -12.67
N SER A 56 -5.11 -1.45 -13.55
CA SER A 56 -3.74 -1.00 -13.35
C SER A 56 -3.62 0.50 -13.59
N GLU A 57 -4.46 1.07 -14.46
CA GLU A 57 -4.38 2.49 -14.74
C GLU A 57 -5.00 3.30 -13.60
N CYS A 58 -5.93 2.70 -12.86
CA CYS A 58 -6.52 3.33 -11.69
C CYS A 58 -5.59 3.21 -10.49
N ALA A 59 -4.71 2.19 -10.50
CA ALA A 59 -3.73 2.03 -9.44
C ALA A 59 -2.57 2.99 -9.70
N LYS A 60 -2.18 3.09 -10.97
CA LYS A 60 -1.13 4.00 -11.43
C LYS A 60 -1.52 5.46 -11.17
N LYS A 61 -2.82 5.75 -11.15
CA LYS A 61 -3.31 7.09 -10.85
C LYS A 61 -3.22 7.35 -9.35
N ALA A 62 -3.89 6.54 -8.54
CA ALA A 62 -3.85 6.69 -7.09
C ALA A 62 -2.40 6.59 -6.58
N LEU A 63 -1.52 6.01 -7.39
CA LEU A 63 -0.11 5.92 -7.08
C LEU A 63 0.49 7.31 -7.06
N GLU A 64 0.61 7.94 -8.23
CA GLU A 64 1.31 9.21 -8.31
C GLU A 64 0.51 10.34 -7.64
N GLN A 65 -0.79 10.13 -7.40
CA GLN A 65 -1.62 11.13 -6.75
C GLN A 65 -1.43 11.16 -5.24
N LEU A 66 -1.33 9.99 -4.58
CA LEU A 66 -1.11 9.96 -3.14
C LEU A 66 0.36 9.79 -2.80
N ASN A 67 1.21 9.49 -3.78
CA ASN A 67 2.64 9.38 -3.57
C ASN A 67 3.16 10.73 -3.06
N GLY A 68 3.54 10.76 -1.79
CA GLY A 68 4.03 11.94 -1.09
C GLY A 68 2.91 12.82 -0.54
N PHE A 69 1.66 12.32 -0.54
CA PHE A 69 0.55 13.06 0.04
C PHE A 69 0.65 13.03 1.56
N GLU A 70 0.59 14.22 2.19
CA GLU A 70 0.67 14.37 3.63
C GLU A 70 -0.56 13.84 4.35
N LEU A 71 -0.73 12.52 4.36
CA LEU A 71 -1.78 11.89 5.13
C LEU A 71 -1.38 12.04 6.60
N ALA A 72 -2.26 12.61 7.41
CA ALA A 72 -1.95 12.95 8.79
C ALA A 72 -0.69 13.82 8.91
N GLY A 73 -0.30 14.49 7.82
CA GLY A 73 0.81 15.43 7.80
C GLY A 73 2.14 14.82 7.36
N ARG A 74 2.23 13.49 7.21
CA ARG A 74 3.45 12.86 6.71
C ARG A 74 3.19 12.31 5.31
N PRO A 75 4.07 12.61 4.34
CA PRO A 75 3.93 12.16 2.97
C PRO A 75 3.98 10.64 2.91
N MET A 76 2.88 10.02 2.48
CA MET A 76 2.83 8.57 2.33
C MET A 76 3.64 8.16 1.11
N LYS A 77 4.01 6.89 1.04
CA LYS A 77 4.71 6.32 -0.09
C LYS A 77 3.77 5.38 -0.81
N VAL A 78 3.86 5.36 -2.14
CA VAL A 78 3.11 4.41 -2.96
C VAL A 78 3.99 3.99 -4.11
N GLY A 79 3.82 2.75 -4.57
CA GLY A 79 4.58 2.25 -5.72
C GLY A 79 4.25 0.80 -6.01
N HIS A 80 4.79 0.29 -7.12
CA HIS A 80 4.53 -1.08 -7.53
C HIS A 80 5.13 -2.06 -6.53
N VAL A 81 4.64 -3.30 -6.54
CA VAL A 81 4.97 -4.27 -5.52
C VAL A 81 5.85 -5.38 -6.11
N THR A 82 6.55 -6.13 -5.24
CA THR A 82 7.58 -7.07 -5.68
C THR A 82 8.02 -7.95 -4.50
N GLU A 83 8.70 -9.07 -4.78
CA GLU A 83 9.21 -9.94 -3.74
C GLU A 83 10.38 -9.28 -3.01
N ARG A 84 10.53 -9.59 -1.71
CA ARG A 84 11.54 -8.97 -0.85
C ARG A 84 12.82 -9.80 -0.78
N THR A 85 13.08 -10.62 -1.80
CA THR A 85 14.25 -11.49 -1.84
C THR A 85 15.54 -10.69 -1.99
N ASP A 86 15.45 -9.37 -2.17
CA ASP A 86 16.62 -8.50 -2.28
C ASP A 86 17.07 -8.02 -0.91
N ALA A 87 16.33 -8.32 0.15
CA ALA A 87 16.66 -7.89 1.50
C ALA A 87 17.77 -8.76 2.12
N LEU A 88 18.10 -9.88 1.48
CA LEU A 88 19.05 -10.84 2.02
C LEU A 88 19.74 -11.64 0.92
N GLU A 89 20.71 -12.45 1.31
CA GLU A 89 21.43 -13.31 0.39
C GLU A 89 21.79 -14.63 1.08
N LEU A 90 22.06 -15.66 0.28
CA LEU A 90 22.42 -16.99 0.78
C LEU A 90 23.82 -16.97 1.38
N VAL A 91 24.11 -17.96 2.22
CA VAL A 91 25.41 -18.09 2.88
C VAL A 91 25.65 -19.56 3.22
N PRO A 92 26.90 -20.04 3.13
CA PRO A 92 27.26 -21.40 3.49
C PRO A 92 26.90 -21.75 4.94
N ARG A 93 26.80 -23.07 5.21
CA ARG A 93 26.45 -23.61 6.52
C ARG A 93 25.17 -22.99 7.06
N MET A 1 -8.28 -0.50 -20.26
CA MET A 1 -8.50 -1.24 -19.00
C MET A 1 -7.75 -2.57 -19.02
N ALA A 2 -7.32 -3.04 -17.85
CA ALA A 2 -6.59 -4.29 -17.69
C ALA A 2 -7.01 -4.96 -16.39
N GLY A 3 -6.35 -6.08 -16.05
CA GLY A 3 -6.61 -6.80 -14.81
C GLY A 3 -6.20 -5.97 -13.59
N PRO A 4 -6.42 -6.50 -12.38
CA PRO A 4 -6.11 -5.81 -11.14
C PRO A 4 -4.62 -5.56 -10.99
N MET A 5 -4.28 -4.68 -10.06
CA MET A 5 -2.91 -4.27 -9.78
C MET A 5 -2.77 -4.02 -8.28
N ARG A 6 -1.58 -4.26 -7.72
CA ARG A 6 -1.37 -4.15 -6.28
C ARG A 6 -0.13 -3.31 -6.00
N LEU A 7 -0.23 -2.45 -4.98
CA LEU A 7 0.82 -1.50 -4.65
C LEU A 7 1.22 -1.61 -3.18
N TYR A 8 2.42 -1.10 -2.87
CA TYR A 8 2.87 -0.92 -1.51
C TYR A 8 2.47 0.49 -1.07
N VAL A 9 2.19 0.63 0.23
CA VAL A 9 1.87 1.91 0.85
C VAL A 9 2.68 2.02 2.13
N GLY A 10 3.25 3.20 2.42
CA GLY A 10 4.06 3.37 3.61
C GLY A 10 4.32 4.83 3.92
N SER A 11 5.25 5.08 4.85
CA SER A 11 5.45 6.40 5.42
C SER A 11 4.20 6.86 6.19
N LEU A 12 3.28 5.93 6.45
CA LEU A 12 2.07 6.12 7.22
C LEU A 12 2.35 6.03 8.71
N HIS A 13 1.71 6.88 9.51
CA HIS A 13 1.77 6.75 10.96
C HIS A 13 1.02 5.47 11.38
N PHE A 14 1.24 4.96 12.59
CA PHE A 14 0.40 3.89 13.09
C PHE A 14 -1.02 4.42 13.31
N ASN A 15 -1.15 5.75 13.43
CA ASN A 15 -2.45 6.40 13.51
C ASN A 15 -3.24 6.19 12.23
N ILE A 16 -2.58 5.84 11.13
CA ILE A 16 -3.25 5.51 9.88
C ILE A 16 -3.80 4.09 9.97
N THR A 17 -4.89 3.81 9.26
CA THR A 17 -5.54 2.51 9.33
C THR A 17 -6.03 2.08 7.96
N GLU A 18 -6.42 0.80 7.87
CA GLU A 18 -6.90 0.19 6.64
C GLU A 18 -8.19 0.87 6.16
N ASP A 19 -8.93 1.46 7.11
CA ASP A 19 -10.18 2.15 6.85
C ASP A 19 -9.93 3.47 6.14
N MET A 20 -8.88 4.22 6.53
CA MET A 20 -8.58 5.47 5.87
C MET A 20 -8.13 5.19 4.45
N LEU A 21 -7.22 4.24 4.26
CA LEU A 21 -6.75 3.91 2.93
C LEU A 21 -7.93 3.52 2.04
N ARG A 22 -8.99 2.93 2.62
CA ARG A 22 -10.16 2.59 1.82
C ARG A 22 -10.74 3.85 1.20
N GLY A 23 -10.79 4.95 1.95
CA GLY A 23 -11.32 6.20 1.46
C GLY A 23 -10.29 7.02 0.68
N ILE A 24 -9.00 6.68 0.80
CA ILE A 24 -7.93 7.41 0.14
C ILE A 24 -7.82 7.02 -1.33
N PHE A 25 -7.80 5.71 -1.61
CA PHE A 25 -7.52 5.20 -2.94
C PHE A 25 -8.78 4.86 -3.73
N GLU A 26 -9.92 4.72 -3.06
CA GLU A 26 -11.18 4.36 -3.72
C GLU A 26 -11.64 5.37 -4.78
N PRO A 27 -11.59 6.68 -4.54
CA PRO A 27 -12.02 7.66 -5.54
C PRO A 27 -11.12 7.66 -6.78
N PHE A 28 -9.96 7.02 -6.72
CA PHE A 28 -9.03 6.92 -7.85
C PHE A 28 -9.17 5.60 -8.60
N GLY A 29 -9.74 4.58 -7.95
CA GLY A 29 -9.85 3.25 -8.52
C GLY A 29 -10.63 2.34 -7.59
N ARG A 30 -11.41 1.40 -8.14
CA ARG A 30 -12.20 0.50 -7.32
C ARG A 30 -11.23 -0.37 -6.53
N ILE A 31 -11.30 -0.33 -5.21
CA ILE A 31 -10.40 -1.12 -4.38
C ILE A 31 -10.86 -2.58 -4.37
N GLU A 32 -9.93 -3.48 -4.73
CA GLU A 32 -10.21 -4.90 -4.77
C GLU A 32 -9.83 -5.56 -3.45
N SER A 33 -8.82 -5.01 -2.76
CA SER A 33 -8.41 -5.53 -1.45
C SER A 33 -7.44 -4.58 -0.77
N ILE A 34 -7.25 -4.75 0.54
CA ILE A 34 -6.25 -4.05 1.32
C ILE A 34 -5.72 -5.00 2.39
N GLN A 35 -4.45 -4.80 2.78
CA GLN A 35 -3.80 -5.59 3.81
C GLN A 35 -2.82 -4.69 4.56
N LEU A 36 -3.32 -3.95 5.56
CA LEU A 36 -2.51 -3.09 6.39
C LEU A 36 -1.59 -3.97 7.22
N MET A 37 -0.30 -3.63 7.26
CA MET A 37 0.67 -4.42 7.97
C MET A 37 0.53 -4.22 9.48
N MET A 38 0.72 -5.31 10.23
CA MET A 38 0.60 -5.34 11.67
C MET A 38 1.70 -6.22 12.25
N ASP A 39 2.18 -5.87 13.45
CA ASP A 39 3.30 -6.57 14.07
C ASP A 39 2.93 -8.00 14.45
N SER A 40 3.84 -8.94 14.22
CA SER A 40 3.63 -10.33 14.62
C SER A 40 3.81 -10.48 16.13
N GLU A 41 4.66 -9.62 16.72
CA GLU A 41 5.05 -9.75 18.11
C GLU A 41 4.10 -9.04 19.08
N THR A 42 3.37 -8.02 18.59
CA THR A 42 2.50 -7.22 19.45
C THR A 42 1.11 -7.00 18.85
N GLY A 43 0.91 -7.39 17.58
CA GLY A 43 -0.38 -7.30 16.92
C GLY A 43 -0.79 -5.86 16.58
N ARG A 44 0.03 -4.87 16.93
CA ARG A 44 -0.30 -3.47 16.67
C ARG A 44 -0.07 -3.12 15.20
N SER A 45 -0.45 -1.90 14.84
CA SER A 45 -0.30 -1.37 13.50
C SER A 45 1.16 -1.27 13.10
N LYS A 46 1.46 -1.06 11.81
CA LYS A 46 2.81 -0.83 11.32
C LYS A 46 2.86 0.39 10.41
N GLY A 47 1.70 1.03 10.20
CA GLY A 47 1.58 2.17 9.31
C GLY A 47 1.51 1.71 7.87
N TYR A 48 2.56 1.05 7.36
CA TYR A 48 2.60 0.65 5.96
C TYR A 48 1.61 -0.49 5.72
N GLY A 49 1.33 -0.78 4.45
CA GLY A 49 0.36 -1.81 4.11
C GLY A 49 0.20 -1.98 2.60
N PHE A 50 -0.60 -2.97 2.21
CA PHE A 50 -0.80 -3.34 0.82
C PHE A 50 -2.21 -3.01 0.38
N ILE A 51 -2.41 -2.85 -0.92
CA ILE A 51 -3.70 -2.46 -1.48
C ILE A 51 -3.79 -2.87 -2.96
N THR A 52 -4.97 -3.33 -3.39
CA THR A 52 -5.20 -3.83 -4.74
C THR A 52 -6.31 -3.05 -5.41
N PHE A 53 -6.19 -2.86 -6.72
CA PHE A 53 -7.10 -2.07 -7.53
C PHE A 53 -7.72 -2.91 -8.64
N SER A 54 -8.82 -2.43 -9.21
CA SER A 54 -9.56 -3.10 -10.27
C SER A 54 -8.86 -2.98 -11.62
N ASP A 55 -7.94 -2.02 -11.76
CA ASP A 55 -7.23 -1.77 -13.00
C ASP A 55 -5.85 -1.20 -12.68
N SER A 56 -4.86 -1.51 -13.51
CA SER A 56 -3.51 -1.00 -13.30
C SER A 56 -3.48 0.50 -13.50
N GLU A 57 -4.29 1.04 -14.42
CA GLU A 57 -4.26 2.47 -14.70
C GLU A 57 -4.89 3.26 -13.56
N CYS A 58 -5.80 2.63 -12.80
CA CYS A 58 -6.41 3.26 -11.65
C CYS A 58 -5.48 3.16 -10.44
N ALA A 59 -4.60 2.16 -10.42
CA ALA A 59 -3.62 2.00 -9.37
C ALA A 59 -2.48 2.98 -9.62
N LYS A 60 -2.08 3.10 -10.89
CA LYS A 60 -1.06 4.02 -11.36
C LYS A 60 -1.47 5.46 -11.13
N LYS A 61 -2.77 5.74 -11.10
CA LYS A 61 -3.27 7.07 -10.81
C LYS A 61 -3.19 7.35 -9.32
N ALA A 62 -3.85 6.54 -8.49
CA ALA A 62 -3.81 6.71 -7.04
C ALA A 62 -2.37 6.63 -6.53
N LEU A 63 -1.48 6.06 -7.35
CA LEU A 63 -0.07 5.98 -7.02
C LEU A 63 0.51 7.38 -7.02
N GLU A 64 0.63 8.00 -8.18
CA GLU A 64 1.31 9.28 -8.28
C GLU A 64 0.50 10.41 -7.64
N GLN A 65 -0.79 10.17 -7.36
CA GLN A 65 -1.64 11.18 -6.74
C GLN A 65 -1.45 11.23 -5.23
N LEU A 66 -1.37 10.07 -4.57
CA LEU A 66 -1.15 10.06 -3.13
C LEU A 66 0.33 9.92 -2.78
N ASN A 67 1.18 9.61 -3.75
CA ASN A 67 2.61 9.54 -3.53
C ASN A 67 3.10 10.90 -3.04
N GLY A 68 3.47 10.96 -1.75
CA GLY A 68 3.93 12.15 -1.08
C GLY A 68 2.79 13.01 -0.52
N PHE A 69 1.54 12.51 -0.52
CA PHE A 69 0.43 13.22 0.07
C PHE A 69 0.52 13.16 1.59
N GLU A 70 0.43 14.31 2.25
CA GLU A 70 0.53 14.45 3.69
C GLU A 70 -0.69 13.86 4.41
N LEU A 71 -0.86 12.54 4.36
CA LEU A 71 -1.90 11.88 5.13
C LEU A 71 -1.47 11.98 6.59
N ALA A 72 -2.34 12.48 7.47
CA ALA A 72 -2.01 12.76 8.85
C ALA A 72 -0.78 13.68 8.97
N GLY A 73 -0.46 14.43 7.90
CA GLY A 73 0.62 15.39 7.90
C GLY A 73 1.97 14.83 7.45
N ARG A 74 2.08 13.51 7.24
CA ARG A 74 3.32 12.93 6.73
C ARG A 74 3.08 12.40 5.32
N PRO A 75 3.95 12.76 4.36
CA PRO A 75 3.82 12.35 2.98
C PRO A 75 3.92 10.82 2.88
N MET A 76 2.83 10.19 2.44
CA MET A 76 2.81 8.74 2.28
C MET A 76 3.65 8.35 1.09
N LYS A 77 4.03 7.07 1.02
CA LYS A 77 4.75 6.49 -0.08
C LYS A 77 3.84 5.51 -0.78
N VAL A 78 3.91 5.49 -2.11
CA VAL A 78 3.18 4.52 -2.92
C VAL A 78 4.08 4.08 -4.07
N GLY A 79 3.93 2.84 -4.51
CA GLY A 79 4.70 2.34 -5.65
C GLY A 79 4.38 0.88 -5.92
N HIS A 80 4.89 0.34 -7.03
CA HIS A 80 4.61 -1.02 -7.43
C HIS A 80 5.24 -2.01 -6.45
N VAL A 81 4.57 -3.16 -6.30
CA VAL A 81 4.97 -4.17 -5.35
C VAL A 81 5.88 -5.20 -6.04
N THR A 82 6.58 -6.05 -5.30
CA THR A 82 7.60 -6.92 -5.91
C THR A 82 8.00 -8.08 -5.02
N GLU A 83 8.51 -9.13 -5.68
CA GLU A 83 8.94 -10.37 -5.04
C GLU A 83 10.30 -10.18 -4.36
N ARG A 84 10.35 -9.29 -3.38
CA ARG A 84 11.55 -8.93 -2.65
C ARG A 84 12.13 -10.11 -1.88
N THR A 85 11.38 -11.22 -1.76
CA THR A 85 11.85 -12.41 -1.07
C THR A 85 12.95 -13.09 -1.87
N ASP A 86 13.13 -12.71 -3.15
CA ASP A 86 14.17 -13.25 -4.00
C ASP A 86 15.45 -12.40 -3.92
N ALA A 87 15.36 -11.22 -3.31
CA ALA A 87 16.50 -10.32 -3.18
C ALA A 87 17.45 -10.74 -2.07
N LEU A 88 17.00 -11.67 -1.22
CA LEU A 88 17.74 -12.07 -0.04
C LEU A 88 17.35 -13.48 0.42
N GLU A 89 17.78 -13.81 1.64
CA GLU A 89 17.52 -15.10 2.27
C GLU A 89 16.02 -15.37 2.38
N LEU A 90 15.55 -16.42 1.71
CA LEU A 90 14.14 -16.80 1.72
C LEU A 90 13.75 -17.34 3.10
N VAL A 91 12.48 -17.14 3.46
CA VAL A 91 11.95 -17.59 4.75
C VAL A 91 11.91 -19.13 4.81
N PRO A 92 11.90 -19.69 6.02
CA PRO A 92 11.84 -21.14 6.24
C PRO A 92 10.61 -21.78 5.59
N ARG A 93 10.68 -23.08 5.32
CA ARG A 93 9.60 -23.84 4.72
C ARG A 93 8.42 -23.94 5.70
N MET A 1 -2.53 -4.46 -18.84
CA MET A 1 -3.66 -5.40 -18.95
C MET A 1 -4.86 -4.90 -18.16
N ALA A 2 -6.05 -5.41 -18.48
CA ALA A 2 -7.30 -5.00 -17.83
C ALA A 2 -7.46 -5.62 -16.44
N GLY A 3 -6.54 -6.50 -16.04
CA GLY A 3 -6.58 -7.14 -14.73
C GLY A 3 -6.25 -6.16 -13.60
N PRO A 4 -6.33 -6.63 -12.35
CA PRO A 4 -6.03 -5.84 -11.17
C PRO A 4 -4.54 -5.52 -11.06
N MET A 5 -4.21 -4.64 -10.11
CA MET A 5 -2.84 -4.20 -9.85
C MET A 5 -2.70 -3.97 -8.34
N ARG A 6 -1.50 -4.16 -7.80
CA ARG A 6 -1.30 -4.07 -6.35
C ARG A 6 -0.06 -3.21 -6.05
N LEU A 7 -0.17 -2.37 -5.03
CA LEU A 7 0.86 -1.41 -4.68
C LEU A 7 1.28 -1.54 -3.22
N TYR A 8 2.45 -0.99 -2.91
CA TYR A 8 2.93 -0.81 -1.55
C TYR A 8 2.52 0.57 -1.08
N VAL A 9 2.25 0.71 0.22
CA VAL A 9 1.92 1.99 0.86
C VAL A 9 2.75 2.09 2.13
N GLY A 10 3.27 3.28 2.44
CA GLY A 10 4.09 3.46 3.63
C GLY A 10 4.28 4.92 3.99
N SER A 11 5.11 5.19 4.99
CA SER A 11 5.27 6.52 5.57
C SER A 11 4.00 6.98 6.30
N LEU A 12 3.09 6.04 6.55
CA LEU A 12 1.88 6.26 7.30
C LEU A 12 2.18 6.27 8.80
N HIS A 13 1.47 7.11 9.56
CA HIS A 13 1.55 7.01 11.01
C HIS A 13 0.79 5.76 11.45
N PHE A 14 1.00 5.25 12.66
CA PHE A 14 0.17 4.17 13.15
C PHE A 14 -1.25 4.68 13.37
N ASN A 15 -1.41 6.00 13.45
CA ASN A 15 -2.72 6.63 13.51
C ASN A 15 -3.50 6.34 12.23
N ILE A 16 -2.80 6.02 11.13
CA ILE A 16 -3.42 5.64 9.88
C ILE A 16 -3.89 4.18 9.99
N THR A 17 -4.94 3.82 9.25
CA THR A 17 -5.50 2.48 9.33
C THR A 17 -5.97 2.01 7.95
N GLU A 18 -6.31 0.72 7.89
CA GLU A 18 -6.76 0.08 6.67
C GLU A 18 -8.08 0.70 6.19
N ASP A 19 -8.84 1.28 7.12
CA ASP A 19 -10.12 1.92 6.85
C ASP A 19 -9.91 3.25 6.15
N MET A 20 -8.90 4.02 6.56
CA MET A 20 -8.62 5.29 5.91
C MET A 20 -8.14 5.03 4.49
N LEU A 21 -7.21 4.10 4.30
CA LEU A 21 -6.74 3.77 2.97
C LEU A 21 -7.91 3.38 2.07
N ARG A 22 -8.96 2.80 2.64
CA ARG A 22 -10.13 2.44 1.85
C ARG A 22 -10.73 3.71 1.24
N GLY A 23 -10.79 4.79 2.01
CA GLY A 23 -11.35 6.05 1.52
C GLY A 23 -10.32 6.88 0.75
N ILE A 24 -9.03 6.57 0.89
CA ILE A 24 -7.96 7.31 0.23
C ILE A 24 -7.86 6.93 -1.25
N PHE A 25 -7.80 5.62 -1.54
CA PHE A 25 -7.50 5.15 -2.88
C PHE A 25 -8.76 4.81 -3.68
N GLU A 26 -9.90 4.64 -3.02
CA GLU A 26 -11.15 4.28 -3.69
C GLU A 26 -11.62 5.29 -4.74
N PRO A 27 -11.57 6.61 -4.50
CA PRO A 27 -11.99 7.60 -5.49
C PRO A 27 -11.10 7.60 -6.74
N PHE A 28 -9.94 6.94 -6.68
CA PHE A 28 -9.03 6.87 -7.81
C PHE A 28 -9.17 5.56 -8.59
N GLY A 29 -9.73 4.53 -7.94
CA GLY A 29 -9.87 3.20 -8.54
C GLY A 29 -10.64 2.30 -7.60
N ARG A 30 -11.42 1.35 -8.13
CA ARG A 30 -12.20 0.45 -7.30
C ARG A 30 -11.22 -0.42 -6.52
N ILE A 31 -11.29 -0.38 -5.20
CA ILE A 31 -10.38 -1.16 -4.37
C ILE A 31 -10.82 -2.62 -4.39
N GLU A 32 -9.88 -3.52 -4.71
CA GLU A 32 -10.14 -4.95 -4.75
C GLU A 32 -9.73 -5.62 -3.43
N SER A 33 -8.73 -5.06 -2.73
CA SER A 33 -8.30 -5.58 -1.45
C SER A 33 -7.33 -4.62 -0.77
N ILE A 34 -7.14 -4.80 0.53
CA ILE A 34 -6.15 -4.07 1.32
C ILE A 34 -5.60 -5.01 2.39
N GLN A 35 -4.33 -4.82 2.76
CA GLN A 35 -3.68 -5.57 3.81
C GLN A 35 -2.67 -4.68 4.52
N LEU A 36 -3.15 -3.92 5.50
CA LEU A 36 -2.31 -3.05 6.31
C LEU A 36 -1.42 -3.93 7.17
N MET A 37 -0.12 -3.65 7.19
CA MET A 37 0.83 -4.46 7.92
C MET A 37 0.70 -4.22 9.43
N MET A 38 0.81 -5.31 10.19
CA MET A 38 0.68 -5.30 11.64
C MET A 38 1.73 -6.24 12.24
N ASP A 39 2.22 -5.89 13.43
CA ASP A 39 3.29 -6.63 14.09
C ASP A 39 2.83 -8.03 14.46
N SER A 40 3.72 -9.03 14.31
CA SER A 40 3.41 -10.39 14.72
C SER A 40 3.49 -10.52 16.24
N GLU A 41 4.35 -9.71 16.87
CA GLU A 41 4.64 -9.85 18.28
C GLU A 41 3.68 -9.04 19.16
N THR A 42 3.05 -8.00 18.61
CA THR A 42 2.18 -7.13 19.39
C THR A 42 0.85 -6.84 18.70
N GLY A 43 0.70 -7.23 17.44
CA GLY A 43 -0.54 -7.08 16.70
C GLY A 43 -0.86 -5.63 16.32
N ARG A 44 -0.01 -4.67 16.70
CA ARG A 44 -0.25 -3.26 16.41
C ARG A 44 0.09 -2.94 14.96
N SER A 45 -0.26 -1.72 14.55
CA SER A 45 -0.02 -1.17 13.22
C SER A 45 1.47 -1.14 12.88
N LYS A 46 1.84 -0.90 11.62
CA LYS A 46 3.26 -0.80 11.23
C LYS A 46 3.58 0.45 10.42
N GLY A 47 2.59 1.23 9.99
CA GLY A 47 2.83 2.45 9.24
C GLY A 47 3.08 2.19 7.75
N TYR A 48 2.79 0.98 7.29
CA TYR A 48 2.82 0.64 5.87
C TYR A 48 1.87 -0.53 5.63
N GLY A 49 1.55 -0.81 4.37
CA GLY A 49 0.58 -1.84 4.04
C GLY A 49 0.39 -2.01 2.54
N PHE A 50 -0.46 -2.97 2.16
CA PHE A 50 -0.69 -3.34 0.78
C PHE A 50 -2.12 -3.00 0.35
N ILE A 51 -2.33 -2.84 -0.95
CA ILE A 51 -3.63 -2.47 -1.50
C ILE A 51 -3.72 -2.89 -2.97
N THR A 52 -4.90 -3.34 -3.40
CA THR A 52 -5.13 -3.84 -4.75
C THR A 52 -6.26 -3.08 -5.42
N PHE A 53 -6.15 -2.89 -6.73
CA PHE A 53 -7.08 -2.10 -7.53
C PHE A 53 -7.68 -2.94 -8.64
N SER A 54 -8.80 -2.46 -9.20
CA SER A 54 -9.54 -3.14 -10.25
C SER A 54 -8.86 -2.98 -11.61
N ASP A 55 -7.94 -2.02 -11.73
CA ASP A 55 -7.27 -1.72 -12.98
C ASP A 55 -5.89 -1.15 -12.69
N SER A 56 -4.90 -1.44 -13.55
CA SER A 56 -3.56 -0.94 -13.34
C SER A 56 -3.50 0.57 -13.55
N GLU A 57 -4.32 1.11 -14.44
CA GLU A 57 -4.27 2.53 -14.74
C GLU A 57 -4.92 3.33 -13.62
N CYS A 58 -5.81 2.71 -12.85
CA CYS A 58 -6.43 3.33 -11.70
C CYS A 58 -5.50 3.23 -10.49
N ALA A 59 -4.64 2.22 -10.45
CA ALA A 59 -3.67 2.07 -9.39
C ALA A 59 -2.52 3.05 -9.63
N LYS A 60 -2.13 3.16 -10.89
CA LYS A 60 -1.08 4.07 -11.34
C LYS A 60 -1.49 5.52 -11.10
N LYS A 61 -2.79 5.81 -11.12
CA LYS A 61 -3.27 7.15 -10.83
C LYS A 61 -3.19 7.40 -9.33
N ALA A 62 -3.83 6.54 -8.53
CA ALA A 62 -3.79 6.68 -7.08
C ALA A 62 -2.35 6.63 -6.55
N LEU A 63 -1.45 6.03 -7.33
CA LEU A 63 -0.04 5.98 -6.99
C LEU A 63 0.52 7.39 -6.98
N GLU A 64 0.62 8.02 -8.15
CA GLU A 64 1.27 9.32 -8.25
C GLU A 64 0.47 10.42 -7.56
N GLN A 65 -0.80 10.17 -7.27
CA GLN A 65 -1.65 11.14 -6.59
C GLN A 65 -1.44 11.13 -5.08
N LEU A 66 -1.32 9.93 -4.49
CA LEU A 66 -1.09 9.83 -3.06
C LEU A 66 0.40 9.73 -2.73
N ASN A 67 1.25 9.59 -3.75
CA ASN A 67 2.69 9.57 -3.58
C ASN A 67 3.14 10.93 -3.04
N GLY A 68 3.43 10.96 -1.74
CA GLY A 68 3.85 12.14 -1.00
C GLY A 68 2.68 12.93 -0.43
N PHE A 69 1.47 12.37 -0.42
CA PHE A 69 0.32 13.04 0.17
C PHE A 69 0.46 13.05 1.69
N GLU A 70 0.34 14.23 2.30
CA GLU A 70 0.45 14.40 3.74
C GLU A 70 -0.77 13.84 4.47
N LEU A 71 -0.92 12.51 4.46
CA LEU A 71 -1.96 11.85 5.23
C LEU A 71 -1.54 11.98 6.70
N ALA A 72 -2.42 12.50 7.54
CA ALA A 72 -2.10 12.82 8.93
C ALA A 72 -0.86 13.71 9.04
N GLY A 73 -0.51 14.42 7.95
CA GLY A 73 0.58 15.38 7.93
C GLY A 73 1.93 14.80 7.51
N ARG A 74 2.02 13.49 7.27
CA ARG A 74 3.27 12.90 6.78
C ARG A 74 3.05 12.35 5.39
N PRO A 75 3.92 12.69 4.42
CA PRO A 75 3.79 12.27 3.04
C PRO A 75 3.89 10.75 2.92
N MET A 76 2.77 10.11 2.57
CA MET A 76 2.70 8.66 2.39
C MET A 76 3.36 8.30 1.07
N LYS A 77 4.17 7.24 1.09
CA LYS A 77 4.78 6.74 -0.14
C LYS A 77 3.88 5.70 -0.77
N VAL A 78 3.90 5.66 -2.10
CA VAL A 78 3.20 4.64 -2.87
C VAL A 78 4.09 4.20 -4.01
N GLY A 79 3.96 2.95 -4.46
CA GLY A 79 4.74 2.46 -5.58
C GLY A 79 4.43 1.00 -5.88
N HIS A 80 4.97 0.48 -6.97
CA HIS A 80 4.67 -0.88 -7.38
C HIS A 80 5.28 -1.87 -6.40
N VAL A 81 4.64 -3.04 -6.30
CA VAL A 81 5.01 -4.07 -5.37
C VAL A 81 5.91 -5.09 -6.07
N THR A 82 6.56 -6.01 -5.34
CA THR A 82 7.58 -6.86 -5.94
C THR A 82 7.87 -8.12 -5.11
N GLU A 83 8.31 -9.17 -5.79
CA GLU A 83 8.64 -10.47 -5.20
C GLU A 83 9.98 -10.44 -4.48
N ARG A 84 10.12 -9.54 -3.51
CA ARG A 84 11.35 -9.37 -2.73
C ARG A 84 11.73 -10.65 -1.99
N THR A 85 10.78 -11.58 -1.82
CA THR A 85 11.03 -12.85 -1.15
C THR A 85 11.97 -13.73 -1.97
N ASP A 86 12.13 -13.44 -3.26
CA ASP A 86 12.97 -14.22 -4.16
C ASP A 86 14.27 -13.49 -4.48
N ALA A 87 14.47 -12.30 -3.88
CA ALA A 87 15.67 -11.51 -4.10
C ALA A 87 16.89 -12.11 -3.41
N LEU A 88 16.66 -13.10 -2.55
CA LEU A 88 17.71 -13.69 -1.73
C LEU A 88 17.36 -15.13 -1.35
N GLU A 89 18.32 -15.82 -0.72
CA GLU A 89 18.13 -17.17 -0.25
C GLU A 89 18.91 -17.39 1.05
N LEU A 90 18.50 -18.41 1.82
CA LEU A 90 19.08 -18.77 3.11
C LEU A 90 18.93 -17.64 4.15
N VAL A 91 18.99 -18.01 5.43
CA VAL A 91 18.89 -17.04 6.53
C VAL A 91 20.08 -16.10 6.50
N PRO A 92 19.88 -14.78 6.71
CA PRO A 92 20.95 -13.80 6.75
C PRO A 92 21.81 -13.99 7.99
N ARG A 93 23.04 -13.46 7.95
CA ARG A 93 24.02 -13.55 9.02
C ARG A 93 24.83 -12.26 9.11
#